data_7NGD
# 
_entry.id   7NGD 
# 
_audit_conform.dict_name       mmcif_pdbx.dic 
_audit_conform.dict_version    5.384 
_audit_conform.dict_location   http://mmcif.pdb.org/dictionaries/ascii/mmcif_pdbx.dic 
# 
loop_
_database_2.database_id 
_database_2.database_code 
_database_2.pdbx_database_accession 
_database_2.pdbx_DOI 
PDB   7NGD         pdb_00007ngd 10.2210/pdb7ngd/pdb 
WWPDB D_1292113929 ?            ?                   
# 
loop_
_pdbx_audit_revision_history.ordinal 
_pdbx_audit_revision_history.data_content_type 
_pdbx_audit_revision_history.major_revision 
_pdbx_audit_revision_history.minor_revision 
_pdbx_audit_revision_history.revision_date 
1 'Structure model' 1 0 2022-02-23 
2 'Structure model' 1 1 2024-01-31 
# 
_pdbx_audit_revision_details.ordinal             1 
_pdbx_audit_revision_details.revision_ordinal    1 
_pdbx_audit_revision_details.data_content_type   'Structure model' 
_pdbx_audit_revision_details.provider            repository 
_pdbx_audit_revision_details.type                'Initial release' 
_pdbx_audit_revision_details.description         ? 
_pdbx_audit_revision_details.details             ? 
# 
loop_
_pdbx_audit_revision_group.ordinal 
_pdbx_audit_revision_group.revision_ordinal 
_pdbx_audit_revision_group.data_content_type 
_pdbx_audit_revision_group.group 
1 2 'Structure model' 'Data collection'        
2 2 'Structure model' 'Refinement description' 
# 
loop_
_pdbx_audit_revision_category.ordinal 
_pdbx_audit_revision_category.revision_ordinal 
_pdbx_audit_revision_category.data_content_type 
_pdbx_audit_revision_category.category 
1 2 'Structure model' chem_comp_atom                
2 2 'Structure model' chem_comp_bond                
3 2 'Structure model' pdbx_initial_refinement_model 
# 
_pdbx_database_status.status_code                     REL 
_pdbx_database_status.status_code_sf                  REL 
_pdbx_database_status.status_code_mr                  ? 
_pdbx_database_status.entry_id                        7NGD 
_pdbx_database_status.recvd_initial_deposition_date   2021-02-09 
_pdbx_database_status.SG_entry                        N 
_pdbx_database_status.deposit_site                    PDBE 
_pdbx_database_status.process_site                    PDBE 
_pdbx_database_status.status_code_cs                  ? 
_pdbx_database_status.status_code_nmr_data            ? 
_pdbx_database_status.methods_development_category    ? 
_pdbx_database_status.pdb_format_compatible           Y 
# 
loop_
_audit_author.name 
_audit_author.pdbx_ordinal 
_audit_author.identifier_ORCID 
'Tomlinson, C.W.E.' 1 0000-0002-1845-6028 
'Tatum, N.J.'       2 0000-0003-3878-9265 
'Pohl, E.'          3 0000-0002-9949-4471 
# 
_citation.abstract                  ? 
_citation.abstract_id_CAS           ? 
_citation.book_id_ISBN              ? 
_citation.book_publisher            ? 
_citation.book_publisher_city       ? 
_citation.book_title                ? 
_citation.coordinate_linkage        ? 
_citation.country                   ? 
_citation.database_id_Medline       ? 
_citation.details                   ? 
_citation.id                        primary 
_citation.journal_abbrev            'To Be Published' 
_citation.journal_id_ASTM           ? 
_citation.journal_id_CSD            0353 
_citation.journal_id_ISSN           ? 
_citation.journal_full              ? 
_citation.journal_issue             ? 
_citation.journal_volume            ? 
_citation.language                  ? 
_citation.page_first                ? 
_citation.page_last                 ? 
_citation.title                     
'Systematic exploration of the hydrophobic capacity of the EthR binding site for lead compound optimization' 
_citation.year                      ? 
_citation.database_id_CSD           ? 
_citation.pdbx_database_id_DOI      ? 
_citation.pdbx_database_id_PubMed   ? 
_citation.unpublished_flag          ? 
# 
loop_
_citation_author.citation_id 
_citation_author.name 
_citation_author.ordinal 
_citation_author.identifier_ORCID 
primary 'Tatum, N.J.'       1 ? 
primary 'Tomlinson, C.W.E.' 2 ? 
primary 'Frita, R.'         3 ? 
primary 'Bennett, R.'       4 ? 
primary 'Baulard, A.R.'     5 ? 
primary 'Pohl, E.'          6 ? 
primary 'Kitching, M.O.'    7 ? 
# 
loop_
_entity.id 
_entity.type 
_entity.src_method 
_entity.pdbx_description 
_entity.formula_weight 
_entity.pdbx_number_of_molecules 
_entity.pdbx_ec 
_entity.pdbx_mutation 
_entity.pdbx_fragment 
_entity.details 
1 polymer     man 'HTH-type transcriptional regulator EthR'               23781.705 1   ? ? ? ? 
2 non-polymer syn '4-methyl-~{N}-(4-phenylbutyl)piperidine-1-carboxamide' 274.401   1   ? ? ? ? 
3 water       nat water                                                   18.015    112 ? ? ? ? 
# 
_entity_poly.entity_id                      1 
_entity_poly.type                           'polypeptide(L)' 
_entity_poly.nstd_linkage                   no 
_entity_poly.nstd_monomer                   no 
_entity_poly.pdbx_seq_one_letter_code       
;MTTSAASQASLPRGRRTARPSGDDRELAILATAENLLEDRPLADISVDDLAKGAGISRPTFYFYFPSKEAVLLTLLDRVV
NQADMALQTLAENPADTDRENMWRTGINVFFETFGSHKAVTRAGQAARATSVEVAELWSTFMQKWIAYTAAVIDAERDRG
AAPRTLPAHELATALNLMNERTLFASFAGEQPSVPEARVLDTLVHIWVTSIYGENR
;
_entity_poly.pdbx_seq_one_letter_code_can   
;MTTSAASQASLPRGRRTARPSGDDRELAILATAENLLEDRPLADISVDDLAKGAGISRPTFYFYFPSKEAVLLTLLDRVV
NQADMALQTLAENPADTDRENMWRTGINVFFETFGSHKAVTRAGQAARATSVEVAELWSTFMQKWIAYTAAVIDAERDRG
AAPRTLPAHELATALNLMNERTLFASFAGEQPSVPEARVLDTLVHIWVTSIYGENR
;
_entity_poly.pdbx_strand_id                 A 
_entity_poly.pdbx_target_identifier         ? 
# 
loop_
_pdbx_entity_nonpoly.entity_id 
_pdbx_entity_nonpoly.name 
_pdbx_entity_nonpoly.comp_id 
2 '4-methyl-~{N}-(4-phenylbutyl)piperidine-1-carboxamide' UAB 
3 water                                                   HOH 
# 
loop_
_entity_poly_seq.entity_id 
_entity_poly_seq.num 
_entity_poly_seq.mon_id 
_entity_poly_seq.hetero 
1 1   MET n 
1 2   THR n 
1 3   THR n 
1 4   SER n 
1 5   ALA n 
1 6   ALA n 
1 7   SER n 
1 8   GLN n 
1 9   ALA n 
1 10  SER n 
1 11  LEU n 
1 12  PRO n 
1 13  ARG n 
1 14  GLY n 
1 15  ARG n 
1 16  ARG n 
1 17  THR n 
1 18  ALA n 
1 19  ARG n 
1 20  PRO n 
1 21  SER n 
1 22  GLY n 
1 23  ASP n 
1 24  ASP n 
1 25  ARG n 
1 26  GLU n 
1 27  LEU n 
1 28  ALA n 
1 29  ILE n 
1 30  LEU n 
1 31  ALA n 
1 32  THR n 
1 33  ALA n 
1 34  GLU n 
1 35  ASN n 
1 36  LEU n 
1 37  LEU n 
1 38  GLU n 
1 39  ASP n 
1 40  ARG n 
1 41  PRO n 
1 42  LEU n 
1 43  ALA n 
1 44  ASP n 
1 45  ILE n 
1 46  SER n 
1 47  VAL n 
1 48  ASP n 
1 49  ASP n 
1 50  LEU n 
1 51  ALA n 
1 52  LYS n 
1 53  GLY n 
1 54  ALA n 
1 55  GLY n 
1 56  ILE n 
1 57  SER n 
1 58  ARG n 
1 59  PRO n 
1 60  THR n 
1 61  PHE n 
1 62  TYR n 
1 63  PHE n 
1 64  TYR n 
1 65  PHE n 
1 66  PRO n 
1 67  SER n 
1 68  LYS n 
1 69  GLU n 
1 70  ALA n 
1 71  VAL n 
1 72  LEU n 
1 73  LEU n 
1 74  THR n 
1 75  LEU n 
1 76  LEU n 
1 77  ASP n 
1 78  ARG n 
1 79  VAL n 
1 80  VAL n 
1 81  ASN n 
1 82  GLN n 
1 83  ALA n 
1 84  ASP n 
1 85  MET n 
1 86  ALA n 
1 87  LEU n 
1 88  GLN n 
1 89  THR n 
1 90  LEU n 
1 91  ALA n 
1 92  GLU n 
1 93  ASN n 
1 94  PRO n 
1 95  ALA n 
1 96  ASP n 
1 97  THR n 
1 98  ASP n 
1 99  ARG n 
1 100 GLU n 
1 101 ASN n 
1 102 MET n 
1 103 TRP n 
1 104 ARG n 
1 105 THR n 
1 106 GLY n 
1 107 ILE n 
1 108 ASN n 
1 109 VAL n 
1 110 PHE n 
1 111 PHE n 
1 112 GLU n 
1 113 THR n 
1 114 PHE n 
1 115 GLY n 
1 116 SER n 
1 117 HIS n 
1 118 LYS n 
1 119 ALA n 
1 120 VAL n 
1 121 THR n 
1 122 ARG n 
1 123 ALA n 
1 124 GLY n 
1 125 GLN n 
1 126 ALA n 
1 127 ALA n 
1 128 ARG n 
1 129 ALA n 
1 130 THR n 
1 131 SER n 
1 132 VAL n 
1 133 GLU n 
1 134 VAL n 
1 135 ALA n 
1 136 GLU n 
1 137 LEU n 
1 138 TRP n 
1 139 SER n 
1 140 THR n 
1 141 PHE n 
1 142 MET n 
1 143 GLN n 
1 144 LYS n 
1 145 TRP n 
1 146 ILE n 
1 147 ALA n 
1 148 TYR n 
1 149 THR n 
1 150 ALA n 
1 151 ALA n 
1 152 VAL n 
1 153 ILE n 
1 154 ASP n 
1 155 ALA n 
1 156 GLU n 
1 157 ARG n 
1 158 ASP n 
1 159 ARG n 
1 160 GLY n 
1 161 ALA n 
1 162 ALA n 
1 163 PRO n 
1 164 ARG n 
1 165 THR n 
1 166 LEU n 
1 167 PRO n 
1 168 ALA n 
1 169 HIS n 
1 170 GLU n 
1 171 LEU n 
1 172 ALA n 
1 173 THR n 
1 174 ALA n 
1 175 LEU n 
1 176 ASN n 
1 177 LEU n 
1 178 MET n 
1 179 ASN n 
1 180 GLU n 
1 181 ARG n 
1 182 THR n 
1 183 LEU n 
1 184 PHE n 
1 185 ALA n 
1 186 SER n 
1 187 PHE n 
1 188 ALA n 
1 189 GLY n 
1 190 GLU n 
1 191 GLN n 
1 192 PRO n 
1 193 SER n 
1 194 VAL n 
1 195 PRO n 
1 196 GLU n 
1 197 ALA n 
1 198 ARG n 
1 199 VAL n 
1 200 LEU n 
1 201 ASP n 
1 202 THR n 
1 203 LEU n 
1 204 VAL n 
1 205 HIS n 
1 206 ILE n 
1 207 TRP n 
1 208 VAL n 
1 209 THR n 
1 210 SER n 
1 211 ILE n 
1 212 TYR n 
1 213 GLY n 
1 214 GLU n 
1 215 ASN n 
1 216 ARG n 
# 
_entity_src_gen.entity_id                          1 
_entity_src_gen.pdbx_src_id                        1 
_entity_src_gen.pdbx_alt_source_flag               sample 
_entity_src_gen.pdbx_seq_type                      'Biological sequence' 
_entity_src_gen.pdbx_beg_seq_num                   1 
_entity_src_gen.pdbx_end_seq_num                   216 
_entity_src_gen.gene_src_common_name               ? 
_entity_src_gen.gene_src_genus                     ? 
_entity_src_gen.pdbx_gene_src_gene                 'ethR, etaR, Rv3855' 
_entity_src_gen.gene_src_species                   ? 
_entity_src_gen.gene_src_strain                    ? 
_entity_src_gen.gene_src_tissue                    ? 
_entity_src_gen.gene_src_tissue_fraction           ? 
_entity_src_gen.gene_src_details                   ? 
_entity_src_gen.pdbx_gene_src_fragment             ? 
_entity_src_gen.pdbx_gene_src_scientific_name      'Mycobacterium tuberculosis' 
_entity_src_gen.pdbx_gene_src_ncbi_taxonomy_id     1773 
_entity_src_gen.pdbx_gene_src_variant              ? 
_entity_src_gen.pdbx_gene_src_cell_line            ? 
_entity_src_gen.pdbx_gene_src_atcc                 ? 
_entity_src_gen.pdbx_gene_src_organ                ? 
_entity_src_gen.pdbx_gene_src_organelle            ? 
_entity_src_gen.pdbx_gene_src_cell                 ? 
_entity_src_gen.pdbx_gene_src_cellular_location    ? 
_entity_src_gen.host_org_common_name               ? 
_entity_src_gen.pdbx_host_org_scientific_name      'Escherichia coli BL21(DE3)' 
_entity_src_gen.pdbx_host_org_ncbi_taxonomy_id     '469008 ' 
_entity_src_gen.host_org_genus                     ? 
_entity_src_gen.pdbx_host_org_gene                 ? 
_entity_src_gen.pdbx_host_org_organ                ? 
_entity_src_gen.host_org_species                   ? 
_entity_src_gen.pdbx_host_org_tissue               ? 
_entity_src_gen.pdbx_host_org_tissue_fraction      ? 
_entity_src_gen.pdbx_host_org_strain               ? 
_entity_src_gen.pdbx_host_org_variant              ? 
_entity_src_gen.pdbx_host_org_cell_line            ? 
_entity_src_gen.pdbx_host_org_atcc                 ? 
_entity_src_gen.pdbx_host_org_culture_collection   ? 
_entity_src_gen.pdbx_host_org_cell                 ? 
_entity_src_gen.pdbx_host_org_organelle            ? 
_entity_src_gen.pdbx_host_org_cellular_location    ? 
_entity_src_gen.pdbx_host_org_vector_type          ? 
_entity_src_gen.pdbx_host_org_vector               ? 
_entity_src_gen.host_org_details                   ? 
_entity_src_gen.expression_system_id               ? 
_entity_src_gen.plasmid_name                       ? 
_entity_src_gen.plasmid_details                    ? 
_entity_src_gen.pdbx_description                   ? 
# 
loop_
_chem_comp.id 
_chem_comp.type 
_chem_comp.mon_nstd_flag 
_chem_comp.name 
_chem_comp.pdbx_synonyms 
_chem_comp.formula 
_chem_comp.formula_weight 
ALA 'L-peptide linking' y ALANINE                                                 ? 'C3 H7 N O2'     89.093  
ARG 'L-peptide linking' y ARGININE                                                ? 'C6 H15 N4 O2 1' 175.209 
ASN 'L-peptide linking' y ASPARAGINE                                              ? 'C4 H8 N2 O3'    132.118 
ASP 'L-peptide linking' y 'ASPARTIC ACID'                                         ? 'C4 H7 N O4'     133.103 
GLN 'L-peptide linking' y GLUTAMINE                                               ? 'C5 H10 N2 O3'   146.144 
GLU 'L-peptide linking' y 'GLUTAMIC ACID'                                         ? 'C5 H9 N O4'     147.129 
GLY 'peptide linking'   y GLYCINE                                                 ? 'C2 H5 N O2'     75.067  
HIS 'L-peptide linking' y HISTIDINE                                               ? 'C6 H10 N3 O2 1' 156.162 
HOH non-polymer         . WATER                                                   ? 'H2 O'           18.015  
ILE 'L-peptide linking' y ISOLEUCINE                                              ? 'C6 H13 N O2'    131.173 
LEU 'L-peptide linking' y LEUCINE                                                 ? 'C6 H13 N O2'    131.173 
LYS 'L-peptide linking' y LYSINE                                                  ? 'C6 H15 N2 O2 1' 147.195 
MET 'L-peptide linking' y METHIONINE                                              ? 'C5 H11 N O2 S'  149.211 
PHE 'L-peptide linking' y PHENYLALANINE                                           ? 'C9 H11 N O2'    165.189 
PRO 'L-peptide linking' y PROLINE                                                 ? 'C5 H9 N O2'     115.130 
SER 'L-peptide linking' y SERINE                                                  ? 'C3 H7 N O3'     105.093 
THR 'L-peptide linking' y THREONINE                                               ? 'C4 H9 N O3'     119.119 
TRP 'L-peptide linking' y TRYPTOPHAN                                              ? 'C11 H12 N2 O2'  204.225 
TYR 'L-peptide linking' y TYROSINE                                                ? 'C9 H11 N O3'    181.189 
UAB non-polymer         . '4-methyl-~{N}-(4-phenylbutyl)piperidine-1-carboxamide' ? 'C17 H26 N2 O'   274.401 
VAL 'L-peptide linking' y VALINE                                                  ? 'C5 H11 N O2'    117.146 
# 
loop_
_pdbx_poly_seq_scheme.asym_id 
_pdbx_poly_seq_scheme.entity_id 
_pdbx_poly_seq_scheme.seq_id 
_pdbx_poly_seq_scheme.mon_id 
_pdbx_poly_seq_scheme.ndb_seq_num 
_pdbx_poly_seq_scheme.pdb_seq_num 
_pdbx_poly_seq_scheme.auth_seq_num 
_pdbx_poly_seq_scheme.pdb_mon_id 
_pdbx_poly_seq_scheme.auth_mon_id 
_pdbx_poly_seq_scheme.pdb_strand_id 
_pdbx_poly_seq_scheme.pdb_ins_code 
_pdbx_poly_seq_scheme.hetero 
A 1 1   MET 1   1   ?   ?   ?   A . n 
A 1 2   THR 2   2   ?   ?   ?   A . n 
A 1 3   THR 3   3   ?   ?   ?   A . n 
A 1 4   SER 4   4   ?   ?   ?   A . n 
A 1 5   ALA 5   5   ?   ?   ?   A . n 
A 1 6   ALA 6   6   ?   ?   ?   A . n 
A 1 7   SER 7   7   ?   ?   ?   A . n 
A 1 8   GLN 8   8   ?   ?   ?   A . n 
A 1 9   ALA 9   9   ?   ?   ?   A . n 
A 1 10  SER 10  10  ?   ?   ?   A . n 
A 1 11  LEU 11  11  ?   ?   ?   A . n 
A 1 12  PRO 12  12  ?   ?   ?   A . n 
A 1 13  ARG 13  13  ?   ?   ?   A . n 
A 1 14  GLY 14  14  ?   ?   ?   A . n 
A 1 15  ARG 15  15  ?   ?   ?   A . n 
A 1 16  ARG 16  16  ?   ?   ?   A . n 
A 1 17  THR 17  17  ?   ?   ?   A . n 
A 1 18  ALA 18  18  ?   ?   ?   A . n 
A 1 19  ARG 19  19  ?   ?   ?   A . n 
A 1 20  PRO 20  20  ?   ?   ?   A . n 
A 1 21  SER 21  21  ?   ?   ?   A . n 
A 1 22  GLY 22  22  22  GLY GLY A . n 
A 1 23  ASP 23  23  23  ASP ASP A . n 
A 1 24  ASP 24  24  24  ASP ASP A . n 
A 1 25  ARG 25  25  25  ARG ARG A . n 
A 1 26  GLU 26  26  26  GLU GLU A . n 
A 1 27  LEU 27  27  27  LEU LEU A . n 
A 1 28  ALA 28  28  28  ALA ALA A . n 
A 1 29  ILE 29  29  29  ILE ILE A . n 
A 1 30  LEU 30  30  30  LEU LEU A . n 
A 1 31  ALA 31  31  31  ALA ALA A . n 
A 1 32  THR 32  32  32  THR THR A . n 
A 1 33  ALA 33  33  33  ALA ALA A . n 
A 1 34  GLU 34  34  34  GLU GLU A . n 
A 1 35  ASN 35  35  35  ASN ASN A . n 
A 1 36  LEU 36  36  36  LEU LEU A . n 
A 1 37  LEU 37  37  37  LEU LEU A . n 
A 1 38  GLU 38  38  38  GLU GLU A . n 
A 1 39  ASP 39  39  39  ASP ASP A . n 
A 1 40  ARG 40  40  40  ARG ARG A . n 
A 1 41  PRO 41  41  41  PRO PRO A . n 
A 1 42  LEU 42  42  42  LEU LEU A . n 
A 1 43  ALA 43  43  43  ALA ALA A . n 
A 1 44  ASP 44  44  44  ASP ASP A . n 
A 1 45  ILE 45  45  45  ILE ILE A . n 
A 1 46  SER 46  46  46  SER SER A . n 
A 1 47  VAL 47  47  47  VAL VAL A . n 
A 1 48  ASP 48  48  48  ASP ASP A . n 
A 1 49  ASP 49  49  49  ASP ASP A . n 
A 1 50  LEU 50  50  50  LEU LEU A . n 
A 1 51  ALA 51  51  51  ALA ALA A . n 
A 1 52  LYS 52  52  52  LYS LYS A . n 
A 1 53  GLY 53  53  53  GLY GLY A . n 
A 1 54  ALA 54  54  54  ALA ALA A . n 
A 1 55  GLY 55  55  55  GLY GLY A . n 
A 1 56  ILE 56  56  56  ILE ILE A . n 
A 1 57  SER 57  57  57  SER SER A . n 
A 1 58  ARG 58  58  58  ARG ARG A . n 
A 1 59  PRO 59  59  59  PRO PRO A . n 
A 1 60  THR 60  60  60  THR THR A . n 
A 1 61  PHE 61  61  61  PHE PHE A . n 
A 1 62  TYR 62  62  62  TYR TYR A . n 
A 1 63  PHE 63  63  63  PHE PHE A . n 
A 1 64  TYR 64  64  64  TYR TYR A . n 
A 1 65  PHE 65  65  65  PHE PHE A . n 
A 1 66  PRO 66  66  66  PRO PRO A . n 
A 1 67  SER 67  67  67  SER SER A . n 
A 1 68  LYS 68  68  68  LYS LYS A . n 
A 1 69  GLU 69  69  69  GLU GLU A . n 
A 1 70  ALA 70  70  70  ALA ALA A . n 
A 1 71  VAL 71  71  71  VAL VAL A . n 
A 1 72  LEU 72  72  72  LEU LEU A . n 
A 1 73  LEU 73  73  73  LEU LEU A . n 
A 1 74  THR 74  74  74  THR THR A . n 
A 1 75  LEU 75  75  75  LEU LEU A . n 
A 1 76  LEU 76  76  76  LEU LEU A . n 
A 1 77  ASP 77  77  77  ASP ASP A . n 
A 1 78  ARG 78  78  78  ARG ARG A . n 
A 1 79  VAL 79  79  79  VAL VAL A . n 
A 1 80  VAL 80  80  80  VAL VAL A . n 
A 1 81  ASN 81  81  81  ASN ASN A . n 
A 1 82  GLN 82  82  82  GLN GLN A . n 
A 1 83  ALA 83  83  83  ALA ALA A . n 
A 1 84  ASP 84  84  84  ASP ASP A . n 
A 1 85  MET 85  85  85  MET MET A . n 
A 1 86  ALA 86  86  86  ALA ALA A . n 
A 1 87  LEU 87  87  87  LEU LEU A . n 
A 1 88  GLN 88  88  88  GLN GLN A . n 
A 1 89  THR 89  89  89  THR THR A . n 
A 1 90  LEU 90  90  90  LEU LEU A . n 
A 1 91  ALA 91  91  91  ALA ALA A . n 
A 1 92  GLU 92  92  92  GLU GLU A . n 
A 1 93  ASN 93  93  93  ASN ASN A . n 
A 1 94  PRO 94  94  94  PRO PRO A . n 
A 1 95  ALA 95  95  95  ALA ALA A . n 
A 1 96  ASP 96  96  96  ASP ASP A . n 
A 1 97  THR 97  97  97  THR THR A . n 
A 1 98  ASP 98  98  98  ASP ASP A . n 
A 1 99  ARG 99  99  99  ARG ARG A . n 
A 1 100 GLU 100 100 100 GLU GLU A . n 
A 1 101 ASN 101 101 101 ASN ASN A . n 
A 1 102 MET 102 102 102 MET MET A . n 
A 1 103 TRP 103 103 103 TRP TRP A . n 
A 1 104 ARG 104 104 104 ARG ARG A . n 
A 1 105 THR 105 105 105 THR THR A . n 
A 1 106 GLY 106 106 106 GLY GLY A . n 
A 1 107 ILE 107 107 107 ILE ILE A . n 
A 1 108 ASN 108 108 108 ASN ASN A . n 
A 1 109 VAL 109 109 109 VAL VAL A . n 
A 1 110 PHE 110 110 110 PHE PHE A . n 
A 1 111 PHE 111 111 111 PHE PHE A . n 
A 1 112 GLU 112 112 112 GLU GLU A . n 
A 1 113 THR 113 113 113 THR THR A . n 
A 1 114 PHE 114 114 114 PHE PHE A . n 
A 1 115 GLY 115 115 115 GLY GLY A . n 
A 1 116 SER 116 116 116 SER SER A . n 
A 1 117 HIS 117 117 117 HIS HIS A . n 
A 1 118 LYS 118 118 118 LYS LYS A . n 
A 1 119 ALA 119 119 119 ALA ALA A . n 
A 1 120 VAL 120 120 120 VAL VAL A . n 
A 1 121 THR 121 121 121 THR THR A . n 
A 1 122 ARG 122 122 122 ARG ARG A . n 
A 1 123 ALA 123 123 123 ALA ALA A . n 
A 1 124 GLY 124 124 124 GLY GLY A . n 
A 1 125 GLN 125 125 125 GLN GLN A . n 
A 1 126 ALA 126 126 126 ALA ALA A . n 
A 1 127 ALA 127 127 127 ALA ALA A . n 
A 1 128 ARG 128 128 128 ARG ARG A . n 
A 1 129 ALA 129 129 129 ALA ALA A . n 
A 1 130 THR 130 130 130 THR THR A . n 
A 1 131 SER 131 131 131 SER SER A . n 
A 1 132 VAL 132 132 132 VAL VAL A . n 
A 1 133 GLU 133 133 133 GLU GLU A . n 
A 1 134 VAL 134 134 134 VAL VAL A . n 
A 1 135 ALA 135 135 135 ALA ALA A . n 
A 1 136 GLU 136 136 136 GLU GLU A . n 
A 1 137 LEU 137 137 137 LEU LEU A . n 
A 1 138 TRP 138 138 138 TRP TRP A . n 
A 1 139 SER 139 139 139 SER SER A . n 
A 1 140 THR 140 140 140 THR THR A . n 
A 1 141 PHE 141 141 141 PHE PHE A . n 
A 1 142 MET 142 142 142 MET MET A . n 
A 1 143 GLN 143 143 143 GLN GLN A . n 
A 1 144 LYS 144 144 144 LYS LYS A . n 
A 1 145 TRP 145 145 145 TRP TRP A . n 
A 1 146 ILE 146 146 146 ILE ILE A . n 
A 1 147 ALA 147 147 147 ALA ALA A . n 
A 1 148 TYR 148 148 148 TYR TYR A . n 
A 1 149 THR 149 149 149 THR THR A . n 
A 1 150 ALA 150 150 150 ALA ALA A . n 
A 1 151 ALA 151 151 151 ALA ALA A . n 
A 1 152 VAL 152 152 152 VAL VAL A . n 
A 1 153 ILE 153 153 153 ILE ILE A . n 
A 1 154 ASP 154 154 154 ASP ASP A . n 
A 1 155 ALA 155 155 155 ALA ALA A . n 
A 1 156 GLU 156 156 156 GLU GLU A . n 
A 1 157 ARG 157 157 157 ARG ARG A . n 
A 1 158 ASP 158 158 158 ASP ASP A . n 
A 1 159 ARG 159 159 159 ARG ARG A . n 
A 1 160 GLY 160 160 160 GLY GLY A . n 
A 1 161 ALA 161 161 161 ALA ALA A . n 
A 1 162 ALA 162 162 162 ALA ALA A . n 
A 1 163 PRO 163 163 163 PRO PRO A . n 
A 1 164 ARG 164 164 164 ARG ARG A . n 
A 1 165 THR 165 165 165 THR THR A . n 
A 1 166 LEU 166 166 166 LEU LEU A . n 
A 1 167 PRO 167 167 167 PRO PRO A . n 
A 1 168 ALA 168 168 168 ALA ALA A . n 
A 1 169 HIS 169 169 169 HIS HIS A . n 
A 1 170 GLU 170 170 170 GLU GLU A . n 
A 1 171 LEU 171 171 171 LEU LEU A . n 
A 1 172 ALA 172 172 172 ALA ALA A . n 
A 1 173 THR 173 173 173 THR THR A . n 
A 1 174 ALA 174 174 174 ALA ALA A . n 
A 1 175 LEU 175 175 175 LEU LEU A . n 
A 1 176 ASN 176 176 176 ASN ASN A . n 
A 1 177 LEU 177 177 177 LEU LEU A . n 
A 1 178 MET 178 178 178 MET MET A . n 
A 1 179 ASN 179 179 179 ASN ASN A . n 
A 1 180 GLU 180 180 180 GLU GLU A . n 
A 1 181 ARG 181 181 181 ARG ARG A . n 
A 1 182 THR 182 182 182 THR THR A . n 
A 1 183 LEU 183 183 183 LEU LEU A . n 
A 1 184 PHE 184 184 184 PHE PHE A . n 
A 1 185 ALA 185 185 185 ALA ALA A . n 
A 1 186 SER 186 186 186 SER SER A . n 
A 1 187 PHE 187 187 187 PHE PHE A . n 
A 1 188 ALA 188 188 188 ALA ALA A . n 
A 1 189 GLY 189 189 189 GLY GLY A . n 
A 1 190 GLU 190 190 190 GLU GLU A . n 
A 1 191 GLN 191 191 191 GLN GLN A . n 
A 1 192 PRO 192 192 192 PRO PRO A . n 
A 1 193 SER 193 193 193 SER SER A . n 
A 1 194 VAL 194 194 194 VAL VAL A . n 
A 1 195 PRO 195 195 195 PRO PRO A . n 
A 1 196 GLU 196 196 196 GLU GLU A . n 
A 1 197 ALA 197 197 197 ALA ALA A . n 
A 1 198 ARG 198 198 198 ARG ARG A . n 
A 1 199 VAL 199 199 199 VAL VAL A . n 
A 1 200 LEU 200 200 200 LEU LEU A . n 
A 1 201 ASP 201 201 201 ASP ASP A . n 
A 1 202 THR 202 202 202 THR THR A . n 
A 1 203 LEU 203 203 203 LEU LEU A . n 
A 1 204 VAL 204 204 204 VAL VAL A . n 
A 1 205 HIS 205 205 205 HIS HIS A . n 
A 1 206 ILE 206 206 206 ILE ILE A . n 
A 1 207 TRP 207 207 207 TRP TRP A . n 
A 1 208 VAL 208 208 208 VAL VAL A . n 
A 1 209 THR 209 209 209 THR THR A . n 
A 1 210 SER 210 210 210 SER SER A . n 
A 1 211 ILE 211 211 211 ILE ILE A . n 
A 1 212 TYR 212 212 212 TYR TYR A . n 
A 1 213 GLY 213 213 213 GLY GLY A . n 
A 1 214 GLU 214 214 214 GLU GLU A . n 
A 1 215 ASN 215 215 ?   ?   ?   A . n 
A 1 216 ARG 216 216 ?   ?   ?   A . n 
# 
loop_
_pdbx_nonpoly_scheme.asym_id 
_pdbx_nonpoly_scheme.entity_id 
_pdbx_nonpoly_scheme.mon_id 
_pdbx_nonpoly_scheme.ndb_seq_num 
_pdbx_nonpoly_scheme.pdb_seq_num 
_pdbx_nonpoly_scheme.auth_seq_num 
_pdbx_nonpoly_scheme.pdb_mon_id 
_pdbx_nonpoly_scheme.auth_mon_id 
_pdbx_nonpoly_scheme.pdb_strand_id 
_pdbx_nonpoly_scheme.pdb_ins_code 
B 2 UAB 1   401 401 UAB DRG A . 
C 3 HOH 1   501 88  HOH HOH A . 
C 3 HOH 2   502 57  HOH HOH A . 
C 3 HOH 3   503 108 HOH HOH A . 
C 3 HOH 4   504 109 HOH HOH A . 
C 3 HOH 5   505 32  HOH HOH A . 
C 3 HOH 6   506 76  HOH HOH A . 
C 3 HOH 7   507 54  HOH HOH A . 
C 3 HOH 8   508 68  HOH HOH A . 
C 3 HOH 9   509 1   HOH HOH A . 
C 3 HOH 10  510 106 HOH HOH A . 
C 3 HOH 11  511 58  HOH HOH A . 
C 3 HOH 12  512 52  HOH HOH A . 
C 3 HOH 13  513 71  HOH HOH A . 
C 3 HOH 14  514 31  HOH HOH A . 
C 3 HOH 15  515 13  HOH HOH A . 
C 3 HOH 16  516 103 HOH HOH A . 
C 3 HOH 17  517 2   HOH HOH A . 
C 3 HOH 18  518 42  HOH HOH A . 
C 3 HOH 19  519 38  HOH HOH A . 
C 3 HOH 20  520 12  HOH HOH A . 
C 3 HOH 21  521 39  HOH HOH A . 
C 3 HOH 22  522 64  HOH HOH A . 
C 3 HOH 23  523 41  HOH HOH A . 
C 3 HOH 24  524 73  HOH HOH A . 
C 3 HOH 25  525 7   HOH HOH A . 
C 3 HOH 26  526 79  HOH HOH A . 
C 3 HOH 27  527 35  HOH HOH A . 
C 3 HOH 28  528 9   HOH HOH A . 
C 3 HOH 29  529 91  HOH HOH A . 
C 3 HOH 30  530 19  HOH HOH A . 
C 3 HOH 31  531 8   HOH HOH A . 
C 3 HOH 32  532 72  HOH HOH A . 
C 3 HOH 33  533 24  HOH HOH A . 
C 3 HOH 34  534 14  HOH HOH A . 
C 3 HOH 35  535 48  HOH HOH A . 
C 3 HOH 36  536 17  HOH HOH A . 
C 3 HOH 37  537 60  HOH HOH A . 
C 3 HOH 38  538 49  HOH HOH A . 
C 3 HOH 39  539 43  HOH HOH A . 
C 3 HOH 40  540 18  HOH HOH A . 
C 3 HOH 41  541 104 HOH HOH A . 
C 3 HOH 42  542 5   HOH HOH A . 
C 3 HOH 43  543 29  HOH HOH A . 
C 3 HOH 44  544 98  HOH HOH A . 
C 3 HOH 45  545 51  HOH HOH A . 
C 3 HOH 46  546 10  HOH HOH A . 
C 3 HOH 47  547 20  HOH HOH A . 
C 3 HOH 48  548 33  HOH HOH A . 
C 3 HOH 49  549 55  HOH HOH A . 
C 3 HOH 50  550 40  HOH HOH A . 
C 3 HOH 51  551 56  HOH HOH A . 
C 3 HOH 52  552 25  HOH HOH A . 
C 3 HOH 53  553 16  HOH HOH A . 
C 3 HOH 54  554 95  HOH HOH A . 
C 3 HOH 55  555 65  HOH HOH A . 
C 3 HOH 56  556 62  HOH HOH A . 
C 3 HOH 57  557 102 HOH HOH A . 
C 3 HOH 58  558 100 HOH HOH A . 
C 3 HOH 59  559 53  HOH HOH A . 
C 3 HOH 60  560 21  HOH HOH A . 
C 3 HOH 61  561 47  HOH HOH A . 
C 3 HOH 62  562 69  HOH HOH A . 
C 3 HOH 63  563 11  HOH HOH A . 
C 3 HOH 64  564 77  HOH HOH A . 
C 3 HOH 65  565 22  HOH HOH A . 
C 3 HOH 66  566 66  HOH HOH A . 
C 3 HOH 67  567 59  HOH HOH A . 
C 3 HOH 68  568 80  HOH HOH A . 
C 3 HOH 69  569 92  HOH HOH A . 
C 3 HOH 70  570 81  HOH HOH A . 
C 3 HOH 71  571 4   HOH HOH A . 
C 3 HOH 72  572 6   HOH HOH A . 
C 3 HOH 73  573 75  HOH HOH A . 
C 3 HOH 74  574 26  HOH HOH A . 
C 3 HOH 75  575 93  HOH HOH A . 
C 3 HOH 76  576 107 HOH HOH A . 
C 3 HOH 77  577 44  HOH HOH A . 
C 3 HOH 78  578 15  HOH HOH A . 
C 3 HOH 79  579 110 HOH HOH A . 
C 3 HOH 80  580 89  HOH HOH A . 
C 3 HOH 81  581 97  HOH HOH A . 
C 3 HOH 82  582 34  HOH HOH A . 
C 3 HOH 83  583 3   HOH HOH A . 
C 3 HOH 84  584 101 HOH HOH A . 
C 3 HOH 85  585 99  HOH HOH A . 
C 3 HOH 86  586 111 HOH HOH A . 
C 3 HOH 87  587 70  HOH HOH A . 
C 3 HOH 88  588 105 HOH HOH A . 
C 3 HOH 89  589 82  HOH HOH A . 
C 3 HOH 90  590 63  HOH HOH A . 
C 3 HOH 91  591 74  HOH HOH A . 
C 3 HOH 92  592 96  HOH HOH A . 
C 3 HOH 93  593 30  HOH HOH A . 
C 3 HOH 94  594 87  HOH HOH A . 
C 3 HOH 95  595 61  HOH HOH A . 
C 3 HOH 96  596 27  HOH HOH A . 
C 3 HOH 97  597 83  HOH HOH A . 
C 3 HOH 98  598 23  HOH HOH A . 
C 3 HOH 99  599 112 HOH HOH A . 
C 3 HOH 100 600 67  HOH HOH A . 
C 3 HOH 101 601 45  HOH HOH A . 
C 3 HOH 102 602 84  HOH HOH A . 
C 3 HOH 103 603 94  HOH HOH A . 
C 3 HOH 104 604 46  HOH HOH A . 
C 3 HOH 105 605 50  HOH HOH A . 
C 3 HOH 106 606 86  HOH HOH A . 
C 3 HOH 107 607 78  HOH HOH A . 
C 3 HOH 108 608 28  HOH HOH A . 
C 3 HOH 109 609 85  HOH HOH A . 
C 3 HOH 110 610 37  HOH HOH A . 
C 3 HOH 111 611 36  HOH HOH A . 
C 3 HOH 112 612 90  HOH HOH A . 
# 
loop_
_pdbx_unobs_or_zero_occ_atoms.id 
_pdbx_unobs_or_zero_occ_atoms.PDB_model_num 
_pdbx_unobs_or_zero_occ_atoms.polymer_flag 
_pdbx_unobs_or_zero_occ_atoms.occupancy_flag 
_pdbx_unobs_or_zero_occ_atoms.auth_asym_id 
_pdbx_unobs_or_zero_occ_atoms.auth_comp_id 
_pdbx_unobs_or_zero_occ_atoms.auth_seq_id 
_pdbx_unobs_or_zero_occ_atoms.PDB_ins_code 
_pdbx_unobs_or_zero_occ_atoms.auth_atom_id 
_pdbx_unobs_or_zero_occ_atoms.label_alt_id 
_pdbx_unobs_or_zero_occ_atoms.label_asym_id 
_pdbx_unobs_or_zero_occ_atoms.label_comp_id 
_pdbx_unobs_or_zero_occ_atoms.label_seq_id 
_pdbx_unobs_or_zero_occ_atoms.label_atom_id 
1 1 Y 1 A ASP 96 ? CG  ? A ASP 96 CG  
2 1 Y 1 A ASP 96 ? OD1 ? A ASP 96 OD1 
3 1 Y 1 A ASP 96 ? OD2 ? A ASP 96 OD2 
# 
loop_
_software.citation_id 
_software.classification 
_software.compiler_name 
_software.compiler_version 
_software.contact_author 
_software.contact_author_email 
_software.date 
_software.description 
_software.dependencies 
_software.hardware 
_software.language 
_software.location 
_software.mods 
_software.name 
_software.os 
_software.os_version 
_software.type 
_software.version 
_software.pdbx_ordinal 
? refinement        ? ? ? ? ? ? ? ? ? ? ? REFMAC      ? ? ? 5.8.0238 1 
? 'data extraction' ? ? ? ? ? ? ? ? ? ? ? PDB_EXTRACT ? ? ? 3.22     2 
? 'data reduction'  ? ? ? ? ? ? ? ? ? ? ? pointless   ? ? ? .        3 
? 'data scaling'    ? ? ? ? ? ? ? ? ? ? ? Aimless     ? ? ? .        4 
? phasing           ? ? ? ? ? ? ? ? ? ? ? PHASER      ? ? ? .        5 
# 
_cell.angle_alpha                  90.000 
_cell.angle_alpha_esd              ? 
_cell.angle_beta                   90.000 
_cell.angle_beta_esd               ? 
_cell.angle_gamma                  90.000 
_cell.angle_gamma_esd              ? 
_cell.entry_id                     7NGD 
_cell.details                      ? 
_cell.formula_units_Z              ? 
_cell.length_a                     121.445 
_cell.length_a_esd                 ? 
_cell.length_b                     121.445 
_cell.length_b_esd                 ? 
_cell.length_c                     33.717 
_cell.length_c_esd                 ? 
_cell.volume                       ? 
_cell.volume_esd                   ? 
_cell.Z_PDB                        8 
_cell.reciprocal_angle_alpha       ? 
_cell.reciprocal_angle_beta        ? 
_cell.reciprocal_angle_gamma       ? 
_cell.reciprocal_angle_alpha_esd   ? 
_cell.reciprocal_angle_beta_esd    ? 
_cell.reciprocal_angle_gamma_esd   ? 
_cell.reciprocal_length_a          ? 
_cell.reciprocal_length_b          ? 
_cell.reciprocal_length_c          ? 
_cell.reciprocal_length_a_esd      ? 
_cell.reciprocal_length_b_esd      ? 
_cell.reciprocal_length_c_esd      ? 
_cell.pdbx_unique_axis             ? 
# 
_symmetry.entry_id                         7NGD 
_symmetry.cell_setting                     ? 
_symmetry.Int_Tables_number                92 
_symmetry.space_group_name_Hall            ? 
_symmetry.space_group_name_H-M             'P 41 21 2' 
_symmetry.pdbx_full_space_group_name_H-M   ? 
# 
_exptl.absorpt_coefficient_mu     ? 
_exptl.absorpt_correction_T_max   ? 
_exptl.absorpt_correction_T_min   ? 
_exptl.absorpt_correction_type    ? 
_exptl.absorpt_process_details    ? 
_exptl.entry_id                   7NGD 
_exptl.crystals_number            1 
_exptl.details                    ? 
_exptl.method                     'X-RAY DIFFRACTION' 
_exptl.method_details             ? 
# 
_exptl_crystal.colour                      ? 
_exptl_crystal.density_diffrn              ? 
_exptl_crystal.density_Matthews            2.61 
_exptl_crystal.density_method              ? 
_exptl_crystal.density_percent_sol         52.94 
_exptl_crystal.description                 ? 
_exptl_crystal.F_000                       ? 
_exptl_crystal.id                          1 
_exptl_crystal.preparation                 ? 
_exptl_crystal.size_max                    ? 
_exptl_crystal.size_mid                    ? 
_exptl_crystal.size_min                    ? 
_exptl_crystal.size_rad                    ? 
_exptl_crystal.colour_lustre               ? 
_exptl_crystal.colour_modifier             ? 
_exptl_crystal.colour_primary              ? 
_exptl_crystal.density_meas                ? 
_exptl_crystal.density_meas_esd            ? 
_exptl_crystal.density_meas_gt             ? 
_exptl_crystal.density_meas_lt             ? 
_exptl_crystal.density_meas_temp           ? 
_exptl_crystal.density_meas_temp_esd       ? 
_exptl_crystal.density_meas_temp_gt        ? 
_exptl_crystal.density_meas_temp_lt        ? 
_exptl_crystal.pdbx_crystal_image_url      ? 
_exptl_crystal.pdbx_crystal_image_format   ? 
_exptl_crystal.pdbx_mosaicity              ? 
_exptl_crystal.pdbx_mosaicity_esd          ? 
# 
_exptl_crystal_grow.apparatus       ? 
_exptl_crystal_grow.atmosphere      ? 
_exptl_crystal_grow.crystal_id      1 
_exptl_crystal_grow.details         ? 
_exptl_crystal_grow.method          'VAPOR DIFFUSION, SITTING DROP' 
_exptl_crystal_grow.method_ref      ? 
_exptl_crystal_grow.pH              ? 
_exptl_crystal_grow.pressure        ? 
_exptl_crystal_grow.pressure_esd    ? 
_exptl_crystal_grow.seeding         ? 
_exptl_crystal_grow.seeding_ref     ? 
_exptl_crystal_grow.temp            300 
_exptl_crystal_grow.temp_details    ? 
_exptl_crystal_grow.temp_esd        ? 
_exptl_crystal_grow.time            ? 
_exptl_crystal_grow.pdbx_details    'Vapour diffusion' 
_exptl_crystal_grow.pdbx_pH_range   ? 
# 
_diffrn.ambient_environment              ? 
_diffrn.ambient_temp                     100 
_diffrn.ambient_temp_details             ? 
_diffrn.ambient_temp_esd                 ? 
_diffrn.crystal_id                       1 
_diffrn.crystal_support                  ? 
_diffrn.crystal_treatment                ? 
_diffrn.details                          ? 
_diffrn.id                               1 
_diffrn.ambient_pressure                 ? 
_diffrn.ambient_pressure_esd             ? 
_diffrn.ambient_pressure_gt              ? 
_diffrn.ambient_pressure_lt              ? 
_diffrn.ambient_temp_gt                  ? 
_diffrn.ambient_temp_lt                  ? 
_diffrn.pdbx_serial_crystal_experiment   N 
# 
_diffrn_detector.details                      ? 
_diffrn_detector.detector                     PIXEL 
_diffrn_detector.diffrn_id                    1 
_diffrn_detector.type                         'DECTRIS PILATUS 6M' 
_diffrn_detector.area_resol_mean              ? 
_diffrn_detector.dtime                        ? 
_diffrn_detector.pdbx_frames_total            ? 
_diffrn_detector.pdbx_collection_time_total   ? 
_diffrn_detector.pdbx_collection_date         2018-05-03 
_diffrn_detector.pdbx_frequency               ? 
# 
_diffrn_radiation.collimation                      ? 
_diffrn_radiation.diffrn_id                        1 
_diffrn_radiation.filter_edge                      ? 
_diffrn_radiation.inhomogeneity                    ? 
_diffrn_radiation.monochromator                    ? 
_diffrn_radiation.polarisn_norm                    ? 
_diffrn_radiation.polarisn_ratio                   ? 
_diffrn_radiation.probe                            ? 
_diffrn_radiation.type                             ? 
_diffrn_radiation.xray_symbol                      ? 
_diffrn_radiation.wavelength_id                    1 
_diffrn_radiation.pdbx_monochromatic_or_laue_m_l   M 
_diffrn_radiation.pdbx_wavelength_list             ? 
_diffrn_radiation.pdbx_wavelength                  ? 
_diffrn_radiation.pdbx_diffrn_protocol             'SINGLE WAVELENGTH' 
_diffrn_radiation.pdbx_analyzer                    ? 
_diffrn_radiation.pdbx_scattering_type             x-ray 
# 
_diffrn_radiation_wavelength.id           1 
_diffrn_radiation_wavelength.wavelength   0.9795 
_diffrn_radiation_wavelength.wt           1.0 
# 
_diffrn_source.current                     ? 
_diffrn_source.details                     ? 
_diffrn_source.diffrn_id                   1 
_diffrn_source.power                       ? 
_diffrn_source.size                        ? 
_diffrn_source.source                      SYNCHROTRON 
_diffrn_source.target                      ? 
_diffrn_source.type                        'DIAMOND BEAMLINE I04' 
_diffrn_source.voltage                     ? 
_diffrn_source.take-off_angle              ? 
_diffrn_source.pdbx_wavelength_list        0.9795 
_diffrn_source.pdbx_wavelength             ? 
_diffrn_source.pdbx_synchrotron_beamline   I04 
_diffrn_source.pdbx_synchrotron_site       Diamond 
# 
_reflns.B_iso_Wilson_estimate            ? 
_reflns.entry_id                         7NGD 
_reflns.data_reduction_details           ? 
_reflns.data_reduction_method            ? 
_reflns.d_resolution_high                1.47 
_reflns.d_resolution_low                 85.87 
_reflns.details                          ? 
_reflns.limit_h_max                      ? 
_reflns.limit_h_min                      ? 
_reflns.limit_k_max                      ? 
_reflns.limit_k_min                      ? 
_reflns.limit_l_max                      ? 
_reflns.limit_l_min                      ? 
_reflns.number_all                       ? 
_reflns.number_obs                       43625 
_reflns.observed_criterion               ? 
_reflns.observed_criterion_F_max         ? 
_reflns.observed_criterion_F_min         ? 
_reflns.observed_criterion_I_max         ? 
_reflns.observed_criterion_I_min         ? 
_reflns.observed_criterion_sigma_F       ? 
_reflns.observed_criterion_sigma_I       ? 
_reflns.percent_possible_obs             100 
_reflns.R_free_details                   ? 
_reflns.Rmerge_F_all                     ? 
_reflns.Rmerge_F_obs                     ? 
_reflns.Friedel_coverage                 ? 
_reflns.number_gt                        ? 
_reflns.threshold_expression             ? 
_reflns.pdbx_redundancy                  12.4 
_reflns.pdbx_Rmerge_I_obs                ? 
_reflns.pdbx_Rmerge_I_all                ? 
_reflns.pdbx_Rsym_value                  ? 
_reflns.pdbx_netI_over_av_sigmaI         ? 
_reflns.pdbx_netI_over_sigmaI            10.4 
_reflns.pdbx_res_netI_over_av_sigmaI_2   ? 
_reflns.pdbx_res_netI_over_sigmaI_2      ? 
_reflns.pdbx_chi_squared                 ? 
_reflns.pdbx_scaling_rejects             ? 
_reflns.pdbx_d_res_high_opt              ? 
_reflns.pdbx_d_res_low_opt               ? 
_reflns.pdbx_d_res_opt_method            ? 
_reflns.phase_calculation_details        ? 
_reflns.pdbx_Rrim_I_all                  ? 
_reflns.pdbx_Rpim_I_all                  ? 
_reflns.pdbx_d_opt                       ? 
_reflns.pdbx_number_measured_all         ? 
_reflns.pdbx_diffrn_id                   1 
_reflns.pdbx_ordinal                     1 
_reflns.pdbx_CC_half                     0.999 
_reflns.pdbx_CC_star                     ? 
_reflns.pdbx_R_split                     ? 
# 
_reflns_shell.d_res_high                  1.47 
_reflns_shell.d_res_low                   1.50 
_reflns_shell.meanI_over_sigI_all         ? 
_reflns_shell.meanI_over_sigI_obs         1.08 
_reflns_shell.number_measured_all         ? 
_reflns_shell.number_measured_obs         ? 
_reflns_shell.number_possible             ? 
_reflns_shell.number_unique_all           ? 
_reflns_shell.number_unique_obs           2131 
_reflns_shell.percent_possible_all        ? 
_reflns_shell.percent_possible_obs        ? 
_reflns_shell.Rmerge_F_all                ? 
_reflns_shell.Rmerge_F_obs                ? 
_reflns_shell.Rmerge_I_all                ? 
_reflns_shell.Rmerge_I_obs                ? 
_reflns_shell.meanI_over_sigI_gt          ? 
_reflns_shell.meanI_over_uI_all           ? 
_reflns_shell.meanI_over_uI_gt            ? 
_reflns_shell.number_measured_gt          ? 
_reflns_shell.number_unique_gt            ? 
_reflns_shell.percent_possible_gt         ? 
_reflns_shell.Rmerge_F_gt                 ? 
_reflns_shell.Rmerge_I_gt                 ? 
_reflns_shell.pdbx_redundancy             ? 
_reflns_shell.pdbx_Rsym_value             ? 
_reflns_shell.pdbx_chi_squared            ? 
_reflns_shell.pdbx_netI_over_sigmaI_all   ? 
_reflns_shell.pdbx_netI_over_sigmaI_obs   ? 
_reflns_shell.pdbx_Rrim_I_all             ? 
_reflns_shell.pdbx_Rpim_I_all             ? 
_reflns_shell.pdbx_rejects                ? 
_reflns_shell.pdbx_ordinal                1 
_reflns_shell.pdbx_diffrn_id              1 
_reflns_shell.pdbx_CC_half                0.767 
_reflns_shell.pdbx_CC_star                ? 
_reflns_shell.pdbx_R_split                ? 
# 
_refine.aniso_B[1][1]                            0.8600 
_refine.aniso_B[1][2]                            -0.0000 
_refine.aniso_B[1][3]                            -0.0000 
_refine.aniso_B[2][2]                            0.8600 
_refine.aniso_B[2][3]                            -0.0000 
_refine.aniso_B[3][3]                            -1.7300 
_refine.B_iso_max                                87.980 
_refine.B_iso_mean                               27.1200 
_refine.B_iso_min                                13.450 
_refine.correlation_coeff_Fo_to_Fc               0.9670 
_refine.correlation_coeff_Fo_to_Fc_free          0.9560 
_refine.details                                  
'HYDROGENS HAVE BEEN ADDED IN THE RIDING POSITIONS U VALUES      : REFINED INDIVIDUALLY' 
_refine.diff_density_max                         ? 
_refine.diff_density_max_esd                     ? 
_refine.diff_density_min                         ? 
_refine.diff_density_min_esd                     ? 
_refine.diff_density_rms                         ? 
_refine.diff_density_rms_esd                     ? 
_refine.entry_id                                 7NGD 
_refine.pdbx_refine_id                           'X-RAY DIFFRACTION' 
_refine.ls_abs_structure_details                 ? 
_refine.ls_abs_structure_Flack                   ? 
_refine.ls_abs_structure_Flack_esd               ? 
_refine.ls_abs_structure_Rogers                  ? 
_refine.ls_abs_structure_Rogers_esd              ? 
_refine.ls_d_res_high                            1.4700 
_refine.ls_d_res_low                             85.8700 
_refine.ls_extinction_coef                       ? 
_refine.ls_extinction_coef_esd                   ? 
_refine.ls_extinction_expression                 ? 
_refine.ls_extinction_method                     ? 
_refine.ls_goodness_of_fit_all                   ? 
_refine.ls_goodness_of_fit_all_esd               ? 
_refine.ls_goodness_of_fit_obs                   ? 
_refine.ls_goodness_of_fit_obs_esd               ? 
_refine.ls_hydrogen_treatment                    ? 
_refine.ls_matrix_type                           ? 
_refine.ls_number_constraints                    ? 
_refine.ls_number_parameters                     ? 
_refine.ls_number_reflns_all                     ? 
_refine.ls_number_reflns_obs                     41673 
_refine.ls_number_reflns_R_free                  1895 
_refine.ls_number_reflns_R_work                  ? 
_refine.ls_number_restraints                     ? 
_refine.ls_percent_reflns_obs                    99.9800 
_refine.ls_percent_reflns_R_free                 4.3000 
_refine.ls_R_factor_all                          ? 
_refine.ls_R_factor_obs                          0.1938 
_refine.ls_R_factor_R_free                       0.2111 
_refine.ls_R_factor_R_free_error                 ? 
_refine.ls_R_factor_R_free_error_details         ? 
_refine.ls_R_factor_R_work                       0.1929 
_refine.ls_R_Fsqd_factor_obs                     ? 
_refine.ls_R_I_factor_obs                        ? 
_refine.ls_redundancy_reflns_all                 ? 
_refine.ls_redundancy_reflns_obs                 ? 
_refine.ls_restrained_S_all                      ? 
_refine.ls_restrained_S_obs                      ? 
_refine.ls_shift_over_esd_max                    ? 
_refine.ls_shift_over_esd_mean                   ? 
_refine.ls_structure_factor_coef                 ? 
_refine.ls_weighting_details                     ? 
_refine.ls_weighting_scheme                      ? 
_refine.ls_wR_factor_all                         ? 
_refine.ls_wR_factor_obs                         ? 
_refine.ls_wR_factor_R_free                      ? 
_refine.ls_wR_factor_R_work                      ? 
_refine.occupancy_max                            ? 
_refine.occupancy_min                            ? 
_refine.solvent_model_details                    MASK 
_refine.solvent_model_param_bsol                 ? 
_refine.solvent_model_param_ksol                 ? 
_refine.pdbx_R_complete                          ? 
_refine.ls_R_factor_gt                           ? 
_refine.ls_goodness_of_fit_gt                    ? 
_refine.ls_goodness_of_fit_ref                   ? 
_refine.ls_shift_over_su_max                     ? 
_refine.ls_shift_over_su_max_lt                  ? 
_refine.ls_shift_over_su_mean                    ? 
_refine.ls_shift_over_su_mean_lt                 ? 
_refine.pdbx_ls_sigma_I                          ? 
_refine.pdbx_ls_sigma_F                          0.000 
_refine.pdbx_ls_sigma_Fsqd                       ? 
_refine.pdbx_data_cutoff_high_absF               ? 
_refine.pdbx_data_cutoff_high_rms_absF           ? 
_refine.pdbx_data_cutoff_low_absF                ? 
_refine.pdbx_isotropic_thermal_model             ? 
_refine.pdbx_ls_cross_valid_method               THROUGHOUT 
_refine.pdbx_method_to_determine_struct          'MOLECULAR REPLACEMENT' 
_refine.pdbx_starting_model                      5NIO 
_refine.pdbx_stereochemistry_target_values       'MAXIMUM LIKELIHOOD' 
_refine.pdbx_R_Free_selection_details            RANDOM 
_refine.pdbx_stereochem_target_val_spec_case     ? 
_refine.pdbx_overall_ESU_R                       0.0620 
_refine.pdbx_overall_ESU_R_Free                  0.0630 
_refine.pdbx_solvent_vdw_probe_radii             1.2000 
_refine.pdbx_solvent_ion_probe_radii             0.8000 
_refine.pdbx_solvent_shrinkage_radii             0.8000 
_refine.pdbx_real_space_R                        ? 
_refine.pdbx_density_correlation                 ? 
_refine.pdbx_pd_number_of_powder_patterns        ? 
_refine.pdbx_pd_number_of_points                 ? 
_refine.pdbx_pd_meas_number_of_points            ? 
_refine.pdbx_pd_proc_ls_prof_R_factor            ? 
_refine.pdbx_pd_proc_ls_prof_wR_factor           ? 
_refine.pdbx_pd_Marquardt_correlation_coeff      ? 
_refine.pdbx_pd_Fsqrd_R_factor                   ? 
_refine.pdbx_pd_ls_matrix_band_width             ? 
_refine.pdbx_overall_phase_error                 ? 
_refine.pdbx_overall_SU_R_free_Cruickshank_DPI   ? 
_refine.pdbx_overall_SU_R_free_Blow_DPI          ? 
_refine.pdbx_overall_SU_R_Blow_DPI               ? 
_refine.pdbx_TLS_residual_ADP_flag               ? 
_refine.pdbx_diffrn_id                           1 
_refine.overall_SU_B                             ? 
_refine.overall_SU_ML                            ? 
_refine.overall_SU_R_Cruickshank_DPI             ? 
_refine.overall_SU_R_free                        ? 
_refine.overall_FOM_free_R_set                   ? 
_refine.overall_FOM_work_R_set                   ? 
_refine.pdbx_average_fsc_overall                 ? 
_refine.pdbx_average_fsc_work                    ? 
_refine.pdbx_average_fsc_free                    ? 
# 
_refine_hist.pdbx_refine_id                   'X-RAY DIFFRACTION' 
_refine_hist.cycle_id                         final 
_refine_hist.details                          ? 
_refine_hist.d_res_high                       1.4700 
_refine_hist.d_res_low                        85.8700 
_refine_hist.number_atoms_solvent             112 
_refine_hist.number_atoms_total               1631 
_refine_hist.number_reflns_all                ? 
_refine_hist.number_reflns_obs                ? 
_refine_hist.number_reflns_R_free             ? 
_refine_hist.number_reflns_R_work             ? 
_refine_hist.R_factor_all                     ? 
_refine_hist.R_factor_obs                     ? 
_refine_hist.R_factor_R_free                  ? 
_refine_hist.R_factor_R_work                  ? 
_refine_hist.pdbx_number_residues_total       193 
_refine_hist.pdbx_B_iso_mean_ligand           30.27 
_refine_hist.pdbx_B_iso_mean_solvent          35.36 
_refine_hist.pdbx_number_atoms_protein        1499 
_refine_hist.pdbx_number_atoms_nucleic_acid   0 
_refine_hist.pdbx_number_atoms_ligand         20 
_refine_hist.pdbx_number_atoms_lipid          ? 
_refine_hist.pdbx_number_atoms_carb           ? 
_refine_hist.pdbx_pseudo_atom_details         ? 
# 
loop_
_refine_ls_restr.pdbx_refine_id 
_refine_ls_restr.criterion 
_refine_ls_restr.dev_ideal 
_refine_ls_restr.dev_ideal_target 
_refine_ls_restr.number 
_refine_ls_restr.rejects 
_refine_ls_restr.type 
_refine_ls_restr.weight 
_refine_ls_restr.pdbx_restraint_function 
'X-RAY DIFFRACTION' ? 0.017  0.013  1572 ? r_bond_refined_d       ? ? 
'X-RAY DIFFRACTION' ? 0.035  0.017  1454 ? r_bond_other_d         ? ? 
'X-RAY DIFFRACTION' ? 1.942  1.643  2145 ? r_angle_refined_deg    ? ? 
'X-RAY DIFFRACTION' ? 2.357  1.568  3354 ? r_angle_other_deg      ? ? 
'X-RAY DIFFRACTION' ? 5.275  5.000  198  ? r_dihedral_angle_1_deg ? ? 
'X-RAY DIFFRACTION' ? 34.547 21.461 89   ? r_dihedral_angle_2_deg ? ? 
'X-RAY DIFFRACTION' ? 13.084 15.000 245  ? r_dihedral_angle_3_deg ? ? 
'X-RAY DIFFRACTION' ? 18.386 15.000 13   ? r_dihedral_angle_4_deg ? ? 
'X-RAY DIFFRACTION' ? 0.119  0.200  211  ? r_chiral_restr         ? ? 
'X-RAY DIFFRACTION' ? 0.019  0.020  1793 ? r_gen_planes_refined   ? ? 
'X-RAY DIFFRACTION' ? 0.041  0.020  350  ? r_gen_planes_other     ? ? 
'X-RAY DIFFRACTION' ? 2.582  2.719  780  ? r_mcbond_it            ? ? 
'X-RAY DIFFRACTION' ? 2.572  2.716  779  ? r_mcbond_other         ? ? 
'X-RAY DIFFRACTION' ? 3.646  4.071  976  ? r_mcangle_it           ? ? 
# 
_refine_ls_shell.pdbx_refine_id                   'X-RAY DIFFRACTION' 
_refine_ls_shell.d_res_high                       1.4700 
_refine_ls_shell.d_res_low                        1.5080 
_refine_ls_shell.number_reflns_all                ? 
_refine_ls_shell.number_reflns_obs                ? 
_refine_ls_shell.number_reflns_R_free             ? 
_refine_ls_shell.number_reflns_R_work             3156 
_refine_ls_shell.percent_reflns_obs               99.7800 
_refine_ls_shell.percent_reflns_R_free            ? 
_refine_ls_shell.R_factor_all                     ? 
_refine_ls_shell.R_factor_obs                     ? 
_refine_ls_shell.R_factor_R_free                  ? 
_refine_ls_shell.R_factor_R_free_error            ? 
_refine_ls_shell.R_factor_R_work                  0.2940 
_refine_ls_shell.redundancy_reflns_all            ? 
_refine_ls_shell.redundancy_reflns_obs            ? 
_refine_ls_shell.wR_factor_all                    ? 
_refine_ls_shell.wR_factor_obs                    ? 
_refine_ls_shell.wR_factor_R_free                 ? 
_refine_ls_shell.wR_factor_R_work                 ? 
_refine_ls_shell.pdbx_R_complete                  ? 
_refine_ls_shell.pdbx_total_number_of_bins_used   20 
_refine_ls_shell.pdbx_phase_error                 ? 
_refine_ls_shell.pdbx_fsc_work                    ? 
_refine_ls_shell.pdbx_fsc_free                    ? 
# 
_struct.entry_id                     7NGD 
_struct.title                        'Mycobacterium tuberculosis transcriptional regulator EthR with bound inhibitory compound' 
_struct.pdbx_model_details           ? 
_struct.pdbx_formula_weight          ? 
_struct.pdbx_formula_weight_method   ? 
_struct.pdbx_model_type_details      ? 
_struct.pdbx_CASP_flag               N 
# 
_struct_keywords.entry_id        7NGD 
_struct_keywords.text            'ETHR, Tuberculosis, Inhibition, TRANSCRIPTION' 
_struct_keywords.pdbx_keywords   TRANSCRIPTION 
# 
loop_
_struct_asym.id 
_struct_asym.pdbx_blank_PDB_chainid_flag 
_struct_asym.pdbx_modified 
_struct_asym.entity_id 
_struct_asym.details 
A N N 1 ? 
B N N 2 ? 
C N N 3 ? 
# 
_struct_ref.id                         1 
_struct_ref.db_name                    UNP 
_struct_ref.db_code                    ETHR_MYCTU 
_struct_ref.pdbx_db_accession          P9WMC1 
_struct_ref.pdbx_db_isoform            ? 
_struct_ref.entity_id                  1 
_struct_ref.pdbx_seq_one_letter_code   
;MTTSAASQASLPRGRRTARPSGDDRELAILATAENLLEDRPLADISVDDLAKGAGISRPTFYFYFPSKEAVLLTLLDRVV
NQADMALQTLAENPADTDRENMWRTGINVFFETFGSHKAVTRAGQAARATSVEVAELWSTFMQKWIAYTAAVIDAERDRG
AAPRTLPAHELATALNLMNERTLFASFAGEQPSVPEARVLDTLVHIWVTSIYGENR
;
_struct_ref.pdbx_align_begin           1 
# 
_struct_ref_seq.align_id                      1 
_struct_ref_seq.ref_id                        1 
_struct_ref_seq.pdbx_PDB_id_code              7NGD 
_struct_ref_seq.pdbx_strand_id                A 
_struct_ref_seq.seq_align_beg                 1 
_struct_ref_seq.pdbx_seq_align_beg_ins_code   ? 
_struct_ref_seq.seq_align_end                 216 
_struct_ref_seq.pdbx_seq_align_end_ins_code   ? 
_struct_ref_seq.pdbx_db_accession             P9WMC1 
_struct_ref_seq.db_align_beg                  1 
_struct_ref_seq.pdbx_db_align_beg_ins_code    ? 
_struct_ref_seq.db_align_end                  216 
_struct_ref_seq.pdbx_db_align_end_ins_code    ? 
_struct_ref_seq.pdbx_auth_seq_align_beg       1 
_struct_ref_seq.pdbx_auth_seq_align_end       216 
# 
_pdbx_struct_assembly.id                   1 
_pdbx_struct_assembly.details              author_and_software_defined_assembly 
_pdbx_struct_assembly.method_details       PISA 
_pdbx_struct_assembly.oligomeric_details   dimeric 
_pdbx_struct_assembly.oligomeric_count     2 
# 
loop_
_pdbx_struct_assembly_prop.biol_id 
_pdbx_struct_assembly_prop.type 
_pdbx_struct_assembly_prop.value 
_pdbx_struct_assembly_prop.details 
1 'ABSA (A^2)' 2750  ? 
1 MORE         -24   ? 
1 'SSA (A^2)'  17170 ? 
# 
_pdbx_struct_assembly_gen.assembly_id       1 
_pdbx_struct_assembly_gen.oper_expression   1,2 
_pdbx_struct_assembly_gen.asym_id_list      A,B,C 
# 
_pdbx_struct_assembly_auth_evidence.id                     1 
_pdbx_struct_assembly_auth_evidence.assembly_id            1 
_pdbx_struct_assembly_auth_evidence.experimental_support   none 
_pdbx_struct_assembly_auth_evidence.details                ? 
# 
loop_
_pdbx_struct_oper_list.id 
_pdbx_struct_oper_list.type 
_pdbx_struct_oper_list.name 
_pdbx_struct_oper_list.symmetry_operation 
_pdbx_struct_oper_list.matrix[1][1] 
_pdbx_struct_oper_list.matrix[1][2] 
_pdbx_struct_oper_list.matrix[1][3] 
_pdbx_struct_oper_list.vector[1] 
_pdbx_struct_oper_list.matrix[2][1] 
_pdbx_struct_oper_list.matrix[2][2] 
_pdbx_struct_oper_list.matrix[2][3] 
_pdbx_struct_oper_list.vector[2] 
_pdbx_struct_oper_list.matrix[3][1] 
_pdbx_struct_oper_list.matrix[3][2] 
_pdbx_struct_oper_list.matrix[3][3] 
_pdbx_struct_oper_list.vector[3] 
1 'identity operation'         1_555 x,y,z  1.0000000000  0.0000000000  0.0000000000  0.0000000000  0.0000000000  1.0000000000  0.0000000000 0.0000000000 0.0000000000  0.0000000000 1.0000000000  0.0000000000   
2 'crystal symmetry operation' 7_555 y,x,-z -0.0235947704 -0.9116555705 -0.4102772327 -8.7660944471 -0.9116555705 -0.1488002583 0.3830699727 1.2697808151 -0.4102772327 0.3830699727 -0.8276049712 -23.6836520296 
# 
loop_
_struct_conf.conf_type_id 
_struct_conf.id 
_struct_conf.pdbx_PDB_helix_id 
_struct_conf.beg_label_comp_id 
_struct_conf.beg_label_asym_id 
_struct_conf.beg_label_seq_id 
_struct_conf.pdbx_beg_PDB_ins_code 
_struct_conf.end_label_comp_id 
_struct_conf.end_label_asym_id 
_struct_conf.end_label_seq_id 
_struct_conf.pdbx_end_PDB_ins_code 
_struct_conf.beg_auth_comp_id 
_struct_conf.beg_auth_asym_id 
_struct_conf.beg_auth_seq_id 
_struct_conf.end_auth_comp_id 
_struct_conf.end_auth_asym_id 
_struct_conf.end_auth_seq_id 
_struct_conf.pdbx_PDB_helix_class 
_struct_conf.details 
_struct_conf.pdbx_PDB_helix_length 
HELX_P HELX_P1  AA1 GLY A 22  ? GLU A 38  ? GLY A 22  GLU A 38  1 ? 17 
HELX_P HELX_P2  AA2 PRO A 41  ? ILE A 45  ? PRO A 41  ILE A 45  5 ? 5  
HELX_P HELX_P3  AA3 SER A 46  ? GLY A 55  ? SER A 46  GLY A 55  1 ? 10 
HELX_P HELX_P4  AA4 SER A 57  ? PHE A 65  ? SER A 57  PHE A 65  1 ? 9  
HELX_P HELX_P5  AA5 SER A 67  ? ASN A 93  ? SER A 67  ASN A 93  1 ? 27 
HELX_P HELX_P6  AA6 ASP A 98  ? SER A 116 ? ASP A 98  SER A 116 1 ? 19 
HELX_P HELX_P7  AA7 HIS A 117 ? ARG A 128 ? HIS A 117 ARG A 128 1 ? 12 
HELX_P HELX_P8  AA8 SER A 131 ? ARG A 159 ? SER A 131 ARG A 159 1 ? 29 
HELX_P HELX_P9  AA9 PRO A 167 ? ALA A 188 ? PRO A 167 ALA A 188 1 ? 22 
HELX_P HELX_P10 AB1 PRO A 195 ? GLY A 213 ? PRO A 195 GLY A 213 1 ? 19 
# 
_struct_conf_type.id          HELX_P 
_struct_conf_type.criteria    ? 
_struct_conf_type.reference   ? 
# 
_struct_mon_prot_cis.pdbx_id                1 
_struct_mon_prot_cis.label_comp_id          GLN 
_struct_mon_prot_cis.label_seq_id           191 
_struct_mon_prot_cis.label_asym_id          A 
_struct_mon_prot_cis.label_alt_id           . 
_struct_mon_prot_cis.pdbx_PDB_ins_code      ? 
_struct_mon_prot_cis.auth_comp_id           GLN 
_struct_mon_prot_cis.auth_seq_id            191 
_struct_mon_prot_cis.auth_asym_id           A 
_struct_mon_prot_cis.pdbx_label_comp_id_2   PRO 
_struct_mon_prot_cis.pdbx_label_seq_id_2    192 
_struct_mon_prot_cis.pdbx_label_asym_id_2   A 
_struct_mon_prot_cis.pdbx_PDB_ins_code_2    ? 
_struct_mon_prot_cis.pdbx_auth_comp_id_2    PRO 
_struct_mon_prot_cis.pdbx_auth_seq_id_2     192 
_struct_mon_prot_cis.pdbx_auth_asym_id_2    A 
_struct_mon_prot_cis.pdbx_PDB_model_num     1 
_struct_mon_prot_cis.pdbx_omega_angle       1.35 
# 
_struct_site.id                   AC1 
_struct_site.pdbx_evidence_code   Software 
_struct_site.pdbx_auth_asym_id    A 
_struct_site.pdbx_auth_comp_id    UAB 
_struct_site.pdbx_auth_seq_id     401 
_struct_site.pdbx_auth_ins_code   ? 
_struct_site.pdbx_num_residues    11 
_struct_site.details              'binding site for residue UAB A 401' 
# 
loop_
_struct_site_gen.id 
_struct_site_gen.site_id 
_struct_site_gen.pdbx_num_res 
_struct_site_gen.label_comp_id 
_struct_site_gen.label_asym_id 
_struct_site_gen.label_seq_id 
_struct_site_gen.pdbx_auth_ins_code 
_struct_site_gen.auth_comp_id 
_struct_site_gen.auth_asym_id 
_struct_site_gen.auth_seq_id 
_struct_site_gen.label_atom_id 
_struct_site_gen.label_alt_id 
_struct_site_gen.symmetry 
_struct_site_gen.details 
1  AC1 11 LEU A 87  ? LEU A 87  . ? 1_555 ? 
2  AC1 11 TRP A 103 ? TRP A 103 . ? 1_555 ? 
3  AC1 11 GLY A 106 ? GLY A 106 . ? 1_555 ? 
4  AC1 11 PHE A 110 ? PHE A 110 . ? 1_555 ? 
5  AC1 11 TRP A 138 ? TRP A 138 . ? 1_555 ? 
6  AC1 11 MET A 142 ? MET A 142 . ? 1_555 ? 
7  AC1 11 TRP A 145 ? TRP A 145 . ? 1_555 ? 
8  AC1 11 THR A 149 ? THR A 149 . ? 1_555 ? 
9  AC1 11 ASN A 176 ? ASN A 176 . ? 1_555 ? 
10 AC1 11 ASN A 179 ? ASN A 179 . ? 1_555 ? 
11 AC1 11 PHE A 184 ? PHE A 184 . ? 1_555 ? 
# 
_pdbx_validate_close_contact.id               1 
_pdbx_validate_close_contact.PDB_model_num    1 
_pdbx_validate_close_contact.auth_atom_id_1   O 
_pdbx_validate_close_contact.auth_asym_id_1   A 
_pdbx_validate_close_contact.auth_comp_id_1   HOH 
_pdbx_validate_close_contact.auth_seq_id_1    503 
_pdbx_validate_close_contact.PDB_ins_code_1   ? 
_pdbx_validate_close_contact.label_alt_id_1   ? 
_pdbx_validate_close_contact.auth_atom_id_2   O 
_pdbx_validate_close_contact.auth_asym_id_2   A 
_pdbx_validate_close_contact.auth_comp_id_2   HOH 
_pdbx_validate_close_contact.auth_seq_id_2    545 
_pdbx_validate_close_contact.PDB_ins_code_2   ? 
_pdbx_validate_close_contact.label_alt_id_2   ? 
_pdbx_validate_close_contact.dist             2.03 
# 
_pdbx_validate_symm_contact.id                1 
_pdbx_validate_symm_contact.PDB_model_num     1 
_pdbx_validate_symm_contact.auth_atom_id_1    O 
_pdbx_validate_symm_contact.auth_asym_id_1    A 
_pdbx_validate_symm_contact.auth_comp_id_1    HOH 
_pdbx_validate_symm_contact.auth_seq_id_1     554 
_pdbx_validate_symm_contact.PDB_ins_code_1    ? 
_pdbx_validate_symm_contact.label_alt_id_1    ? 
_pdbx_validate_symm_contact.site_symmetry_1   1_555 
_pdbx_validate_symm_contact.auth_atom_id_2    O 
_pdbx_validate_symm_contact.auth_asym_id_2    A 
_pdbx_validate_symm_contact.auth_comp_id_2    HOH 
_pdbx_validate_symm_contact.auth_seq_id_2     583 
_pdbx_validate_symm_contact.PDB_ins_code_2    ? 
_pdbx_validate_symm_contact.label_alt_id_2    ? 
_pdbx_validate_symm_contact.site_symmetry_2   7_556 
_pdbx_validate_symm_contact.dist              2.19 
# 
_pdbx_validate_torsion.id              1 
_pdbx_validate_torsion.PDB_model_num   1 
_pdbx_validate_torsion.auth_comp_id    THR 
_pdbx_validate_torsion.auth_asym_id    A 
_pdbx_validate_torsion.auth_seq_id     165 
_pdbx_validate_torsion.PDB_ins_code    ? 
_pdbx_validate_torsion.label_alt_id    ? 
_pdbx_validate_torsion.phi             -104.60 
_pdbx_validate_torsion.psi             -107.04 
# 
loop_
_pdbx_validate_planes.id 
_pdbx_validate_planes.PDB_model_num 
_pdbx_validate_planes.auth_comp_id 
_pdbx_validate_planes.auth_asym_id 
_pdbx_validate_planes.auth_seq_id 
_pdbx_validate_planes.PDB_ins_code 
_pdbx_validate_planes.label_alt_id 
_pdbx_validate_planes.rmsd 
_pdbx_validate_planes.type 
1 1 ARG A 25  ? ? 0.088 'SIDE CHAIN' 
2 1 ARG A 78  ? ? 0.101 'SIDE CHAIN' 
3 1 ARG A 122 ? ? 0.094 'SIDE CHAIN' 
4 1 ARG A 128 ? ? 0.113 'SIDE CHAIN' 
# 
loop_
_pdbx_struct_special_symmetry.id 
_pdbx_struct_special_symmetry.PDB_model_num 
_pdbx_struct_special_symmetry.auth_asym_id 
_pdbx_struct_special_symmetry.auth_comp_id 
_pdbx_struct_special_symmetry.auth_seq_id 
_pdbx_struct_special_symmetry.PDB_ins_code 
_pdbx_struct_special_symmetry.label_asym_id 
_pdbx_struct_special_symmetry.label_comp_id 
_pdbx_struct_special_symmetry.label_seq_id 
1 1 A HOH 525 ? C HOH . 
2 1 A HOH 600 ? C HOH . 
# 
_pdbx_entry_details.entry_id                 7NGD 
_pdbx_entry_details.has_ligand_of_interest   Y 
_pdbx_entry_details.compound_details         ? 
_pdbx_entry_details.source_details           ? 
_pdbx_entry_details.nonpolymer_details       ? 
_pdbx_entry_details.sequence_details         ? 
# 
loop_
_pdbx_unobs_or_zero_occ_residues.id 
_pdbx_unobs_or_zero_occ_residues.PDB_model_num 
_pdbx_unobs_or_zero_occ_residues.polymer_flag 
_pdbx_unobs_or_zero_occ_residues.occupancy_flag 
_pdbx_unobs_or_zero_occ_residues.auth_asym_id 
_pdbx_unobs_or_zero_occ_residues.auth_comp_id 
_pdbx_unobs_or_zero_occ_residues.auth_seq_id 
_pdbx_unobs_or_zero_occ_residues.PDB_ins_code 
_pdbx_unobs_or_zero_occ_residues.label_asym_id 
_pdbx_unobs_or_zero_occ_residues.label_comp_id 
_pdbx_unobs_or_zero_occ_residues.label_seq_id 
1  1 Y 1 A MET 1   ? A MET 1   
2  1 Y 1 A THR 2   ? A THR 2   
3  1 Y 1 A THR 3   ? A THR 3   
4  1 Y 1 A SER 4   ? A SER 4   
5  1 Y 1 A ALA 5   ? A ALA 5   
6  1 Y 1 A ALA 6   ? A ALA 6   
7  1 Y 1 A SER 7   ? A SER 7   
8  1 Y 1 A GLN 8   ? A GLN 8   
9  1 Y 1 A ALA 9   ? A ALA 9   
10 1 Y 1 A SER 10  ? A SER 10  
11 1 Y 1 A LEU 11  ? A LEU 11  
12 1 Y 1 A PRO 12  ? A PRO 12  
13 1 Y 1 A ARG 13  ? A ARG 13  
14 1 Y 1 A GLY 14  ? A GLY 14  
15 1 Y 1 A ARG 15  ? A ARG 15  
16 1 Y 1 A ARG 16  ? A ARG 16  
17 1 Y 1 A THR 17  ? A THR 17  
18 1 Y 1 A ALA 18  ? A ALA 18  
19 1 Y 1 A ARG 19  ? A ARG 19  
20 1 Y 1 A PRO 20  ? A PRO 20  
21 1 Y 1 A SER 21  ? A SER 21  
22 1 Y 1 A ASN 215 ? A ASN 215 
23 1 Y 1 A ARG 216 ? A ARG 216 
# 
loop_
_chem_comp_atom.comp_id 
_chem_comp_atom.atom_id 
_chem_comp_atom.type_symbol 
_chem_comp_atom.pdbx_aromatic_flag 
_chem_comp_atom.pdbx_stereo_config 
_chem_comp_atom.pdbx_ordinal 
ALA N    N N N 1   
ALA CA   C N S 2   
ALA C    C N N 3   
ALA O    O N N 4   
ALA CB   C N N 5   
ALA OXT  O N N 6   
ALA H    H N N 7   
ALA H2   H N N 8   
ALA HA   H N N 9   
ALA HB1  H N N 10  
ALA HB2  H N N 11  
ALA HB3  H N N 12  
ALA HXT  H N N 13  
ARG N    N N N 14  
ARG CA   C N S 15  
ARG C    C N N 16  
ARG O    O N N 17  
ARG CB   C N N 18  
ARG CG   C N N 19  
ARG CD   C N N 20  
ARG NE   N N N 21  
ARG CZ   C N N 22  
ARG NH1  N N N 23  
ARG NH2  N N N 24  
ARG OXT  O N N 25  
ARG H    H N N 26  
ARG H2   H N N 27  
ARG HA   H N N 28  
ARG HB2  H N N 29  
ARG HB3  H N N 30  
ARG HG2  H N N 31  
ARG HG3  H N N 32  
ARG HD2  H N N 33  
ARG HD3  H N N 34  
ARG HE   H N N 35  
ARG HH11 H N N 36  
ARG HH12 H N N 37  
ARG HH21 H N N 38  
ARG HH22 H N N 39  
ARG HXT  H N N 40  
ASN N    N N N 41  
ASN CA   C N S 42  
ASN C    C N N 43  
ASN O    O N N 44  
ASN CB   C N N 45  
ASN CG   C N N 46  
ASN OD1  O N N 47  
ASN ND2  N N N 48  
ASN OXT  O N N 49  
ASN H    H N N 50  
ASN H2   H N N 51  
ASN HA   H N N 52  
ASN HB2  H N N 53  
ASN HB3  H N N 54  
ASN HD21 H N N 55  
ASN HD22 H N N 56  
ASN HXT  H N N 57  
ASP N    N N N 58  
ASP CA   C N S 59  
ASP C    C N N 60  
ASP O    O N N 61  
ASP CB   C N N 62  
ASP CG   C N N 63  
ASP OD1  O N N 64  
ASP OD2  O N N 65  
ASP OXT  O N N 66  
ASP H    H N N 67  
ASP H2   H N N 68  
ASP HA   H N N 69  
ASP HB2  H N N 70  
ASP HB3  H N N 71  
ASP HD2  H N N 72  
ASP HXT  H N N 73  
GLN N    N N N 74  
GLN CA   C N S 75  
GLN C    C N N 76  
GLN O    O N N 77  
GLN CB   C N N 78  
GLN CG   C N N 79  
GLN CD   C N N 80  
GLN OE1  O N N 81  
GLN NE2  N N N 82  
GLN OXT  O N N 83  
GLN H    H N N 84  
GLN H2   H N N 85  
GLN HA   H N N 86  
GLN HB2  H N N 87  
GLN HB3  H N N 88  
GLN HG2  H N N 89  
GLN HG3  H N N 90  
GLN HE21 H N N 91  
GLN HE22 H N N 92  
GLN HXT  H N N 93  
GLU N    N N N 94  
GLU CA   C N S 95  
GLU C    C N N 96  
GLU O    O N N 97  
GLU CB   C N N 98  
GLU CG   C N N 99  
GLU CD   C N N 100 
GLU OE1  O N N 101 
GLU OE2  O N N 102 
GLU OXT  O N N 103 
GLU H    H N N 104 
GLU H2   H N N 105 
GLU HA   H N N 106 
GLU HB2  H N N 107 
GLU HB3  H N N 108 
GLU HG2  H N N 109 
GLU HG3  H N N 110 
GLU HE2  H N N 111 
GLU HXT  H N N 112 
GLY N    N N N 113 
GLY CA   C N N 114 
GLY C    C N N 115 
GLY O    O N N 116 
GLY OXT  O N N 117 
GLY H    H N N 118 
GLY H2   H N N 119 
GLY HA2  H N N 120 
GLY HA3  H N N 121 
GLY HXT  H N N 122 
HIS N    N N N 123 
HIS CA   C N S 124 
HIS C    C N N 125 
HIS O    O N N 126 
HIS CB   C N N 127 
HIS CG   C Y N 128 
HIS ND1  N Y N 129 
HIS CD2  C Y N 130 
HIS CE1  C Y N 131 
HIS NE2  N Y N 132 
HIS OXT  O N N 133 
HIS H    H N N 134 
HIS H2   H N N 135 
HIS HA   H N N 136 
HIS HB2  H N N 137 
HIS HB3  H N N 138 
HIS HD1  H N N 139 
HIS HD2  H N N 140 
HIS HE1  H N N 141 
HIS HE2  H N N 142 
HIS HXT  H N N 143 
HOH O    O N N 144 
HOH H1   H N N 145 
HOH H2   H N N 146 
ILE N    N N N 147 
ILE CA   C N S 148 
ILE C    C N N 149 
ILE O    O N N 150 
ILE CB   C N S 151 
ILE CG1  C N N 152 
ILE CG2  C N N 153 
ILE CD1  C N N 154 
ILE OXT  O N N 155 
ILE H    H N N 156 
ILE H2   H N N 157 
ILE HA   H N N 158 
ILE HB   H N N 159 
ILE HG12 H N N 160 
ILE HG13 H N N 161 
ILE HG21 H N N 162 
ILE HG22 H N N 163 
ILE HG23 H N N 164 
ILE HD11 H N N 165 
ILE HD12 H N N 166 
ILE HD13 H N N 167 
ILE HXT  H N N 168 
LEU N    N N N 169 
LEU CA   C N S 170 
LEU C    C N N 171 
LEU O    O N N 172 
LEU CB   C N N 173 
LEU CG   C N N 174 
LEU CD1  C N N 175 
LEU CD2  C N N 176 
LEU OXT  O N N 177 
LEU H    H N N 178 
LEU H2   H N N 179 
LEU HA   H N N 180 
LEU HB2  H N N 181 
LEU HB3  H N N 182 
LEU HG   H N N 183 
LEU HD11 H N N 184 
LEU HD12 H N N 185 
LEU HD13 H N N 186 
LEU HD21 H N N 187 
LEU HD22 H N N 188 
LEU HD23 H N N 189 
LEU HXT  H N N 190 
LYS N    N N N 191 
LYS CA   C N S 192 
LYS C    C N N 193 
LYS O    O N N 194 
LYS CB   C N N 195 
LYS CG   C N N 196 
LYS CD   C N N 197 
LYS CE   C N N 198 
LYS NZ   N N N 199 
LYS OXT  O N N 200 
LYS H    H N N 201 
LYS H2   H N N 202 
LYS HA   H N N 203 
LYS HB2  H N N 204 
LYS HB3  H N N 205 
LYS HG2  H N N 206 
LYS HG3  H N N 207 
LYS HD2  H N N 208 
LYS HD3  H N N 209 
LYS HE2  H N N 210 
LYS HE3  H N N 211 
LYS HZ1  H N N 212 
LYS HZ2  H N N 213 
LYS HZ3  H N N 214 
LYS HXT  H N N 215 
MET N    N N N 216 
MET CA   C N S 217 
MET C    C N N 218 
MET O    O N N 219 
MET CB   C N N 220 
MET CG   C N N 221 
MET SD   S N N 222 
MET CE   C N N 223 
MET OXT  O N N 224 
MET H    H N N 225 
MET H2   H N N 226 
MET HA   H N N 227 
MET HB2  H N N 228 
MET HB3  H N N 229 
MET HG2  H N N 230 
MET HG3  H N N 231 
MET HE1  H N N 232 
MET HE2  H N N 233 
MET HE3  H N N 234 
MET HXT  H N N 235 
PHE N    N N N 236 
PHE CA   C N S 237 
PHE C    C N N 238 
PHE O    O N N 239 
PHE CB   C N N 240 
PHE CG   C Y N 241 
PHE CD1  C Y N 242 
PHE CD2  C Y N 243 
PHE CE1  C Y N 244 
PHE CE2  C Y N 245 
PHE CZ   C Y N 246 
PHE OXT  O N N 247 
PHE H    H N N 248 
PHE H2   H N N 249 
PHE HA   H N N 250 
PHE HB2  H N N 251 
PHE HB3  H N N 252 
PHE HD1  H N N 253 
PHE HD2  H N N 254 
PHE HE1  H N N 255 
PHE HE2  H N N 256 
PHE HZ   H N N 257 
PHE HXT  H N N 258 
PRO N    N N N 259 
PRO CA   C N S 260 
PRO C    C N N 261 
PRO O    O N N 262 
PRO CB   C N N 263 
PRO CG   C N N 264 
PRO CD   C N N 265 
PRO OXT  O N N 266 
PRO H    H N N 267 
PRO HA   H N N 268 
PRO HB2  H N N 269 
PRO HB3  H N N 270 
PRO HG2  H N N 271 
PRO HG3  H N N 272 
PRO HD2  H N N 273 
PRO HD3  H N N 274 
PRO HXT  H N N 275 
SER N    N N N 276 
SER CA   C N S 277 
SER C    C N N 278 
SER O    O N N 279 
SER CB   C N N 280 
SER OG   O N N 281 
SER OXT  O N N 282 
SER H    H N N 283 
SER H2   H N N 284 
SER HA   H N N 285 
SER HB2  H N N 286 
SER HB3  H N N 287 
SER HG   H N N 288 
SER HXT  H N N 289 
THR N    N N N 290 
THR CA   C N S 291 
THR C    C N N 292 
THR O    O N N 293 
THR CB   C N R 294 
THR OG1  O N N 295 
THR CG2  C N N 296 
THR OXT  O N N 297 
THR H    H N N 298 
THR H2   H N N 299 
THR HA   H N N 300 
THR HB   H N N 301 
THR HG1  H N N 302 
THR HG21 H N N 303 
THR HG22 H N N 304 
THR HG23 H N N 305 
THR HXT  H N N 306 
TRP N    N N N 307 
TRP CA   C N S 308 
TRP C    C N N 309 
TRP O    O N N 310 
TRP CB   C N N 311 
TRP CG   C Y N 312 
TRP CD1  C Y N 313 
TRP CD2  C Y N 314 
TRP NE1  N Y N 315 
TRP CE2  C Y N 316 
TRP CE3  C Y N 317 
TRP CZ2  C Y N 318 
TRP CZ3  C Y N 319 
TRP CH2  C Y N 320 
TRP OXT  O N N 321 
TRP H    H N N 322 
TRP H2   H N N 323 
TRP HA   H N N 324 
TRP HB2  H N N 325 
TRP HB3  H N N 326 
TRP HD1  H N N 327 
TRP HE1  H N N 328 
TRP HE3  H N N 329 
TRP HZ2  H N N 330 
TRP HZ3  H N N 331 
TRP HH2  H N N 332 
TRP HXT  H N N 333 
TYR N    N N N 334 
TYR CA   C N S 335 
TYR C    C N N 336 
TYR O    O N N 337 
TYR CB   C N N 338 
TYR CG   C Y N 339 
TYR CD1  C Y N 340 
TYR CD2  C Y N 341 
TYR CE1  C Y N 342 
TYR CE2  C Y N 343 
TYR CZ   C Y N 344 
TYR OH   O N N 345 
TYR OXT  O N N 346 
TYR H    H N N 347 
TYR H2   H N N 348 
TYR HA   H N N 349 
TYR HB2  H N N 350 
TYR HB3  H N N 351 
TYR HD1  H N N 352 
TYR HD2  H N N 353 
TYR HE1  H N N 354 
TYR HE2  H N N 355 
TYR HH   H N N 356 
TYR HXT  H N N 357 
UAB C4   C N N 358 
UAB C14  C Y N 359 
UAB C5   C N N 360 
UAB C6   C N N 361 
UAB C11  C Y N 362 
UAB C7   C N N 363 
UAB C8   C N N 364 
UAB C9   C N N 365 
UAB C10  C Y N 366 
UAB C12  C Y N 367 
UAB C13  C Y N 368 
UAB N1   N N N 369 
UAB N2   N N N 370 
UAB C3   C N N 371 
UAB C1   C N N 372 
UAB C2   C N N 373 
UAB O1   O N N 374 
UAB C15  C Y N 375 
UAB C16  C N N 376 
UAB C17  C N N 377 
UAB H1   H N N 378 
UAB H2   H N N 379 
UAB H3   H N N 380 
UAB H4   H N N 381 
UAB H5   H N N 382 
UAB H6   H N N 383 
UAB H7   H N N 384 
UAB H8   H N N 385 
UAB H9   H N N 386 
UAB H10  H N N 387 
UAB H11  H N N 388 
UAB H12  H N N 389 
UAB H13  H N N 390 
UAB H14  H N N 391 
UAB H15  H N N 392 
UAB H16  H N N 393 
UAB H17  H N N 394 
UAB H18  H N N 395 
UAB H19  H N N 396 
UAB H20  H N N 397 
UAB H21  H N N 398 
UAB H22  H N N 399 
UAB H23  H N N 400 
UAB H24  H N N 401 
UAB H25  H N N 402 
UAB H26  H N N 403 
VAL N    N N N 404 
VAL CA   C N S 405 
VAL C    C N N 406 
VAL O    O N N 407 
VAL CB   C N N 408 
VAL CG1  C N N 409 
VAL CG2  C N N 410 
VAL OXT  O N N 411 
VAL H    H N N 412 
VAL H2   H N N 413 
VAL HA   H N N 414 
VAL HB   H N N 415 
VAL HG11 H N N 416 
VAL HG12 H N N 417 
VAL HG13 H N N 418 
VAL HG21 H N N 419 
VAL HG22 H N N 420 
VAL HG23 H N N 421 
VAL HXT  H N N 422 
# 
loop_
_chem_comp_bond.comp_id 
_chem_comp_bond.atom_id_1 
_chem_comp_bond.atom_id_2 
_chem_comp_bond.value_order 
_chem_comp_bond.pdbx_aromatic_flag 
_chem_comp_bond.pdbx_stereo_config 
_chem_comp_bond.pdbx_ordinal 
ALA N   CA   sing N N 1   
ALA N   H    sing N N 2   
ALA N   H2   sing N N 3   
ALA CA  C    sing N N 4   
ALA CA  CB   sing N N 5   
ALA CA  HA   sing N N 6   
ALA C   O    doub N N 7   
ALA C   OXT  sing N N 8   
ALA CB  HB1  sing N N 9   
ALA CB  HB2  sing N N 10  
ALA CB  HB3  sing N N 11  
ALA OXT HXT  sing N N 12  
ARG N   CA   sing N N 13  
ARG N   H    sing N N 14  
ARG N   H2   sing N N 15  
ARG CA  C    sing N N 16  
ARG CA  CB   sing N N 17  
ARG CA  HA   sing N N 18  
ARG C   O    doub N N 19  
ARG C   OXT  sing N N 20  
ARG CB  CG   sing N N 21  
ARG CB  HB2  sing N N 22  
ARG CB  HB3  sing N N 23  
ARG CG  CD   sing N N 24  
ARG CG  HG2  sing N N 25  
ARG CG  HG3  sing N N 26  
ARG CD  NE   sing N N 27  
ARG CD  HD2  sing N N 28  
ARG CD  HD3  sing N N 29  
ARG NE  CZ   sing N N 30  
ARG NE  HE   sing N N 31  
ARG CZ  NH1  sing N N 32  
ARG CZ  NH2  doub N N 33  
ARG NH1 HH11 sing N N 34  
ARG NH1 HH12 sing N N 35  
ARG NH2 HH21 sing N N 36  
ARG NH2 HH22 sing N N 37  
ARG OXT HXT  sing N N 38  
ASN N   CA   sing N N 39  
ASN N   H    sing N N 40  
ASN N   H2   sing N N 41  
ASN CA  C    sing N N 42  
ASN CA  CB   sing N N 43  
ASN CA  HA   sing N N 44  
ASN C   O    doub N N 45  
ASN C   OXT  sing N N 46  
ASN CB  CG   sing N N 47  
ASN CB  HB2  sing N N 48  
ASN CB  HB3  sing N N 49  
ASN CG  OD1  doub N N 50  
ASN CG  ND2  sing N N 51  
ASN ND2 HD21 sing N N 52  
ASN ND2 HD22 sing N N 53  
ASN OXT HXT  sing N N 54  
ASP N   CA   sing N N 55  
ASP N   H    sing N N 56  
ASP N   H2   sing N N 57  
ASP CA  C    sing N N 58  
ASP CA  CB   sing N N 59  
ASP CA  HA   sing N N 60  
ASP C   O    doub N N 61  
ASP C   OXT  sing N N 62  
ASP CB  CG   sing N N 63  
ASP CB  HB2  sing N N 64  
ASP CB  HB3  sing N N 65  
ASP CG  OD1  doub N N 66  
ASP CG  OD2  sing N N 67  
ASP OD2 HD2  sing N N 68  
ASP OXT HXT  sing N N 69  
GLN N   CA   sing N N 70  
GLN N   H    sing N N 71  
GLN N   H2   sing N N 72  
GLN CA  C    sing N N 73  
GLN CA  CB   sing N N 74  
GLN CA  HA   sing N N 75  
GLN C   O    doub N N 76  
GLN C   OXT  sing N N 77  
GLN CB  CG   sing N N 78  
GLN CB  HB2  sing N N 79  
GLN CB  HB3  sing N N 80  
GLN CG  CD   sing N N 81  
GLN CG  HG2  sing N N 82  
GLN CG  HG3  sing N N 83  
GLN CD  OE1  doub N N 84  
GLN CD  NE2  sing N N 85  
GLN NE2 HE21 sing N N 86  
GLN NE2 HE22 sing N N 87  
GLN OXT HXT  sing N N 88  
GLU N   CA   sing N N 89  
GLU N   H    sing N N 90  
GLU N   H2   sing N N 91  
GLU CA  C    sing N N 92  
GLU CA  CB   sing N N 93  
GLU CA  HA   sing N N 94  
GLU C   O    doub N N 95  
GLU C   OXT  sing N N 96  
GLU CB  CG   sing N N 97  
GLU CB  HB2  sing N N 98  
GLU CB  HB3  sing N N 99  
GLU CG  CD   sing N N 100 
GLU CG  HG2  sing N N 101 
GLU CG  HG3  sing N N 102 
GLU CD  OE1  doub N N 103 
GLU CD  OE2  sing N N 104 
GLU OE2 HE2  sing N N 105 
GLU OXT HXT  sing N N 106 
GLY N   CA   sing N N 107 
GLY N   H    sing N N 108 
GLY N   H2   sing N N 109 
GLY CA  C    sing N N 110 
GLY CA  HA2  sing N N 111 
GLY CA  HA3  sing N N 112 
GLY C   O    doub N N 113 
GLY C   OXT  sing N N 114 
GLY OXT HXT  sing N N 115 
HIS N   CA   sing N N 116 
HIS N   H    sing N N 117 
HIS N   H2   sing N N 118 
HIS CA  C    sing N N 119 
HIS CA  CB   sing N N 120 
HIS CA  HA   sing N N 121 
HIS C   O    doub N N 122 
HIS C   OXT  sing N N 123 
HIS CB  CG   sing N N 124 
HIS CB  HB2  sing N N 125 
HIS CB  HB3  sing N N 126 
HIS CG  ND1  sing Y N 127 
HIS CG  CD2  doub Y N 128 
HIS ND1 CE1  doub Y N 129 
HIS ND1 HD1  sing N N 130 
HIS CD2 NE2  sing Y N 131 
HIS CD2 HD2  sing N N 132 
HIS CE1 NE2  sing Y N 133 
HIS CE1 HE1  sing N N 134 
HIS NE2 HE2  sing N N 135 
HIS OXT HXT  sing N N 136 
HOH O   H1   sing N N 137 
HOH O   H2   sing N N 138 
ILE N   CA   sing N N 139 
ILE N   H    sing N N 140 
ILE N   H2   sing N N 141 
ILE CA  C    sing N N 142 
ILE CA  CB   sing N N 143 
ILE CA  HA   sing N N 144 
ILE C   O    doub N N 145 
ILE C   OXT  sing N N 146 
ILE CB  CG1  sing N N 147 
ILE CB  CG2  sing N N 148 
ILE CB  HB   sing N N 149 
ILE CG1 CD1  sing N N 150 
ILE CG1 HG12 sing N N 151 
ILE CG1 HG13 sing N N 152 
ILE CG2 HG21 sing N N 153 
ILE CG2 HG22 sing N N 154 
ILE CG2 HG23 sing N N 155 
ILE CD1 HD11 sing N N 156 
ILE CD1 HD12 sing N N 157 
ILE CD1 HD13 sing N N 158 
ILE OXT HXT  sing N N 159 
LEU N   CA   sing N N 160 
LEU N   H    sing N N 161 
LEU N   H2   sing N N 162 
LEU CA  C    sing N N 163 
LEU CA  CB   sing N N 164 
LEU CA  HA   sing N N 165 
LEU C   O    doub N N 166 
LEU C   OXT  sing N N 167 
LEU CB  CG   sing N N 168 
LEU CB  HB2  sing N N 169 
LEU CB  HB3  sing N N 170 
LEU CG  CD1  sing N N 171 
LEU CG  CD2  sing N N 172 
LEU CG  HG   sing N N 173 
LEU CD1 HD11 sing N N 174 
LEU CD1 HD12 sing N N 175 
LEU CD1 HD13 sing N N 176 
LEU CD2 HD21 sing N N 177 
LEU CD2 HD22 sing N N 178 
LEU CD2 HD23 sing N N 179 
LEU OXT HXT  sing N N 180 
LYS N   CA   sing N N 181 
LYS N   H    sing N N 182 
LYS N   H2   sing N N 183 
LYS CA  C    sing N N 184 
LYS CA  CB   sing N N 185 
LYS CA  HA   sing N N 186 
LYS C   O    doub N N 187 
LYS C   OXT  sing N N 188 
LYS CB  CG   sing N N 189 
LYS CB  HB2  sing N N 190 
LYS CB  HB3  sing N N 191 
LYS CG  CD   sing N N 192 
LYS CG  HG2  sing N N 193 
LYS CG  HG3  sing N N 194 
LYS CD  CE   sing N N 195 
LYS CD  HD2  sing N N 196 
LYS CD  HD3  sing N N 197 
LYS CE  NZ   sing N N 198 
LYS CE  HE2  sing N N 199 
LYS CE  HE3  sing N N 200 
LYS NZ  HZ1  sing N N 201 
LYS NZ  HZ2  sing N N 202 
LYS NZ  HZ3  sing N N 203 
LYS OXT HXT  sing N N 204 
MET N   CA   sing N N 205 
MET N   H    sing N N 206 
MET N   H2   sing N N 207 
MET CA  C    sing N N 208 
MET CA  CB   sing N N 209 
MET CA  HA   sing N N 210 
MET C   O    doub N N 211 
MET C   OXT  sing N N 212 
MET CB  CG   sing N N 213 
MET CB  HB2  sing N N 214 
MET CB  HB3  sing N N 215 
MET CG  SD   sing N N 216 
MET CG  HG2  sing N N 217 
MET CG  HG3  sing N N 218 
MET SD  CE   sing N N 219 
MET CE  HE1  sing N N 220 
MET CE  HE2  sing N N 221 
MET CE  HE3  sing N N 222 
MET OXT HXT  sing N N 223 
PHE N   CA   sing N N 224 
PHE N   H    sing N N 225 
PHE N   H2   sing N N 226 
PHE CA  C    sing N N 227 
PHE CA  CB   sing N N 228 
PHE CA  HA   sing N N 229 
PHE C   O    doub N N 230 
PHE C   OXT  sing N N 231 
PHE CB  CG   sing N N 232 
PHE CB  HB2  sing N N 233 
PHE CB  HB3  sing N N 234 
PHE CG  CD1  doub Y N 235 
PHE CG  CD2  sing Y N 236 
PHE CD1 CE1  sing Y N 237 
PHE CD1 HD1  sing N N 238 
PHE CD2 CE2  doub Y N 239 
PHE CD2 HD2  sing N N 240 
PHE CE1 CZ   doub Y N 241 
PHE CE1 HE1  sing N N 242 
PHE CE2 CZ   sing Y N 243 
PHE CE2 HE2  sing N N 244 
PHE CZ  HZ   sing N N 245 
PHE OXT HXT  sing N N 246 
PRO N   CA   sing N N 247 
PRO N   CD   sing N N 248 
PRO N   H    sing N N 249 
PRO CA  C    sing N N 250 
PRO CA  CB   sing N N 251 
PRO CA  HA   sing N N 252 
PRO C   O    doub N N 253 
PRO C   OXT  sing N N 254 
PRO CB  CG   sing N N 255 
PRO CB  HB2  sing N N 256 
PRO CB  HB3  sing N N 257 
PRO CG  CD   sing N N 258 
PRO CG  HG2  sing N N 259 
PRO CG  HG3  sing N N 260 
PRO CD  HD2  sing N N 261 
PRO CD  HD3  sing N N 262 
PRO OXT HXT  sing N N 263 
SER N   CA   sing N N 264 
SER N   H    sing N N 265 
SER N   H2   sing N N 266 
SER CA  C    sing N N 267 
SER CA  CB   sing N N 268 
SER CA  HA   sing N N 269 
SER C   O    doub N N 270 
SER C   OXT  sing N N 271 
SER CB  OG   sing N N 272 
SER CB  HB2  sing N N 273 
SER CB  HB3  sing N N 274 
SER OG  HG   sing N N 275 
SER OXT HXT  sing N N 276 
THR N   CA   sing N N 277 
THR N   H    sing N N 278 
THR N   H2   sing N N 279 
THR CA  C    sing N N 280 
THR CA  CB   sing N N 281 
THR CA  HA   sing N N 282 
THR C   O    doub N N 283 
THR C   OXT  sing N N 284 
THR CB  OG1  sing N N 285 
THR CB  CG2  sing N N 286 
THR CB  HB   sing N N 287 
THR OG1 HG1  sing N N 288 
THR CG2 HG21 sing N N 289 
THR CG2 HG22 sing N N 290 
THR CG2 HG23 sing N N 291 
THR OXT HXT  sing N N 292 
TRP N   CA   sing N N 293 
TRP N   H    sing N N 294 
TRP N   H2   sing N N 295 
TRP CA  C    sing N N 296 
TRP CA  CB   sing N N 297 
TRP CA  HA   sing N N 298 
TRP C   O    doub N N 299 
TRP C   OXT  sing N N 300 
TRP CB  CG   sing N N 301 
TRP CB  HB2  sing N N 302 
TRP CB  HB3  sing N N 303 
TRP CG  CD1  doub Y N 304 
TRP CG  CD2  sing Y N 305 
TRP CD1 NE1  sing Y N 306 
TRP CD1 HD1  sing N N 307 
TRP CD2 CE2  doub Y N 308 
TRP CD2 CE3  sing Y N 309 
TRP NE1 CE2  sing Y N 310 
TRP NE1 HE1  sing N N 311 
TRP CE2 CZ2  sing Y N 312 
TRP CE3 CZ3  doub Y N 313 
TRP CE3 HE3  sing N N 314 
TRP CZ2 CH2  doub Y N 315 
TRP CZ2 HZ2  sing N N 316 
TRP CZ3 CH2  sing Y N 317 
TRP CZ3 HZ3  sing N N 318 
TRP CH2 HH2  sing N N 319 
TRP OXT HXT  sing N N 320 
TYR N   CA   sing N N 321 
TYR N   H    sing N N 322 
TYR N   H2   sing N N 323 
TYR CA  C    sing N N 324 
TYR CA  CB   sing N N 325 
TYR CA  HA   sing N N 326 
TYR C   O    doub N N 327 
TYR C   OXT  sing N N 328 
TYR CB  CG   sing N N 329 
TYR CB  HB2  sing N N 330 
TYR CB  HB3  sing N N 331 
TYR CG  CD1  doub Y N 332 
TYR CG  CD2  sing Y N 333 
TYR CD1 CE1  sing Y N 334 
TYR CD1 HD1  sing N N 335 
TYR CD2 CE2  doub Y N 336 
TYR CD2 HD2  sing N N 337 
TYR CE1 CZ   doub Y N 338 
TYR CE1 HE1  sing N N 339 
TYR CE2 CZ   sing Y N 340 
TYR CE2 HE2  sing N N 341 
TYR CZ  OH   sing N N 342 
TYR OH  HH   sing N N 343 
TYR OXT HXT  sing N N 344 
UAB O1  C5   doub N N 345 
UAB C16 C17  sing N N 346 
UAB C16 N1   sing N N 347 
UAB C17 C2   sing N N 348 
UAB C5  N1   sing N N 349 
UAB C5  N2   sing N N 350 
UAB N1  C4   sing N N 351 
UAB C2  C1   sing N N 352 
UAB C2  C3   sing N N 353 
UAB C6  N2   sing N N 354 
UAB C6  C7   sing N N 355 
UAB C4  C3   sing N N 356 
UAB C8  C7   sing N N 357 
UAB C8  C9   sing N N 358 
UAB C14 C15  doub Y N 359 
UAB C14 C13  sing Y N 360 
UAB C15 C10  sing Y N 361 
UAB C13 C12  doub Y N 362 
UAB C10 C9   sing N N 363 
UAB C10 C11  doub Y N 364 
UAB C12 C11  sing Y N 365 
UAB C4  H1   sing N N 366 
UAB C4  H2   sing N N 367 
UAB C14 H3   sing N N 368 
UAB C6  H4   sing N N 369 
UAB C6  H5   sing N N 370 
UAB C11 H6   sing N N 371 
UAB C7  H7   sing N N 372 
UAB C7  H8   sing N N 373 
UAB C8  H9   sing N N 374 
UAB C8  H10  sing N N 375 
UAB C9  H11  sing N N 376 
UAB C9  H12  sing N N 377 
UAB C12 H13  sing N N 378 
UAB C13 H14  sing N N 379 
UAB N2  H15  sing N N 380 
UAB C3  H16  sing N N 381 
UAB C3  H17  sing N N 382 
UAB C1  H18  sing N N 383 
UAB C1  H19  sing N N 384 
UAB C1  H20  sing N N 385 
UAB C2  H21  sing N N 386 
UAB C15 H22  sing N N 387 
UAB C16 H23  sing N N 388 
UAB C16 H24  sing N N 389 
UAB C17 H25  sing N N 390 
UAB C17 H26  sing N N 391 
VAL N   CA   sing N N 392 
VAL N   H    sing N N 393 
VAL N   H2   sing N N 394 
VAL CA  C    sing N N 395 
VAL CA  CB   sing N N 396 
VAL CA  HA   sing N N 397 
VAL C   O    doub N N 398 
VAL C   OXT  sing N N 399 
VAL CB  CG1  sing N N 400 
VAL CB  CG2  sing N N 401 
VAL CB  HB   sing N N 402 
VAL CG1 HG11 sing N N 403 
VAL CG1 HG12 sing N N 404 
VAL CG1 HG13 sing N N 405 
VAL CG2 HG21 sing N N 406 
VAL CG2 HG22 sing N N 407 
VAL CG2 HG23 sing N N 408 
VAL OXT HXT  sing N N 409 
# 
_pdbx_entity_instance_feature.ordinal        1 
_pdbx_entity_instance_feature.comp_id        UAB 
_pdbx_entity_instance_feature.asym_id        ? 
_pdbx_entity_instance_feature.seq_num        ? 
_pdbx_entity_instance_feature.auth_comp_id   UAB 
_pdbx_entity_instance_feature.auth_asym_id   ? 
_pdbx_entity_instance_feature.auth_seq_num   ? 
_pdbx_entity_instance_feature.feature_type   'SUBJECT OF INVESTIGATION' 
_pdbx_entity_instance_feature.details        ? 
# 
_pdbx_initial_refinement_model.id               1 
_pdbx_initial_refinement_model.entity_id_list   ? 
_pdbx_initial_refinement_model.type             'experimental model' 
_pdbx_initial_refinement_model.source_name      PDB 
_pdbx_initial_refinement_model.accession_code   5NIO 
_pdbx_initial_refinement_model.details          ? 
# 
_atom_sites.entry_id                    7NGD 
_atom_sites.Cartn_transf_matrix[1][1]   ? 
_atom_sites.Cartn_transf_matrix[1][2]   ? 
_atom_sites.Cartn_transf_matrix[1][3]   ? 
_atom_sites.Cartn_transf_matrix[2][1]   ? 
_atom_sites.Cartn_transf_matrix[2][2]   ? 
_atom_sites.Cartn_transf_matrix[2][3]   ? 
_atom_sites.Cartn_transf_matrix[3][1]   ? 
_atom_sites.Cartn_transf_matrix[3][2]   ? 
_atom_sites.Cartn_transf_matrix[3][3]   ? 
_atom_sites.Cartn_transf_vector[1]      ? 
_atom_sites.Cartn_transf_vector[2]      ? 
_atom_sites.Cartn_transf_vector[3]      ? 
_atom_sites.fract_transf_matrix[1][1]   -0.00191085 
_atom_sites.fract_transf_matrix[1][2]   0.00367575 
_atom_sites.fract_transf_matrix[1][3]   0.00711592 
_atom_sites.fract_transf_matrix[2][1]   -0.00622543 
_atom_sites.fract_transf_matrix[2][2]   0.00392098 
_atom_sites.fract_transf_matrix[2][3]   -0.00369712 
_atom_sites.fract_transf_matrix[3][1]   -0.01815052 
_atom_sites.fract_transf_matrix[3][2]   -0.02246964 
_atom_sites.fract_transf_matrix[3][3]   0.00673279 
_atom_sites.fract_transf_vector[1]      -0.140270 
_atom_sites.fract_transf_vector[2]      -0.287382 
_atom_sites.fract_transf_vector[3]      0.014440 
_atom_sites.solution_primary            ? 
_atom_sites.solution_secondary          ? 
_atom_sites.solution_hydrogens          ? 
_atom_sites.special_details             ? 
# 
loop_
_atom_type.symbol 
C 
N 
O 
S 
# 
loop_
_atom_site.group_PDB 
_atom_site.id 
_atom_site.type_symbol 
_atom_site.label_atom_id 
_atom_site.label_alt_id 
_atom_site.label_comp_id 
_atom_site.label_asym_id 
_atom_site.label_entity_id 
_atom_site.label_seq_id 
_atom_site.pdbx_PDB_ins_code 
_atom_site.Cartn_x 
_atom_site.Cartn_y 
_atom_site.Cartn_z 
_atom_site.occupancy 
_atom_site.B_iso_or_equiv 
_atom_site.pdbx_formal_charge 
_atom_site.auth_seq_id 
_atom_site.auth_comp_id 
_atom_site.auth_asym_id 
_atom_site.auth_atom_id 
_atom_site.pdbx_PDB_model_num 
ATOM   1    N N   . GLY A 1 22  ? 20.790  -13.775 13.281  1.00 59.65 ? 22  GLY A N   1 
ATOM   2    C CA  . GLY A 1 22  ? 19.662  -14.686 12.872  1.00 62.42 ? 22  GLY A CA  1 
ATOM   3    C C   . GLY A 1 22  ? 18.532  -13.885 12.249  1.00 66.88 ? 22  GLY A C   1 
ATOM   4    O O   . GLY A 1 22  ? 18.419  -13.803 11.026  1.00 58.13 ? 22  GLY A O   1 
ATOM   5    N N   . ASP A 1 23  ? 17.711  -13.264 13.107  1.00 63.39 ? 23  ASP A N   1 
ATOM   6    C CA  . ASP A 1 23  ? 16.863  -12.141 12.711  1.00 67.64 ? 23  ASP A CA  1 
ATOM   7    C C   . ASP A 1 23  ? 17.726  -11.094 12.006  1.00 65.88 ? 23  ASP A C   1 
ATOM   8    O O   . ASP A 1 23  ? 17.264  -10.456 11.092  1.00 60.37 ? 23  ASP A O   1 
ATOM   9    C CB  . ASP A 1 23  ? 16.186  -11.447 13.895  1.00 68.18 ? 23  ASP A CB  1 
ATOM   10   C CG  . ASP A 1 23  ? 15.223  -12.327 14.664  1.00 73.52 ? 23  ASP A CG  1 
ATOM   11   O OD1 . ASP A 1 23  ? 14.701  -13.278 14.063  1.00 77.49 ? 23  ASP A OD1 1 
ATOM   12   O OD2 . ASP A 1 23  ? 15.007  -12.055 15.863  1.00 81.26 ? 23  ASP A OD2 1 
ATOM   13   N N   . ASP A 1 24  ? 18.972  -10.932 12.471  1.00 62.46 ? 24  ASP A N   1 
ATOM   14   C CA  . ASP A 1 24  ? 19.867  -9.890  12.004  1.00 56.76 ? 24  ASP A CA  1 
ATOM   15   C C   . ASP A 1 24  ? 20.290  -10.125 10.546  1.00 48.75 ? 24  ASP A C   1 
ATOM   16   O O   . ASP A 1 24  ? 20.316  -9.176  9.762   1.00 41.19 ? 24  ASP A O   1 
ATOM   17   C CB  . ASP A 1 24  ? 21.059  -9.732  12.950  1.00 55.94 ? 24  ASP A CB  1 
ATOM   18   C CG  . ASP A 1 24  ? 20.680  -9.070  14.269  1.00 61.00 ? 24  ASP A CG  1 
ATOM   19   O OD1 . ASP A 1 24  ? 19.469  -8.816  14.478  1.00 60.03 ? 24  ASP A OD1 1 
ATOM   20   O OD2 . ASP A 1 24  ? 21.594  -8.818  15.088  1.00 63.33 ? 24  ASP A OD2 1 
ATOM   21   N N   . ARG A 1 25  ? 20.636  -11.365 10.178  1.00 41.20 ? 25  ARG A N   1 
ATOM   22   C CA  . ARG A 1 25  ? 21.041  -11.642 8.796   1.00 42.70 ? 25  ARG A CA  1 
ATOM   23   C C   . ARG A 1 25  ? 19.807  -11.473 7.885   1.00 38.12 ? 25  ARG A C   1 
ATOM   24   O O   . ARG A 1 25  ? 19.905  -10.875 6.832   1.00 34.49 ? 25  ARG A O   1 
ATOM   25   C CB  . ARG A 1 25  ? 21.777  -12.985 8.708   1.00 44.25 ? 25  ARG A CB  1 
ATOM   26   C CG  . ARG A 1 25  ? 23.241  -12.885 9.133   1.00 48.46 ? 25  ARG A CG  1 
ATOM   27   C CD  . ARG A 1 25  ? 24.079  -14.146 8.923   1.00 51.46 ? 25  ARG A CD  1 
ATOM   28   N NE  . ARG A 1 25  ? 23.797  -15.147 9.939   1.00 51.97 ? 25  ARG A NE  1 
ATOM   29   C CZ  . ARG A 1 25  ? 24.627  -16.102 10.326  1.00 51.11 ? 25  ARG A CZ  1 
ATOM   30   N NH1 . ARG A 1 25  ? 25.664  -16.436 9.581   1.00 52.63 ? 25  ARG A NH1 1 
ATOM   31   N NH2 . ARG A 1 25  ? 24.422  -16.703 11.478  1.00 49.40 ? 25  ARG A NH2 1 
ATOM   32   N N   . GLU A 1 26  ? 18.647  -11.948 8.337   1.00 34.71 ? 26  GLU A N   1 
ATOM   33   C CA  . GLU A 1 26  ? 17.415  -11.769 7.587   1.00 38.08 ? 26  GLU A CA  1 
ATOM   34   C C   . GLU A 1 26  ? 17.101  -10.272 7.397   1.00 35.65 ? 26  GLU A C   1 
ATOM   35   O O   . GLU A 1 26  ? 16.774  -9.820  6.273   1.00 35.61 ? 26  GLU A O   1 
ATOM   36   C CB  . GLU A 1 26  ? 16.276  -12.497 8.293   1.00 42.25 ? 26  GLU A CB  1 
ATOM   37   C CG  . GLU A 1 26  ? 15.154  -12.791 7.337   1.00 44.74 ? 26  GLU A CG  1 
ATOM   38   C CD  . GLU A 1 26  ? 13.925  -13.396 7.981   1.00 53.83 ? 26  GLU A CD  1 
ATOM   39   O OE1 . GLU A 1 26  ? 14.113  -14.278 8.848   1.00 53.42 ? 26  GLU A OE1 1 
ATOM   40   O OE2 . GLU A 1 26  ? 12.800  -12.982 7.596   1.00 53.21 ? 26  GLU A OE2 1 
ATOM   41   N N   . LEU A 1 27  ? 17.189  -9.503  8.488   1.00 36.40 ? 27  LEU A N   1 
ATOM   42   C CA  . LEU A 1 27  ? 16.919  -8.056  8.445   1.00 35.89 ? 27  LEU A CA  1 
ATOM   43   C C   . LEU A 1 27  ? 17.908  -7.374  7.480   1.00 33.50 ? 27  LEU A C   1 
ATOM   44   O O   . LEU A 1 27  ? 17.570  -6.429  6.745   1.00 31.55 ? 27  LEU A O   1 
ATOM   45   C CB  . LEU A 1 27  ? 17.012  -7.457  9.857   1.00 41.76 ? 27  LEU A CB  1 
ATOM   46   C CG  . LEU A 1 27  ? 15.842  -7.711  10.815  1.00 46.84 ? 27  LEU A CG  1 
ATOM   47   C CD1 . LEU A 1 27  ? 16.157  -7.123  12.177  1.00 49.32 ? 27  LEU A CD1 1 
ATOM   48   C CD2 . LEU A 1 27  ? 14.516  -7.154  10.298  1.00 48.24 ? 27  LEU A CD2 1 
ATOM   49   N N   . ALA A 1 28  ? 19.164  -7.838  7.487   1.00 33.33 ? 28  ALA A N   1 
ATOM   50   C CA  . ALA A 1 28  ? 20.176  -7.288  6.612   1.00 31.04 ? 28  ALA A CA  1 
ATOM   51   C C   . ALA A 1 28  ? 19.858  -7.603  5.155   1.00 27.09 ? 28  ALA A C   1 
ATOM   52   O O   . ALA A 1 28  ? 20.118  -6.810  4.262   1.00 28.58 ? 28  ALA A O   1 
ATOM   53   C CB  . ALA A 1 28  ? 21.539  -7.841  6.995   1.00 32.27 ? 28  ALA A CB  1 
ATOM   54   N N   . ILE A 1 29  ? 19.358  -8.820  4.873   1.00 26.96 ? 29  ILE A N   1 
ATOM   55   C CA  . ILE A 1 29  ? 19.058  -9.186  3.536   1.00 24.15 ? 29  ILE A CA  1 
ATOM   56   C C   . ILE A 1 29  ? 17.917  -8.239  3.067   1.00 24.76 ? 29  ILE A C   1 
ATOM   57   O O   . ILE A 1 29  ? 17.940  -7.751  1.968   1.00 26.53 ? 29  ILE A O   1 
ATOM   58   C CB  . ILE A 1 29  ? 18.633  -10.673 3.416   1.00 25.64 ? 29  ILE A CB  1 
ATOM   59   C CG1 . ILE A 1 29  ? 19.822  -11.623 3.638   1.00 25.86 ? 29  ILE A CG1 1 
ATOM   60   C CG2 . ILE A 1 29  ? 17.984  -10.921 2.084   1.00 25.23 ? 29  ILE A CG2 1 
ATOM   61   C CD1 . ILE A 1 29  ? 19.428  -13.096 3.758   1.00 26.09 ? 29  ILE A CD1 1 
ATOM   62   N N   . LEU A 1 30  ? 16.903  -8.108  3.914   1.00 24.63 ? 30  LEU A N   1 
ATOM   63   C CA  . LEU A 1 30  ? 15.713  -7.262  3.528   1.00 24.78 ? 30  LEU A CA  1 
ATOM   64   C C   . LEU A 1 30  ? 16.150  -5.808  3.275   1.00 23.64 ? 30  LEU A C   1 
ATOM   65   O O   . LEU A 1 30  ? 15.734  -5.225  2.240   1.00 27.06 ? 30  LEU A O   1 
ATOM   66   C CB  . LEU A 1 30  ? 14.707  -7.376  4.649   1.00 26.83 ? 30  LEU A CB  1 
ATOM   67   C CG  . LEU A 1 30  ? 14.018  -8.740  4.737   1.00 27.27 ? 30  LEU A CG  1 
ATOM   68   C CD1 . LEU A 1 30  ? 13.385  -8.854  6.102   1.00 30.89 ? 30  LEU A CD1 1 
ATOM   69   C CD2 . LEU A 1 30  ? 13.013  -8.930  3.592   1.00 29.48 ? 30  LEU A CD2 1 
ATOM   70   N N   . ALA A 1 31  ? 17.026  -5.287  4.149   1.00 26.40 ? 31  ALA A N   1 
ATOM   71   C CA  . ALA A 1 31  ? 17.495  -3.901  4.047   1.00 27.75 ? 31  ALA A CA  1 
ATOM   72   C C   . ALA A 1 31  ? 18.299  -3.727  2.768   1.00 30.89 ? 31  ALA A C   1 
ATOM   73   O O   . ALA A 1 31  ? 18.119  -2.737  2.021   1.00 25.81 ? 31  ALA A O   1 
ATOM   74   C CB  . ALA A 1 31  ? 18.275  -3.493  5.271   1.00 29.81 ? 31  ALA A CB  1 
ATOM   75   N N   . THR A 1 32  ? 19.177  -4.704  2.444   1.00 27.03 ? 32  THR A N   1 
ATOM   76   C CA  . THR A 1 32  ? 19.950  -4.653  1.212   1.00 27.13 ? 32  THR A CA  1 
ATOM   77   C C   . THR A 1 32  ? 19.011  -4.645  -0.011  1.00 27.47 ? 32  THR A C   1 
ATOM   78   O O   . THR A 1 32  ? 19.189  -3.875  -0.947  1.00 27.61 ? 32  THR A O   1 
ATOM   79   C CB  . THR A 1 32  ? 20.955  -5.824  1.139   1.00 26.20 ? 32  THR A CB  1 
ATOM   80   O OG1 . THR A 1 32  ? 21.826  -5.685  2.263   1.00 29.67 ? 32  THR A OG1 1 
ATOM   81   C CG2 . THR A 1 32  ? 21.647  -5.916  -0.188  1.00 30.45 ? 32  THR A CG2 1 
ATOM   82   N N   . ALA A 1 33  ? 18.008  -5.541  -0.023  1.00 24.35 ? 33  ALA A N   1 
ATOM   83   C CA  . ALA A 1 33  ? 17.125  -5.656  -1.106  1.00 24.36 ? 33  ALA A CA  1 
ATOM   84   C C   . ALA A 1 33  ? 16.389  -4.313  -1.344  1.00 24.74 ? 33  ALA A C   1 
ATOM   85   O O   . ALA A 1 33  ? 16.254  -3.885  -2.476  1.00 25.94 ? 33  ALA A O   1 
ATOM   86   C CB  . ALA A 1 33  ? 16.149  -6.773  -0.847  1.00 25.65 ? 33  ALA A CB  1 
ATOM   87   N N   . GLU A 1 34  ? 15.888  -3.728  -0.261  1.00 25.04 ? 34  GLU A N   1 
ATOM   88   C CA  . GLU A 1 34  ? 15.073  -2.472  -0.399  1.00 24.51 ? 34  GLU A CA  1 
ATOM   89   C C   . GLU A 1 34  ? 15.977  -1.369  -0.953  1.00 28.35 ? 34  GLU A C   1 
ATOM   90   O O   . GLU A 1 34  ? 15.594  -0.600  -1.859  1.00 27.58 ? 34  GLU A O   1 
ATOM   91   C CB  . GLU A 1 34  ? 14.470  -2.105  0.936   1.00 25.31 ? 34  GLU A CB  1 
ATOM   92   C CG  . GLU A 1 34  ? 13.537  -0.890  0.789   1.00 28.31 ? 34  GLU A CG  1 
ATOM   93   C CD  . GLU A 1 34  ? 12.563  -0.620  1.919   1.00 34.07 ? 34  GLU A CD  1 
ATOM   94   O OE1 . GLU A 1 34  ? 12.732  -1.157  3.029   1.00 33.43 ? 34  GLU A OE1 1 
ATOM   95   O OE2 . GLU A 1 34  ? 11.612  0.157   1.672   1.00 29.65 ? 34  GLU A OE2 1 
ATOM   96   N N   . ASN A 1 35  ? 17.223  -1.374  -0.476  1.00 26.95 ? 35  ASN A N   1 
ATOM   97   C CA  . ASN A 1 35  ? 18.215  -0.370  -0.919  1.00 31.82 ? 35  ASN A CA  1 
ATOM   98   C C   . ASN A 1 35  ? 18.536  -0.581  -2.408  1.00 27.91 ? 35  ASN A C   1 
ATOM   99   O O   . ASN A 1 35  ? 18.540  0.371   -3.191  1.00 31.68 ? 35  ASN A O   1 
ATOM   100  C CB  . ASN A 1 35  ? 19.429  -0.345  0.014   1.00 33.28 ? 35  ASN A CB  1 
ATOM   101  C CG  . ASN A 1 35  ? 20.488  0.613   -0.492  1.00 45.84 ? 35  ASN A CG  1 
ATOM   102  O OD1 . ASN A 1 35  ? 20.463  1.793   -0.144  1.00 45.12 ? 35  ASN A OD1 1 
ATOM   103  N ND2 . ASN A 1 35  ? 21.357  0.124   -1.372  1.00 45.38 ? 35  ASN A ND2 1 
ATOM   104  N N   . LEU A 1 36  ? 18.797  -1.817  -2.857  1.00 28.28 ? 36  LEU A N   1 
ATOM   105  C CA  . LEU A 1 36  ? 19.090  -2.059  -4.256  1.00 29.04 ? 36  LEU A CA  1 
ATOM   106  C C   . LEU A 1 36  ? 17.894  -1.789  -5.188  1.00 32.42 ? 36  LEU A C   1 
ATOM   107  O O   . LEU A 1 36  ? 18.072  -1.433  -6.352  1.00 33.22 ? 36  LEU A O   1 
ATOM   108  C CB  . LEU A 1 36  ? 19.620  -3.479  -4.444  1.00 30.59 ? 36  LEU A CB  1 
ATOM   109  C CG  . LEU A 1 36  ? 20.967  -3.729  -3.778  1.00 32.94 ? 36  LEU A CG  1 
ATOM   110  C CD1 . LEU A 1 36  ? 21.392  -5.165  -4.039  1.00 33.91 ? 36  LEU A CD1 1 
ATOM   111  C CD2 . LEU A 1 36  ? 22.017  -2.711  -4.251  1.00 34.50 ? 36  LEU A CD2 1 
ATOM   112  N N   . LEU A 1 37  ? 16.668  -2.052  -4.713  1.00 31.93 ? 37  LEU A N   1 
ATOM   113  C CA  . LEU A 1 37  ? 15.475  -1.823  -5.532  1.00 28.25 ? 37  LEU A CA  1 
ATOM   114  C C   . LEU A 1 37  ? 15.277  -0.325  -5.853  1.00 27.99 ? 37  LEU A C   1 
ATOM   115  O O   . LEU A 1 37  ? 14.550  -0.016  -6.771  1.00 29.67 ? 37  LEU A O   1 
ATOM   116  C CB  . LEU A 1 37  ? 14.271  -2.406  -4.789  1.00 30.04 ? 37  LEU A CB  1 
ATOM   117  C CG  . LEU A 1 37  ? 14.103  -3.916  -4.934  1.00 27.76 ? 37  LEU A CG  1 
ATOM   118  C CD1 . LEU A 1 37  ? 13.118  -4.456  -3.924  1.00 27.46 ? 37  LEU A CD1 1 
ATOM   119  C CD2 . LEU A 1 37  ? 13.716  -4.284  -6.349  1.00 28.44 ? 37  LEU A CD2 1 
ATOM   120  N N   . GLU A 1 38  ? 15.854  0.565   -5.047  1.00 31.71 ? 38  GLU A N   1 
ATOM   121  C CA  . GLU A 1 38  ? 15.811  2.014   -5.331  1.00 34.33 ? 38  GLU A CA  1 
ATOM   122  C C   . GLU A 1 38  ? 16.567  2.297   -6.630  1.00 41.84 ? 38  GLU A C   1 
ATOM   123  O O   . GLU A 1 38  ? 16.189  3.210   -7.333  1.00 43.28 ? 38  GLU A O   1 
ATOM   124  C CB  . GLU A 1 38  ? 16.301  2.796   -4.114  1.00 36.94 ? 38  GLU A CB  1 
ATOM   125  C CG  . GLU A 1 38  ? 15.315  2.705   -2.966  1.00 42.25 ? 38  GLU A CG  1 
ATOM   126  C CD  . GLU A 1 38  ? 15.832  3.059   -1.585  1.00 52.07 ? 38  GLU A CD  1 
ATOM   127  O OE1 . GLU A 1 38  ? 16.744  3.884   -1.501  1.00 53.22 ? 38  GLU A OE1 1 
ATOM   128  O OE2 . GLU A 1 38  ? 15.316  2.487   -0.592  1.00 59.09 ? 38  GLU A OE2 1 
ATOM   129  N N   . ASP A 1 39  ? 17.540  1.437   -6.979  1.00 46.34 ? 39  ASP A N   1 
ATOM   130  C CA  . ASP A 1 39  ? 18.484  1.663   -8.090  1.00 49.34 ? 39  ASP A CA  1 
ATOM   131  C C   . ASP A 1 39  ? 18.085  0.925   -9.360  1.00 45.18 ? 39  ASP A C   1 
ATOM   132  O O   . ASP A 1 39  ? 18.312  1.420   -10.430 1.00 48.17 ? 39  ASP A O   1 
ATOM   133  C CB  . ASP A 1 39  ? 19.892  1.236   -7.693  1.00 56.45 ? 39  ASP A CB  1 
ATOM   134  C CG  . ASP A 1 39  ? 20.544  2.309   -6.849  1.00 68.80 ? 39  ASP A CG  1 
ATOM   135  O OD1 . ASP A 1 39  ? 19.819  2.959   -6.060  1.00 73.13 ? 39  ASP A OD1 1 
ATOM   136  O OD2 . ASP A 1 39  ? 21.754  2.523   -7.022  1.00 86.83 ? 39  ASP A OD2 1 
ATOM   137  N N   . ARG A 1 40  ? 17.553  -0.289  -9.244  1.00 37.63 ? 40  ARG A N   1 
ATOM   138  C CA  . ARG A 1 40  ? 17.294  -1.081  -10.389 1.00 40.11 ? 40  ARG A CA  1 
ATOM   139  C C   . ARG A 1 40  ? 16.189  -2.053  -10.036 1.00 37.28 ? 40  ARG A C   1 
ATOM   140  O O   . ARG A 1 40  ? 15.884  -2.247  -8.847  1.00 37.70 ? 40  ARG A O   1 
ATOM   141  C CB  . ARG A 1 40  ? 18.562  -1.825  -10.819 1.00 45.70 ? 40  ARG A CB  1 
ATOM   142  C CG  . ARG A 1 40  ? 19.393  -2.397  -9.677  1.00 47.34 ? 40  ARG A CG  1 
ATOM   143  C CD  . ARG A 1 40  ? 20.821  -2.603  -10.163 1.00 47.70 ? 40  ARG A CD  1 
ATOM   144  N NE  . ARG A 1 40  ? 21.479  -3.729  -9.525  1.00 46.00 ? 40  ARG A NE  1 
ATOM   145  C CZ  . ARG A 1 40  ? 22.209  -3.663  -8.417  1.00 44.44 ? 40  ARG A CZ  1 
ATOM   146  N NH1 . ARG A 1 40  ? 22.502  -2.494  -7.875  1.00 48.67 ? 40  ARG A NH1 1 
ATOM   147  N NH2 . ARG A 1 40  ? 22.620  -4.776  -7.838  1.00 44.94 ? 40  ARG A NH2 1 
ATOM   148  N N   . PRO A 1 41  ? 15.549  -2.666  -11.041 1.00 38.17 ? 41  PRO A N   1 
ATOM   149  C CA  . PRO A 1 41  ? 14.518  -3.656  -10.765 1.00 40.83 ? 41  PRO A CA  1 
ATOM   150  C C   . PRO A 1 41  ? 15.115  -4.966  -10.234 1.00 44.25 ? 41  PRO A C   1 
ATOM   151  O O   . PRO A 1 41  ? 16.338  -5.203  -10.358 1.00 40.90 ? 41  PRO A O   1 
ATOM   152  C CB  . PRO A 1 41  ? 13.828  -3.861  -12.116 1.00 45.42 ? 41  PRO A CB  1 
ATOM   153  C CG  . PRO A 1 41  ? 14.878  -3.487  -13.140 1.00 43.73 ? 41  PRO A CG  1 
ATOM   154  C CD  . PRO A 1 41  ? 15.721  -2.415  -12.482 1.00 40.85 ? 41  PRO A CD  1 
ATOM   155  N N   . LEU A 1 42  ? 14.215  -5.809  -9.724  1.00 42.58 ? 42  LEU A N   1 
ATOM   156  C CA  . LEU A 1 42  ? 14.548  -7.108  -9.169  1.00 43.51 ? 42  LEU A CA  1 
ATOM   157  C C   . LEU A 1 42  ? 15.243  -7.987  -10.224 1.00 46.63 ? 42  LEU A C   1 
ATOM   158  O O   . LEU A 1 42  ? 16.204  -8.678  -9.904  1.00 43.32 ? 42  LEU A O   1 
ATOM   159  C CB  . LEU A 1 42  ? 13.276  -7.780  -8.645  1.00 40.03 ? 42  LEU A CB  1 
ATOM   160  C CG  . LEU A 1 42  ? 13.534  -8.956  -7.704  1.00 38.74 ? 42  LEU A CG  1 
ATOM   161  C CD1 . LEU A 1 42  ? 14.133  -8.467  -6.391  1.00 37.65 ? 42  LEU A CD1 1 
ATOM   162  C CD2 . LEU A 1 42  ? 12.277  -9.785  -7.462  1.00 39.74 ? 42  LEU A CD2 1 
ATOM   163  N N   . ALA A 1 43  ? 14.775  -7.945  -11.477 1.00 47.95 ? 43  ALA A N   1 
ATOM   164  C CA  . ALA A 1 43  ? 15.448  -8.662  -12.597 1.00 46.95 ? 43  ALA A CA  1 
ATOM   165  C C   . ALA A 1 43  ? 16.960  -8.366  -12.636 1.00 46.82 ? 43  ALA A C   1 
ATOM   166  O O   . ALA A 1 43  ? 17.721  -9.262  -12.991 1.00 52.77 ? 43  ALA A O   1 
ATOM   167  C CB  . ALA A 1 43  ? 14.794  -8.327  -13.916 1.00 45.46 ? 43  ALA A CB  1 
ATOM   168  N N   . ASP A 1 44  ? 17.406  -7.156  -12.256 1.00 41.91 ? 44  ASP A N   1 
ATOM   169  C CA  . ASP A 1 44  ? 18.809  -6.743  -12.400 1.00 45.63 ? 44  ASP A CA  1 
ATOM   170  C C   . ASP A 1 44  ? 19.567  -6.800  -11.070 1.00 40.96 ? 44  ASP A C   1 
ATOM   171  O O   . ASP A 1 44  ? 20.680  -6.280  -10.949 1.00 44.64 ? 44  ASP A O   1 
ATOM   172  C CB  . ASP A 1 44  ? 18.913  -5.333  -12.968 1.00 49.56 ? 44  ASP A CB  1 
ATOM   173  C CG  . ASP A 1 44  ? 18.272  -5.199  -14.330 1.00 54.88 ? 44  ASP A CG  1 
ATOM   174  O OD1 . ASP A 1 44  ? 17.669  -6.187  -14.800 1.00 59.92 ? 44  ASP A OD1 1 
ATOM   175  O OD2 . ASP A 1 44  ? 18.376  -4.102  -14.904 1.00 63.07 ? 44  ASP A OD2 1 
ATOM   176  N N   . ILE A 1 45  ? 18.940  -7.387  -10.058 1.00 42.36 ? 45  ILE A N   1 
ATOM   177  C CA  . ILE A 1 45  ? 19.569  -7.628  -8.788  1.00 38.44 ? 45  ILE A CA  1 
ATOM   178  C C   . ILE A 1 45  ? 19.766  -9.143  -8.687  1.00 39.17 ? 45  ILE A C   1 
ATOM   179  O O   . ILE A 1 45  ? 18.808  -9.887  -8.903  1.00 37.09 ? 45  ILE A O   1 
ATOM   180  C CB  . ILE A 1 45  ? 18.700  -7.098  -7.619  1.00 37.04 ? 45  ILE A CB  1 
ATOM   181  C CG1 . ILE A 1 45  ? 18.551  -5.579  -7.664  1.00 34.45 ? 45  ILE A CG1 1 
ATOM   182  C CG2 . ILE A 1 45  ? 19.248  -7.557  -6.277  1.00 35.36 ? 45  ILE A CG2 1 
ATOM   183  C CD1 . ILE A 1 45  ? 17.443  -5.083  -6.784  1.00 33.24 ? 45  ILE A CD1 1 
ATOM   184  N N   . SER A 1 46  ? 20.985  -9.571  -8.327  1.00 41.50 ? 46  SER A N   1 
ATOM   185  C CA  . SER A 1 46  ? 21.294  -10.995 -8.142  1.00 39.96 ? 46  SER A CA  1 
ATOM   186  C C   . SER A 1 46  ? 21.248  -11.392 -6.665  1.00 37.68 ? 46  SER A C   1 
ATOM   187  O O   . SER A 1 46  ? 21.408  -10.573 -5.758  1.00 36.49 ? 46  SER A O   1 
ATOM   188  C CB  . SER A 1 46  ? 22.642  -11.371 -8.735  1.00 38.94 ? 46  SER A CB  1 
ATOM   189  O OG  . SER A 1 46  ? 23.673  -10.555 -8.211  1.00 38.44 ? 46  SER A OG  1 
ATOM   190  N N   . VAL A 1 47  ? 21.125  -12.708 -6.447  1.00 42.62 ? 47  VAL A N   1 
ATOM   191  C CA  . VAL A 1 47  ? 21.301  -13.297 -5.122  1.00 39.35 ? 47  VAL A CA  1 
ATOM   192  C C   . VAL A 1 47  ? 22.700  -12.942 -4.603  1.00 38.81 ? 47  VAL A C   1 
ATOM   193  O O   . VAL A 1 47  ? 22.884  -12.708 -3.412  1.00 35.44 ? 47  VAL A O   1 
ATOM   194  C CB  . VAL A 1 47  ? 21.007  -14.812 -5.126  1.00 41.02 ? 47  VAL A CB  1 
ATOM   195  C CG1 . VAL A 1 47  ? 21.454  -15.494 -3.843  1.00 43.34 ? 47  VAL A CG1 1 
ATOM   196  C CG2 . VAL A 1 47  ? 19.523  -15.073 -5.338  1.00 39.62 ? 47  VAL A CG2 1 
ATOM   197  N N   . ASP A 1 48  ? 23.681  -12.869 -5.514  1.00 41.01 ? 48  ASP A N   1 
ATOM   198  C CA  . ASP A 1 48  ? 25.049  -12.511 -5.137  1.00 43.25 ? 48  ASP A CA  1 
ATOM   199  C C   . ASP A 1 48  ? 25.091  -11.068 -4.632  1.00 38.66 ? 48  ASP A C   1 
ATOM   200  O O   . ASP A 1 48  ? 25.738  -10.795 -3.608  1.00 39.23 ? 48  ASP A O   1 
ATOM   201  C CB  . ASP A 1 48  ? 26.047  -12.735 -6.282  1.00 53.13 ? 48  ASP A CB  1 
ATOM   202  C CG  . ASP A 1 48  ? 26.444  -14.196 -6.451  1.00 60.78 ? 48  ASP A CG  1 
ATOM   203  O OD1 . ASP A 1 48  ? 26.696  -14.859 -5.420  1.00 71.53 ? 48  ASP A OD1 1 
ATOM   204  O OD2 . ASP A 1 48  ? 26.476  -14.666 -7.604  1.00 68.81 ? 48  ASP A OD2 1 
ATOM   205  N N   . ASP A 1 49  ? 24.363  -10.172 -5.320  1.00 40.71 ? 49  ASP A N   1 
ATOM   206  C CA  . ASP A 1 49  ? 24.231  -8.780  -4.891  1.00 39.89 ? 49  ASP A CA  1 
ATOM   207  C C   . ASP A 1 49  ? 23.629  -8.748  -3.478  1.00 31.41 ? 49  ASP A C   1 
ATOM   208  O O   . ASP A 1 49  ? 24.122  -8.031  -2.596  1.00 31.45 ? 49  ASP A O   1 
ATOM   209  C CB  . ASP A 1 49  ? 23.393  -7.956  -5.883  1.00 42.60 ? 49  ASP A CB  1 
ATOM   210  C CG  . ASP A 1 49  ? 23.974  -7.802  -7.281  1.00 46.60 ? 49  ASP A CG  1 
ATOM   211  O OD1 . ASP A 1 49  ? 25.210  -7.903  -7.433  1.00 47.29 ? 49  ASP A OD1 1 
ATOM   212  O OD2 . ASP A 1 49  ? 23.181  -7.584  -8.210  1.00 44.05 ? 49  ASP A OD2 1 
ATOM   213  N N   . LEU A 1 50  ? 22.557  -9.526  -3.251  1.00 30.05 ? 50  LEU A N   1 
ATOM   214  C CA  . LEU A 1 50  ? 21.879  -9.530  -1.954  1.00 27.97 ? 50  LEU A CA  1 
ATOM   215  C C   . LEU A 1 50  ? 22.762  -10.092 -0.841  1.00 27.50 ? 50  LEU A C   1 
ATOM   216  O O   . LEU A 1 50  ? 22.807  -9.571  0.279   1.00 27.11 ? 50  LEU A O   1 
ATOM   217  C CB  . LEU A 1 50  ? 20.573  -10.321 -2.072  1.00 29.27 ? 50  LEU A CB  1 
ATOM   218  C CG  . LEU A 1 50  ? 19.461  -9.674  -2.904  1.00 30.80 ? 50  LEU A CG  1 
ATOM   219  C CD1 . LEU A 1 50  ? 18.277  -10.626 -3.025  1.00 35.29 ? 50  LEU A CD1 1 
ATOM   220  C CD2 . LEU A 1 50  ? 19.020  -8.342  -2.289  1.00 33.70 ? 50  LEU A CD2 1 
ATOM   221  N N   . ALA A 1 51  ? 23.457  -11.215 -1.132  1.00 31.26 ? 51  ALA A N   1 
ATOM   222  C CA  . ALA A 1 51  ? 24.340  -11.852 -0.137  1.00 32.93 ? 51  ALA A CA  1 
ATOM   223  C C   . ALA A 1 51  ? 25.480  -10.900 0.272   1.00 28.54 ? 51  ALA A C   1 
ATOM   224  O O   . ALA A 1 51  ? 25.686  -10.639 1.464   1.00 29.25 ? 51  ALA A O   1 
ATOM   225  C CB  . ALA A 1 51  ? 24.856  -13.154 -0.693  1.00 31.57 ? 51  ALA A CB  1 
ATOM   226  N N   . LYS A 1 52  ? 26.152  -10.363 -0.734  1.00 36.49 ? 52  LYS A N   1 
ATOM   227  C CA  . LYS A 1 52  ? 27.288  -9.416  -0.569  1.00 38.29 ? 52  LYS A CA  1 
ATOM   228  C C   . LYS A 1 52  ? 26.862  -8.247  0.326   1.00 34.77 ? 52  LYS A C   1 
ATOM   229  O O   . LYS A 1 52  ? 27.520  -7.912  1.332   1.00 35.00 ? 52  LYS A O   1 
ATOM   230  C CB  . LYS A 1 52  ? 27.737  -8.995  -1.972  1.00 45.17 ? 52  LYS A CB  1 
ATOM   231  C CG  . LYS A 1 52  ? 28.977  -8.113  -2.080  1.00 51.89 ? 52  LYS A CG  1 
ATOM   232  C CD  . LYS A 1 52  ? 29.586  -8.099  -3.482  1.00 59.43 ? 52  LYS A CD  1 
ATOM   233  C CE  . LYS A 1 52  ? 29.130  -6.937  -4.343  1.00 63.90 ? 52  LYS A CE  1 
ATOM   234  N NZ  . LYS A 1 52  ? 29.798  -5.675  -3.949  1.00 63.42 ? 52  LYS A NZ  1 
ATOM   235  N N   . GLY A 1 53  ? 25.689  -7.660  0.025   1.00 36.18 ? 53  GLY A N   1 
ATOM   236  C CA  . GLY A 1 53  ? 25.224  -6.496  0.749   1.00 32.04 ? 53  GLY A CA  1 
ATOM   237  C C   . GLY A 1 53  ? 24.899  -6.797  2.189   1.00 30.64 ? 53  GLY A C   1 
ATOM   238  O O   . GLY A 1 53  ? 25.075  -5.985  3.090   1.00 33.83 ? 53  GLY A O   1 
ATOM   239  N N   . ALA A 1 54  ? 24.439  -8.027  2.442   1.00 30.11 ? 54  ALA A N   1 
ATOM   240  C CA  . ALA A 1 54  ? 24.100  -8.449  3.740   1.00 25.54 ? 54  ALA A CA  1 
ATOM   241  C C   . ALA A 1 54  ? 25.307  -9.048  4.480   1.00 27.58 ? 54  ALA A C   1 
ATOM   242  O O   . ALA A 1 54  ? 25.200  -9.369  5.636   1.00 32.50 ? 54  ALA A O   1 
ATOM   243  C CB  . ALA A 1 54  ? 22.978  -9.452  3.624   1.00 27.25 ? 54  ALA A CB  1 
ATOM   244  N N   . GLY A 1 55  ? 26.435  -9.183  3.776   1.00 29.60 ? 55  GLY A N   1 
ATOM   245  C CA  . GLY A 1 55  ? 27.690  -9.676  4.372   1.00 29.94 ? 55  GLY A CA  1 
ATOM   246  C C   . GLY A 1 55  ? 27.633  -11.165 4.700   1.00 31.27 ? 55  GLY A C   1 
ATOM   247  O O   . GLY A 1 55  ? 28.155  -11.637 5.716   1.00 32.19 ? 55  GLY A O   1 
ATOM   248  N N   . ILE A 1 56  ? 26.968  -11.916 3.837   1.00 30.68 ? 56  ILE A N   1 
ATOM   249  C CA  . ILE A 1 56  ? 26.844  -13.376 4.044   1.00 29.30 ? 56  ILE A CA  1 
ATOM   250  C C   . ILE A 1 56  ? 27.220  -13.998 2.715   1.00 28.53 ? 56  ILE A C   1 
ATOM   251  O O   . ILE A 1 56  ? 27.390  -13.309 1.728   1.00 29.07 ? 56  ILE A O   1 
ATOM   252  C CB  . ILE A 1 56  ? 25.411  -13.776 4.474   1.00 26.18 ? 56  ILE A CB  1 
ATOM   253  C CG1 . ILE A 1 56  ? 24.424  -13.329 3.403   1.00 28.30 ? 56  ILE A CG1 1 
ATOM   254  C CG2 . ILE A 1 56  ? 25.100  -13.257 5.857   1.00 28.26 ? 56  ILE A CG2 1 
ATOM   255  C CD1 . ILE A 1 56  ? 22.974  -13.700 3.690   1.00 26.73 ? 56  ILE A CD1 1 
ATOM   256  N N   . SER A 1 57  ? 27.352  -15.343 2.687   1.00 24.69 ? 57  SER A N   1 
ATOM   257  C CA  . SER A 1 57  ? 27.545  -16.071 1.451   1.00 24.73 ? 57  SER A CA  1 
ATOM   258  C C   . SER A 1 57  ? 26.226  -16.404 0.753   1.00 25.05 ? 57  SER A C   1 
ATOM   259  O O   . SER A 1 57  ? 25.162  -16.361 1.378   1.00 26.28 ? 57  SER A O   1 
ATOM   260  C CB  . SER A 1 57  ? 28.289  -17.370 1.782   1.00 25.12 ? 57  SER A CB  1 
ATOM   261  O OG  . SER A 1 57  ? 27.414  -18.225 2.457   1.00 22.74 ? 57  SER A OG  1 
ATOM   262  N N   . ARG A 1 58  ? 26.309  -16.841 -0.505  1.00 25.78 ? 58  ARG A N   1 
ATOM   263  C CA  . ARG A 1 58  ? 25.163  -17.226 -1.289  1.00 29.10 ? 58  ARG A CA  1 
ATOM   264  C C   . ARG A 1 58  ? 24.437  -18.423 -0.663  1.00 28.68 ? 58  ARG A C   1 
ATOM   265  O O   . ARG A 1 58  ? 23.230  -18.416 -0.422  1.00 25.71 ? 58  ARG A O   1 
ATOM   266  C CB  . ARG A 1 58  ? 25.606  -17.371 -2.744  1.00 35.76 ? 58  ARG A CB  1 
ATOM   267  C CG  . ARG A 1 58  ? 24.619  -18.017 -3.699  1.00 41.44 ? 58  ARG A CG  1 
ATOM   268  C CD  . ARG A 1 58  ? 25.147  -17.892 -5.131  1.00 48.48 ? 58  ARG A CD  1 
ATOM   269  N NE  . ARG A 1 58  ? 24.131  -18.170 -6.146  1.00 61.40 ? 58  ARG A NE  1 
ATOM   270  C CZ  . ARG A 1 58  ? 23.631  -17.281 -7.015  1.00 61.88 ? 58  ARG A CZ  1 
ATOM   271  N NH1 . ARG A 1 58  ? 24.084  -16.036 -7.063  1.00 69.30 ? 58  ARG A NH1 1 
ATOM   272  N NH2 . ARG A 1 58  ? 22.661  -17.644 -7.837  1.00 65.38 ? 58  ARG A NH2 1 
ATOM   273  N N   . PRO A 1 59  ? 25.134  -19.509 -0.238  1.00 26.86 ? 59  PRO A N   1 
ATOM   274  C CA  . PRO A 1 59  ? 24.448  -20.569 0.494   1.00 23.83 ? 59  PRO A CA  1 
ATOM   275  C C   . PRO A 1 59  ? 23.756  -20.169 1.817   1.00 21.61 ? 59  PRO A C   1 
ATOM   276  O O   . PRO A 1 59  ? 22.695  -20.636 2.142   1.00 22.55 ? 59  PRO A O   1 
ATOM   277  C CB  . PRO A 1 59  ? 25.606  -21.576 0.807   1.00 23.39 ? 59  PRO A CB  1 
ATOM   278  C CG  . PRO A 1 59  ? 26.689  -21.212 -0.126  1.00 27.74 ? 59  PRO A CG  1 
ATOM   279  C CD  . PRO A 1 59  ? 26.585  -19.737 -0.431  1.00 27.16 ? 59  PRO A CD  1 
ATOM   280  N N   . THR A 1 60  ? 24.349  -19.238 2.543   1.00 21.31 ? 60  THR A N   1 
ATOM   281  C CA  . THR A 1 60  ? 23.756  -18.733 3.790   1.00 22.16 ? 60  THR A CA  1 
ATOM   282  C C   . THR A 1 60  ? 22.471  -17.957 3.447   1.00 22.98 ? 60  THR A C   1 
ATOM   283  O O   . THR A 1 60  ? 21.489  -18.120 4.161   1.00 23.38 ? 60  THR A O   1 
ATOM   284  C CB  . THR A 1 60  ? 24.745  -17.913 4.618   1.00 22.85 ? 60  THR A CB  1 
ATOM   285  O OG1 . THR A 1 60  ? 25.815  -18.758 5.076   1.00 21.16 ? 60  THR A OG1 1 
ATOM   286  C CG2 . THR A 1 60  ? 24.105  -17.260 5.836   1.00 23.40 ? 60  THR A CG2 1 
ATOM   287  N N   . PHE A 1 61  ? 22.501  -17.179 2.366   1.00 25.09 ? 61  PHE A N   1 
ATOM   288  C CA  . PHE A 1 61  ? 21.267  -16.495 1.856   1.00 26.48 ? 61  PHE A CA  1 
ATOM   289  C C   . PHE A 1 61  ? 20.124  -17.502 1.698   1.00 28.37 ? 61  PHE A C   1 
ATOM   290  O O   . PHE A 1 61  ? 19.003  -17.271 2.210   1.00 26.02 ? 61  PHE A O   1 
ATOM   291  C CB  . PHE A 1 61  ? 21.496  -15.841 0.509   1.00 28.01 ? 61  PHE A CB  1 
ATOM   292  C CG  . PHE A 1 61  ? 20.233  -15.336 -0.147  1.00 29.45 ? 61  PHE A CG  1 
ATOM   293  C CD1 . PHE A 1 61  ? 19.800  -14.034 0.054   1.00 31.01 ? 61  PHE A CD1 1 
ATOM   294  C CD2 . PHE A 1 61  ? 19.476  -16.172 -0.964  1.00 26.50 ? 61  PHE A CD2 1 
ATOM   295  C CE1 . PHE A 1 61  ? 18.634  -13.587 -0.559  1.00 29.48 ? 61  PHE A CE1 1 
ATOM   296  C CE2 . PHE A 1 61  ? 18.316  -15.721 -1.589  1.00 30.57 ? 61  PHE A CE2 1 
ATOM   297  C CZ  . PHE A 1 61  ? 17.909  -14.419 -1.391  1.00 31.72 ? 61  PHE A CZ  1 
ATOM   298  N N   . TYR A 1 62  ? 20.439  -18.651 1.071   1.00 26.70 ? 62  TYR A N   1 
ATOM   299  C CA  . TYR A 1 62  ? 19.421  -19.645 0.703   1.00 28.80 ? 62  TYR A CA  1 
ATOM   300  C C   . TYR A 1 62  ? 18.874  -20.347 1.941   1.00 27.96 ? 62  TYR A C   1 
ATOM   301  O O   . TYR A 1 62  ? 17.782  -20.928 1.857   1.00 28.42 ? 62  TYR A O   1 
ATOM   302  C CB  . TYR A 1 62  ? 19.975  -20.609 -0.351  1.00 31.17 ? 62  TYR A CB  1 
ATOM   303  C CG  . TYR A 1 62  ? 20.010  -20.072 -1.753  1.00 32.68 ? 62  TYR A CG  1 
ATOM   304  C CD1 . TYR A 1 62  ? 18.836  -19.722 -2.422  1.00 29.35 ? 62  TYR A CD1 1 
ATOM   305  C CD2 . TYR A 1 62  ? 21.208  -19.918 -2.423  1.00 35.98 ? 62  TYR A CD2 1 
ATOM   306  C CE1 . TYR A 1 62  ? 18.878  -19.257 -3.719  1.00 29.31 ? 62  TYR A CE1 1 
ATOM   307  C CE2 . TYR A 1 62  ? 21.261  -19.429 -3.718  1.00 38.48 ? 62  TYR A CE2 1 
ATOM   308  C CZ  . TYR A 1 62  ? 20.081  -19.095 -4.364  1.00 37.01 ? 62  TYR A CZ  1 
ATOM   309  O OH  . TYR A 1 62  ? 20.144  -18.630 -5.643  1.00 38.49 ? 62  TYR A OH  1 
ATOM   310  N N   . PHE A 1 63  ? 19.584  -20.280 3.081   1.00 25.80 ? 63  PHE A N   1 
ATOM   311  C CA  . PHE A 1 63  ? 19.061  -20.683 4.336   1.00 26.32 ? 63  PHE A CA  1 
ATOM   312  C C   . PHE A 1 63  ? 17.837  -19.834 4.734   1.00 30.72 ? 63  PHE A C   1 
ATOM   313  O O   . PHE A 1 63  ? 16.891  -20.335 5.339   1.00 28.03 ? 63  PHE A O   1 
ATOM   314  C CB  . PHE A 1 63  ? 20.094  -20.598 5.452   1.00 28.07 ? 63  PHE A CB  1 
ATOM   315  C CG  . PHE A 1 63  ? 19.588  -21.129 6.758   1.00 29.31 ? 63  PHE A CG  1 
ATOM   316  C CD1 . PHE A 1 63  ? 19.437  -22.497 6.970   1.00 29.11 ? 63  PHE A CD1 1 
ATOM   317  C CD2 . PHE A 1 63  ? 19.247  -20.268 7.779   1.00 28.62 ? 63  PHE A CD2 1 
ATOM   318  C CE1 . PHE A 1 63  ? 18.930  -22.962 8.170   1.00 28.97 ? 63  PHE A CE1 1 
ATOM   319  C CE2 . PHE A 1 63  ? 18.731  -20.739 8.975   1.00 31.76 ? 63  PHE A CE2 1 
ATOM   320  C CZ  . PHE A 1 63  ? 18.605  -22.085 9.179   1.00 33.94 ? 63  PHE A CZ  1 
ATOM   321  N N   . TYR A 1 64  ? 17.957  -18.519 4.537   1.00 30.60 ? 64  TYR A N   1 
ATOM   322  C CA  . TYR A 1 64  ? 16.902  -17.520 4.954   1.00 29.99 ? 64  TYR A CA  1 
ATOM   323  C C   . TYR A 1 64  ? 15.819  -17.362 3.869   1.00 28.92 ? 64  TYR A C   1 
ATOM   324  O O   . TYR A 1 64  ? 14.642  -17.194 4.221   1.00 36.06 ? 64  TYR A O   1 
ATOM   325  C CB  . TYR A 1 64  ? 17.596  -16.198 5.319   1.00 29.54 ? 64  TYR A CB  1 
ATOM   326  C CG  . TYR A 1 64  ? 18.452  -16.265 6.554   1.00 29.52 ? 64  TYR A CG  1 
ATOM   327  C CD1 . TYR A 1 64  ? 17.903  -16.387 7.816   1.00 34.11 ? 64  TYR A CD1 1 
ATOM   328  C CD2 . TYR A 1 64  ? 19.837  -16.326 6.460   1.00 29.20 ? 64  TYR A CD2 1 
ATOM   329  C CE1 . TYR A 1 64  ? 18.686  -16.490 8.950   1.00 36.74 ? 64  TYR A CE1 1 
ATOM   330  C CE2 . TYR A 1 64  ? 20.637  -16.450 7.578   1.00 32.27 ? 64  TYR A CE2 1 
ATOM   331  C CZ  . TYR A 1 64  ? 20.063  -16.529 8.829   1.00 38.61 ? 64  TYR A CZ  1 
ATOM   332  O OH  . TYR A 1 64  ? 20.848  -16.645 9.921   1.00 37.20 ? 64  TYR A OH  1 
ATOM   333  N N   . PHE A 1 65  ? 16.132  -17.426 2.575   1.00 29.22 ? 65  PHE A N   1 
ATOM   334  C CA  . PHE A 1 65  ? 15.136  -17.222 1.522   1.00 31.22 ? 65  PHE A CA  1 
ATOM   335  C C   . PHE A 1 65  ? 15.405  -18.158 0.358   1.00 34.18 ? 65  PHE A C   1 
ATOM   336  O O   . PHE A 1 65  ? 16.557  -18.328 -0.050  1.00 31.22 ? 65  PHE A O   1 
ATOM   337  C CB  . PHE A 1 65  ? 15.149  -15.768 1.000   1.00 29.91 ? 65  PHE A CB  1 
ATOM   338  C CG  . PHE A 1 65  ? 14.779  -14.729 2.032   1.00 29.65 ? 65  PHE A CG  1 
ATOM   339  C CD1 . PHE A 1 65  ? 13.446  -14.344 2.218   1.00 29.76 ? 65  PHE A CD1 1 
ATOM   340  C CD2 . PHE A 1 65  ? 15.741  -14.092 2.812   1.00 30.60 ? 65  PHE A CD2 1 
ATOM   341  C CE1 . PHE A 1 65  ? 13.101  -13.421 3.197   1.00 28.00 ? 65  PHE A CE1 1 
ATOM   342  C CE2 . PHE A 1 65  ? 15.395  -13.165 3.780   1.00 30.62 ? 65  PHE A CE2 1 
ATOM   343  C CZ  . PHE A 1 65  ? 14.067  -12.802 3.963   1.00 29.85 ? 65  PHE A CZ  1 
ATOM   344  N N   . PRO A 1 66  ? 14.356  -18.770 -0.258  1.00 37.98 ? 66  PRO A N   1 
ATOM   345  C CA  . PRO A 1 66  ? 14.540  -19.564 -1.484  1.00 36.51 ? 66  PRO A CA  1 
ATOM   346  C C   . PRO A 1 66  ? 14.920  -18.828 -2.781  1.00 40.41 ? 66  PRO A C   1 
ATOM   347  O O   . PRO A 1 66  ? 15.465  -19.417 -3.748  1.00 37.90 ? 66  PRO A O   1 
ATOM   348  C CB  . PRO A 1 66  ? 13.148  -20.226 -1.668  1.00 41.63 ? 66  PRO A CB  1 
ATOM   349  C CG  . PRO A 1 66  ? 12.176  -19.344 -0.922  1.00 45.17 ? 66  PRO A CG  1 
ATOM   350  C CD  . PRO A 1 66  ? 12.967  -18.776 0.241   1.00 41.54 ? 66  PRO A CD  1 
ATOM   351  N N   . SER A 1 67  ? 14.604  -17.528 -2.837  1.00 36.94 ? 67  SER A N   1 
ATOM   352  C CA  . SER A 1 67  ? 14.737  -16.758 -4.030  1.00 38.14 ? 67  SER A CA  1 
ATOM   353  C C   . SER A 1 67  ? 14.682  -15.277 -3.650  1.00 29.61 ? 67  SER A C   1 
ATOM   354  O O   . SER A 1 67  ? 14.281  -14.950 -2.484  1.00 29.77 ? 67  SER A O   1 
ATOM   355  C CB  . SER A 1 67  ? 13.649  -17.083 -5.035  1.00 38.90 ? 67  SER A CB  1 
ATOM   356  O OG  . SER A 1 67  ? 12.386  -16.651 -4.552  1.00 42.49 ? 67  SER A OG  1 
ATOM   357  N N   . LYS A 1 68  ? 15.110  -14.466 -4.603  1.00 34.87 ? 68  LYS A N   1 
ATOM   358  C CA  . LYS A 1 68  ? 15.057  -13.007 -4.503  1.00 36.93 ? 68  LYS A CA  1 
ATOM   359  C C   . LYS A 1 68  ? 13.581  -12.587 -4.517  1.00 41.21 ? 68  LYS A C   1 
ATOM   360  O O   . LYS A 1 68  ? 13.210  -11.604 -3.832  1.00 33.56 ? 68  LYS A O   1 
ATOM   361  C CB  . LYS A 1 68  ? 15.931  -12.363 -5.590  1.00 39.00 ? 68  LYS A CB  1 
ATOM   362  C CG  . LYS A 1 68  ? 15.453  -12.475 -7.030  1.00 41.53 ? 68  LYS A CG  1 
ATOM   363  C CD  . LYS A 1 68  ? 16.388  -11.790 -8.016  1.00 41.20 ? 68  LYS A CD  1 
ATOM   364  C CE  . LYS A 1 68  ? 16.067  -12.101 -9.465  1.00 43.98 ? 68  LYS A CE  1 
ATOM   365  N NZ  . LYS A 1 68  ? 17.087  -11.540 -10.377 1.00 45.30 ? 68  LYS A NZ  1 
ATOM   366  N N   . GLU A 1 69  ? 12.754  -13.383 -5.211  1.00 38.70 ? 69  GLU A N   1 
ATOM   367  C CA  . GLU A 1 69  ? 11.305  -13.175 -5.312  1.00 37.25 ? 69  GLU A CA  1 
ATOM   368  C C   . GLU A 1 69  ? 10.677  -13.272 -3.927  1.00 33.46 ? 69  GLU A C   1 
ATOM   369  O O   . GLU A 1 69  ? 9.823   -12.478 -3.591  1.00 33.91 ? 69  GLU A O   1 
ATOM   370  C CB  . GLU A 1 69  ? 10.656  -14.173 -6.273  1.00 40.53 ? 69  GLU A CB  1 
ATOM   371  C CG  . GLU A 1 69  ? 10.994  -13.899 -7.739  1.00 41.84 ? 69  GLU A CG  1 
ATOM   372  C CD  . GLU A 1 69  ? 12.326  -14.459 -8.231  1.00 43.78 ? 69  GLU A CD  1 
ATOM   373  O OE1 . GLU A 1 69  ? 12.936  -15.266 -7.494  1.00 44.31 ? 69  GLU A OE1 1 
ATOM   374  O OE2 . GLU A 1 69  ? 12.761  -14.064 -9.332  1.00 48.13 ? 69  GLU A OE2 1 
ATOM   375  N N   . ALA A 1 70  ? 11.108  -14.244 -3.110  1.00 30.62 ? 70  ALA A N   1 
ATOM   376  C CA  . ALA A 1 70  ? 10.676  -14.400 -1.734  1.00 28.93 ? 70  ALA A CA  1 
ATOM   377  C C   . ALA A 1 70  ? 11.083  -13.225 -0.842  1.00 26.50 ? 70  ALA A C   1 
ATOM   378  O O   . ALA A 1 70  ? 10.399  -12.904 0.120   1.00 26.09 ? 70  ALA A O   1 
ATOM   379  C CB  . ALA A 1 70  ? 11.190  -15.697 -1.159  1.00 31.85 ? 70  ALA A CB  1 
ATOM   380  N N   . VAL A 1 71  ? 12.247  -12.644 -1.105  1.00 27.14 ? 71  VAL A N   1 
ATOM   381  C CA  . VAL A 1 71  ? 12.685  -11.460 -0.392  1.00 26.23 ? 71  VAL A CA  1 
ATOM   382  C C   . VAL A 1 71  ? 11.685  -10.307 -0.647  1.00 25.62 ? 71  VAL A C   1 
ATOM   383  O O   . VAL A 1 71  ? 11.276  -9.652  0.327   1.00 24.94 ? 71  VAL A O   1 
ATOM   384  C CB  . VAL A 1 71  ? 14.130  -11.060 -0.749  1.00 26.80 ? 71  VAL A CB  1 
ATOM   385  C CG1 . VAL A 1 71  ? 14.546  -9.788  -0.046  1.00 26.78 ? 71  VAL A CG1 1 
ATOM   386  C CG2 . VAL A 1 71  ? 15.118  -12.162 -0.380  1.00 26.79 ? 71  VAL A CG2 1 
ATOM   387  N N   . LEU A 1 72  ? 11.366  -10.094 -1.911  1.00 28.20 ? 72  LEU A N   1 
ATOM   388  C CA  . LEU A 1 72  ? 10.373  -9.015  -2.279  1.00 28.44 ? 72  LEU A CA  1 
ATOM   389  C C   . LEU A 1 72  ? 9.039   -9.255  -1.589  1.00 27.51 ? 72  LEU A C   1 
ATOM   390  O O   . LEU A 1 72  ? 8.445   -8.339  -0.973  1.00 25.55 ? 72  LEU A O   1 
ATOM   391  C CB  . LEU A 1 72  ? 10.186  -8.972  -3.787  1.00 29.68 ? 72  LEU A CB  1 
ATOM   392  C CG  . LEU A 1 72  ? 9.110   -7.989  -4.277  1.00 28.29 ? 72  LEU A CG  1 
ATOM   393  C CD1 . LEU A 1 72  ? 9.429   -6.578  -3.778  1.00 29.79 ? 72  LEU A CD1 1 
ATOM   394  C CD2 . LEU A 1 72  ? 9.060   -8.031  -5.796  1.00 30.28 ? 72  LEU A CD2 1 
ATOM   395  N N   . LEU A 1 73  ? 8.558   -10.490 -1.674  1.00 29.61 ? 73  LEU A N   1 
ATOM   396  C CA  . LEU A 1 73  ? 7.322   -10.832 -1.026  1.00 27.31 ? 73  LEU A CA  1 
ATOM   397  C C   . LEU A 1 73  ? 7.333   -10.435 0.450   1.00 26.36 ? 73  LEU A C   1 
ATOM   398  O O   . LEU A 1 73  ? 6.366   -9.851  0.999   1.00 26.10 ? 73  LEU A O   1 
ATOM   399  C CB  . LEU A 1 73  ? 7.040   -12.329 -1.208  1.00 27.78 ? 73  LEU A CB  1 
ATOM   400  C CG  . LEU A 1 73  ? 5.716   -12.842 -0.666  1.00 29.61 ? 73  LEU A CG  1 
ATOM   401  C CD1 . LEU A 1 73  ? 4.520   -12.158 -1.327  1.00 30.87 ? 73  LEU A CD1 1 
ATOM   402  C CD2 . LEU A 1 73  ? 5.610   -14.352 -0.910  1.00 31.98 ? 73  LEU A CD2 1 
ATOM   403  N N   . THR A 1 74  ? 8.418   -10.773 1.171   1.00 25.40 ? 74  THR A N   1 
ATOM   404  C CA  . THR A 1 74  ? 8.506   -10.410 2.564   1.00 23.27 ? 74  THR A CA  1 
ATOM   405  C C   . THR A 1 74  ? 8.519   -8.875  2.762   1.00 22.77 ? 74  THR A C   1 
ATOM   406  O O   . THR A 1 74  ? 7.964   -8.341  3.708   1.00 25.36 ? 74  THR A O   1 
ATOM   407  C CB  . THR A 1 74  ? 9.757   -11.060 3.211   1.00 25.80 ? 74  THR A CB  1 
ATOM   408  O OG1 . THR A 1 74  ? 9.631   -12.471 3.045   1.00 28.69 ? 74  THR A OG1 1 
ATOM   409  C CG2 . THR A 1 74  ? 9.889   -10.759 4.679   1.00 26.97 ? 74  THR A CG2 1 
ATOM   410  N N   . LEU A 1 75  ? 9.277   -8.166  1.923   1.00 27.22 ? 75  LEU A N   1 
ATOM   411  C CA  . LEU A 1 75  ? 9.333   -6.694  2.018   1.00 25.03 ? 75  LEU A CA  1 
ATOM   412  C C   . LEU A 1 75  ? 7.919   -6.111  1.790   1.00 21.12 ? 75  LEU A C   1 
ATOM   413  O O   . LEU A 1 75  ? 7.519   -5.285  2.588   1.00 23.49 ? 75  LEU A O   1 
ATOM   414  C CB  . LEU A 1 75  ? 10.267  -6.103  0.961   1.00 25.63 ? 75  LEU A CB  1 
ATOM   415  C CG  . LEU A 1 75  ? 11.766  -6.176  1.252   1.00 28.13 ? 75  LEU A CG  1 
ATOM   416  C CD1 . LEU A 1 75  ? 12.519  -5.742  0.016   1.00 27.98 ? 75  LEU A CD1 1 
ATOM   417  C CD2 . LEU A 1 75  ? 12.120  -5.353  2.460   1.00 28.18 ? 75  LEU A CD2 1 
ATOM   418  N N   . LEU A 1 76  ? 7.236   -6.612  0.770   1.00 23.30 ? 76  LEU A N   1 
ATOM   419  C CA  . LEU A 1 76  ? 5.843   -6.085  0.497   1.00 23.60 ? 76  LEU A CA  1 
ATOM   420  C C   . LEU A 1 76  ? 4.924   -6.405  1.678   1.00 23.71 ? 76  LEU A C   1 
ATOM   421  O O   . LEU A 1 76  ? 4.099   -5.606  2.149   1.00 24.02 ? 76  LEU A O   1 
ATOM   422  C CB  . LEU A 1 76  ? 5.340   -6.658  -0.815  1.00 25.63 ? 76  LEU A CB  1 
ATOM   423  C CG  . LEU A 1 76  ? 3.937   -6.232  -1.228  1.00 25.40 ? 76  LEU A CG  1 
ATOM   424  C CD1 . LEU A 1 76  ? 3.928   -4.744  -1.502  1.00 26.09 ? 76  LEU A CD1 1 
ATOM   425  C CD2 . LEU A 1 76  ? 3.474   -7.009  -2.426  1.00 25.85 ? 76  LEU A CD2 1 
ATOM   426  N N   . ASP A 1 77  ? 5.041   -7.625  2.224   1.00 23.82 ? 77  ASP A N   1 
ATOM   427  C CA  . ASP A 1 77  ? 4.248   -8.010  3.366   1.00 23.97 ? 77  ASP A CA  1 
ATOM   428  C C   . ASP A 1 77  ? 4.426   -7.031  4.536   1.00 22.89 ? 77  ASP A C   1 
ATOM   429  O O   . ASP A 1 77  ? 3.491   -6.642  5.233   1.00 23.11 ? 77  ASP A O   1 
ATOM   430  C CB  . ASP A 1 77  ? 4.611   -9.432  3.807   1.00 26.77 ? 77  ASP A CB  1 
ATOM   431  C CG  . ASP A 1 77  ? 3.727   -9.965  4.905   1.00 31.03 ? 77  ASP A CG  1 
ATOM   432  O OD1 . ASP A 1 77  ? 2.716   -10.564 4.576   1.00 33.45 ? 77  ASP A OD1 1 
ATOM   433  O OD2 . ASP A 1 77  ? 4.026   -9.710  6.065   1.00 38.59 ? 77  ASP A OD2 1 
ATOM   434  N N   . ARG A 1 78  ? 5.681   -6.607  4.791   1.00 21.77 ? 78  ARG A N   1 
ATOM   435  C CA  . ARG A 1 78  ? 5.975   -5.717  5.833   1.00 24.75 ? 78  ARG A CA  1 
ATOM   436  C C   . ARG A 1 78  ? 5.298   -4.349  5.607   1.00 22.34 ? 78  ARG A C   1 
ATOM   437  O O   . ARG A 1 78  ? 4.737   -3.785  6.530   1.00 22.25 ? 78  ARG A O   1 
ATOM   438  C CB  . ARG A 1 78  ? 7.499   -5.582  5.960   1.00 28.59 ? 78  ARG A CB  1 
ATOM   439  C CG  . ARG A 1 78  ? 7.964   -4.576  6.994   1.00 37.25 ? 78  ARG A CG  1 
ATOM   440  C CD  . ARG A 1 78  ? 9.489   -4.410  6.934   1.00 48.21 ? 78  ARG A CD  1 
ATOM   441  N NE  . ARG A 1 78  ? 9.981   -3.732  5.719   1.00 57.83 ? 78  ARG A NE  1 
ATOM   442  C CZ  . ARG A 1 78  ? 9.984   -2.404  5.520   1.00 57.33 ? 78  ARG A CZ  1 
ATOM   443  N NH1 . ARG A 1 78  ? 9.208   -1.606  6.243   1.00 60.07 ? 78  ARG A NH1 1 
ATOM   444  N NH2 . ARG A 1 78  ? 10.799  -1.875  4.622   1.00 45.84 ? 78  ARG A NH2 1 
ATOM   445  N N   . VAL A 1 79  ? 5.428   -3.849  4.382   1.00 22.82 ? 79  VAL A N   1 
ATOM   446  C CA  . VAL A 1 79  ? 4.826   -2.498  4.008   1.00 24.07 ? 79  VAL A CA  1 
ATOM   447  C C   . VAL A 1 79  ? 3.285   -2.559  4.100   1.00 21.93 ? 79  VAL A C   1 
ATOM   448  O O   . VAL A 1 79  ? 2.694   -1.699  4.726   1.00 23.01 ? 79  VAL A O   1 
ATOM   449  C CB  . VAL A 1 79  ? 5.308   -2.018  2.630   1.00 25.10 ? 79  VAL A CB  1 
ATOM   450  C CG1 . VAL A 1 79  ? 4.533   -0.772  2.156   1.00 24.56 ? 79  VAL A CG1 1 
ATOM   451  C CG2 . VAL A 1 79  ? 6.806   -1.776  2.625   1.00 27.26 ? 79  VAL A CG2 1 
ATOM   452  N N   . VAL A 1 80  ? 2.657   -3.603  3.563   1.00 20.54 ? 80  VAL A N   1 
ATOM   453  C CA  . VAL A 1 80  ? 1.188   -3.700  3.593   1.00 22.33 ? 80  VAL A CA  1 
ATOM   454  C C   . VAL A 1 80  ? 0.678   -3.791  5.031   1.00 22.29 ? 80  VAL A C   1 
ATOM   455  O O   . VAL A 1 80  ? -0.266  -3.157  5.441   1.00 21.17 ? 80  VAL A O   1 
ATOM   456  C CB  . VAL A 1 80  ? 0.586   -4.770  2.675   1.00 24.95 ? 80  VAL A CB  1 
ATOM   457  C CG1 . VAL A 1 80  ? 1.000   -4.549  1.242   1.00 23.50 ? 80  VAL A CG1 1 
ATOM   458  C CG2 . VAL A 1 80  ? 0.758   -6.192  3.141   1.00 31.32 ? 80  VAL A CG2 1 
ATOM   459  N N   . ASN A 1 81  ? 1.377   -4.564  5.892   1.00 22.68 ? 81  ASN A N   1 
ATOM   460  C CA  . ASN A 1 81  ? 1.002   -4.664  7.293   1.00 24.15 ? 81  ASN A CA  1 
ATOM   461  C C   . ASN A 1 81  ? 1.246   -3.361  8.064   1.00 23.02 ? 81  ASN A C   1 
ATOM   462  O O   . ASN A 1 81  ? 0.509   -3.011  8.964   1.00 23.89 ? 81  ASN A O   1 
ATOM   463  C CB  . ASN A 1 81  ? 1.702   -5.871  7.938   1.00 23.98 ? 81  ASN A CB  1 
ATOM   464  C CG  . ASN A 1 81  ? 0.905   -7.137  7.683   1.00 24.92 ? 81  ASN A CG  1 
ATOM   465  O OD1 . ASN A 1 81  ? -0.125  -7.359  8.340   1.00 29.52 ? 81  ASN A OD1 1 
ATOM   466  N ND2 . ASN A 1 81  ? 1.336   -7.923  6.698   1.00 26.45 ? 81  ASN A ND2 1 
ATOM   467  N N   . GLN A 1 82  ? 2.286   -2.595  7.697   1.00 23.68 ? 82  GLN A N   1 
ATOM   468  C CA  . GLN A 1 82  ? 2.564   -1.345  8.302   1.00 21.94 ? 82  GLN A CA  1 
ATOM   469  C C   . GLN A 1 82  ? 1.381   -0.398  8.046   1.00 20.68 ? 82  GLN A C   1 
ATOM   470  O O   . GLN A 1 82  ? 0.926   0.298   8.911   1.00 21.11 ? 82  GLN A O   1 
ATOM   471  C CB  . GLN A 1 82  ? 3.839   -0.758  7.690   1.00 24.80 ? 82  GLN A CB  1 
ATOM   472  C CG  . GLN A 1 82  ? 4.261   0.568   8.289   1.00 29.30 ? 82  GLN A CG  1 
ATOM   473  C CD  . GLN A 1 82  ? 5.527   1.122   7.649   1.00 35.05 ? 82  GLN A CD  1 
ATOM   474  O OE1 . GLN A 1 82  ? 6.270   0.426   6.955   1.00 37.27 ? 82  GLN A OE1 1 
ATOM   475  N NE2 . GLN A 1 82  ? 5.736   2.412   7.827   1.00 43.33 ? 82  GLN A NE2 1 
ATOM   476  N N   . ALA A 1 83  ? 0.914   -0.377  6.791   1.00 21.32 ? 83  ALA A N   1 
ATOM   477  C CA  . ALA A 1 83  ? -0.256  0.431   6.441   1.00 20.28 ? 83  ALA A CA  1 
ATOM   478  C C   . ALA A 1 83  ? -1.503  0.002   7.228   1.00 19.64 ? 83  ALA A C   1 
ATOM   479  O O   . ALA A 1 83  ? -2.231  0.818   7.762   1.00 21.00 ? 83  ALA A O   1 
ATOM   480  C CB  . ALA A 1 83  ? -0.491  0.390   4.929   1.00 22.66 ? 83  ALA A CB  1 
ATOM   481  N N   . ASP A 1 84  ? -1.744  -1.309  7.269   1.00 21.21 ? 84  ASP A N   1 
ATOM   482  C CA  . ASP A 1 84  ? -2.875  -1.873  7.905   1.00 20.65 ? 84  ASP A CA  1 
ATOM   483  C C   . ASP A 1 84  ? -2.874  -1.520  9.399   1.00 22.40 ? 84  ASP A C   1 
ATOM   484  O O   . ASP A 1 84  ? -3.895  -1.106  9.952   1.00 23.29 ? 84  ASP A O   1 
ATOM   485  C CB  . ASP A 1 84  ? -2.960  -3.370  7.629   1.00 22.15 ? 84  ASP A CB  1 
ATOM   486  C CG  . ASP A 1 84  ? -4.300  -3.921  8.047   1.00 26.53 ? 84  ASP A CG  1 
ATOM   487  O OD1 . ASP A 1 84  ? -5.341  -3.384  7.580   1.00 25.83 ? 84  ASP A OD1 1 
ATOM   488  O OD2 . ASP A 1 84  ? -4.292  -4.834  8.918   1.00 26.96 ? 84  ASP A OD2 1 
ATOM   489  N N   . MET A 1 85  ? -1.718  -1.710  10.044  1.00 22.24 ? 85  MET A N   1 
ATOM   490  C CA  . MET A 1 85  ? -1.629  -1.426  11.482  1.00 26.06 ? 85  MET A CA  1 
ATOM   491  C C   . MET A 1 85  ? -1.827  0.069   11.756  1.00 23.37 ? 85  MET A C   1 
ATOM   492  O O   . MET A 1 85  ? -2.489  0.451   12.712  1.00 26.01 ? 85  MET A O   1 
ATOM   493  C CB  . MET A 1 85  ? -0.270  -1.891  12.026  1.00 27.96 ? 85  MET A CB  1 
ATOM   494  C CG  . MET A 1 85  ? -0.167  -3.390  12.040  1.00 34.53 ? 85  MET A CG  1 
ATOM   495  S SD  . MET A 1 85  ? 1.357   -4.011  12.832  1.00 52.04 ? 85  MET A SD  1 
ATOM   496  C CE  . MET A 1 85  ? 2.571   -3.728  11.527  1.00 45.76 ? 85  MET A CE  1 
ATOM   497  N N   . ALA A 1 86  ? -1.281  0.967   10.906  1.00 24.37 ? 86  ALA A N   1 
ATOM   498  C CA  . ALA A 1 86  ? -1.568  2.391   11.044  1.00 24.87 ? 86  ALA A CA  1 
ATOM   499  C C   . ALA A 1 86  ? -3.060  2.704   10.899  1.00 23.39 ? 86  ALA A C   1 
ATOM   500  O O   . ALA A 1 86  ? -3.597  3.485   11.622  1.00 24.01 ? 86  ALA A O   1 
ATOM   501  C CB  . ALA A 1 86  ? -0.782  3.204   10.053  1.00 25.20 ? 86  ALA A CB  1 
ATOM   502  N N   . LEU A 1 87  ? -3.734  2.086   9.926   1.00 25.09 ? 87  LEU A N   1 
ATOM   503  C CA  . LEU A 1 87  ? -5.155  2.295   9.775   1.00 23.73 ? 87  LEU A CA  1 
ATOM   504  C C   . LEU A 1 87  ? -5.897  1.786   11.019  1.00 24.55 ? 87  LEU A C   1 
ATOM   505  O O   . LEU A 1 87  ? -6.755  2.476   11.484  1.00 27.03 ? 87  LEU A O   1 
ATOM   506  C CB  . LEU A 1 87  ? -5.640  1.588   8.500   1.00 24.94 ? 87  LEU A CB  1 
ATOM   507  C CG  . LEU A 1 87  ? -7.142  1.708   8.244   1.00 26.97 ? 87  LEU A CG  1 
ATOM   508  C CD1 . LEU A 1 87  ? -7.582  3.151   8.053   1.00 29.24 ? 87  LEU A CD1 1 
ATOM   509  C CD2 . LEU A 1 87  ? -7.523  0.859   7.035   1.00 25.55 ? 87  LEU A CD2 1 
ATOM   510  N N   A GLN A 1 88  ? -5.516  0.614   11.544  0.50 27.02 ? 88  GLN A N   1 
ATOM   511  N N   B GLN A 1 88  ? -5.500  0.626   11.552  0.50 26.07 ? 88  GLN A N   1 
ATOM   512  C CA  A GLN A 1 88  ? -6.126  0.061   12.795  0.50 29.35 ? 88  GLN A CA  1 
ATOM   513  C CA  B GLN A 1 88  ? -6.132  0.067   12.781  0.50 27.74 ? 88  GLN A CA  1 
ATOM   514  C C   A GLN A 1 88  ? -5.997  1.092   13.927  0.50 31.19 ? 88  GLN A C   1 
ATOM   515  C C   B GLN A 1 88  ? -5.984  1.068   13.938  0.50 30.35 ? 88  GLN A C   1 
ATOM   516  O O   A GLN A 1 88  ? -6.935  1.286   14.703  0.50 28.14 ? 88  GLN A O   1 
ATOM   517  O O   B GLN A 1 88  ? -6.911  1.232   14.734  0.50 27.48 ? 88  GLN A O   1 
ATOM   518  C CB  A GLN A 1 88  ? -5.506  -1.290  13.168  0.50 31.61 ? 88  GLN A CB  1 
ATOM   519  C CB  B GLN A 1 88  ? -5.580  -1.333  13.064  0.50 28.66 ? 88  GLN A CB  1 
ATOM   520  C CG  A GLN A 1 88  ? -5.996  -1.856  14.500  0.50 35.40 ? 88  GLN A CG  1 
ATOM   521  C CG  B GLN A 1 88  ? -6.009  -2.336  12.000  0.50 29.40 ? 88  GLN A CG  1 
ATOM   522  C CD  A GLN A 1 88  ? -5.704  -3.329  14.694  0.50 36.79 ? 88  GLN A CD  1 
ATOM   523  C CD  B GLN A 1 88  ? -5.518  -3.757  12.123  0.50 34.13 ? 88  GLN A CD  1 
ATOM   524  O OE1 A GLN A 1 88  ? -5.153  -4.006  13.832  0.50 33.17 ? 88  GLN A OE1 1 
ATOM   525  O OE1 B GLN A 1 88  ? -4.353  -4.045  12.395  0.50 36.15 ? 88  GLN A OE1 1 
ATOM   526  N NE2 A GLN A 1 88  ? -6.104  -3.842  15.847  0.50 37.01 ? 88  GLN A NE2 1 
ATOM   527  N NE2 B GLN A 1 88  ? -6.415  -4.679  11.817  0.50 37.64 ? 88  GLN A NE2 1 
ATOM   528  N N   . THR A 1 89  ? -4.836  1.758   14.011  1.00 31.98 ? 89  THR A N   1 
ATOM   529  C CA  . THR A 1 89  ? -4.581  2.724   15.080  1.00 31.31 ? 89  THR A CA  1 
ATOM   530  C C   . THR A 1 89  ? -5.546  3.900   14.962  1.00 29.93 ? 89  THR A C   1 
ATOM   531  O O   . THR A 1 89  ? -6.122  4.446   15.935  1.00 31.75 ? 89  THR A O   1 
ATOM   532  C CB  . THR A 1 89  ? -3.106  3.141   15.076  1.00 32.34 ? 89  THR A CB  1 
ATOM   533  O OG1 . THR A 1 89  ? -2.353  1.975   15.418  1.00 32.60 ? 89  THR A OG1 1 
ATOM   534  C CG2 . THR A 1 89  ? -2.825  4.277   16.035  1.00 36.59 ? 89  THR A CG2 1 
ATOM   535  N N   . LEU A 1 90  ? -5.700  4.370   13.723  1.00 30.32 ? 90  LEU A N   1 
ATOM   536  C CA  . LEU A 1 90  ? -6.498  5.479   13.455  1.00 30.35 ? 90  LEU A CA  1 
ATOM   537  C C   . LEU A 1 90  ? -7.957  5.172   13.803  1.00 32.85 ? 90  LEU A C   1 
ATOM   538  O O   . LEU A 1 90  ? -8.671  6.007   14.373  1.00 34.86 ? 90  LEU A O   1 
ATOM   539  C CB  . LEU A 1 90  ? -6.310  5.769   11.957  1.00 33.74 ? 90  LEU A CB  1 
ATOM   540  C CG  . LEU A 1 90  ? -6.834  7.100   11.485  1.00 36.47 ? 90  LEU A CG  1 
ATOM   541  C CD1 . LEU A 1 90  ? -6.255  8.216   12.329  1.00 36.88 ? 90  LEU A CD1 1 
ATOM   542  C CD2 . LEU A 1 90  ? -6.527  7.286   9.993   1.00 33.82 ? 90  LEU A CD2 1 
ATOM   543  N N   . ALA A 1 91  ? -8.375  3.948   13.443  1.00 35.16 ? 91  ALA A N   1 
ATOM   544  C CA  . ALA A 1 91  ? -9.741  3.481   13.587  1.00 37.23 ? 91  ALA A CA  1 
ATOM   545  C C   . ALA A 1 91  ? -10.134 3.393   15.068  1.00 44.62 ? 91  ALA A C   1 
ATOM   546  O O   . ALA A 1 91  ? -11.317 3.489   15.377  1.00 41.86 ? 91  ALA A O   1 
ATOM   547  C CB  . ALA A 1 91  ? -9.900  2.139   12.923  1.00 33.62 ? 91  ALA A CB  1 
ATOM   548  N N   . GLU A 1 92  ? -9.148  3.165   15.948  1.00 45.59 ? 92  GLU A N   1 
ATOM   549  C CA  . GLU A 1 92  ? -9.375  2.996   17.392  1.00 50.77 ? 92  GLU A CA  1 
ATOM   550  C C   . GLU A 1 92  ? -9.483  4.362   18.094  1.00 56.81 ? 92  GLU A C   1 
ATOM   551  O O   . GLU A 1 92  ? -10.242 4.513   19.039  1.00 68.60 ? 92  GLU A O   1 
ATOM   552  C CB  . GLU A 1 92  ? -8.267  2.120   17.984  1.00 50.81 ? 92  GLU A CB  1 
ATOM   553  C CG  . GLU A 1 92  ? -8.321  0.672   17.519  1.00 50.80 ? 92  GLU A CG  1 
ATOM   554  C CD  . GLU A 1 92  ? -7.071  -0.135  17.840  1.00 53.92 ? 92  GLU A CD  1 
ATOM   555  O OE1 . GLU A 1 92  ? -6.178  0.433   18.517  1.00 56.83 ? 92  GLU A OE1 1 
ATOM   556  O OE2 . GLU A 1 92  ? -6.982  -1.320  17.404  1.00 56.63 ? 92  GLU A OE2 1 
ATOM   557  N N   . ASN A 1 93  ? -8.728  5.363   17.639  1.00 67.32 ? 93  ASN A N   1 
ATOM   558  C CA  . ASN A 1 93  ? -8.778  6.689   18.258  1.00 70.04 ? 93  ASN A CA  1 
ATOM   559  C C   . ASN A 1 93  ? -9.242  7.696   17.212  1.00 72.85 ? 93  ASN A C   1 
ATOM   560  O O   . ASN A 1 93  ? -8.416  8.225   16.468  1.00 70.20 ? 93  ASN A O   1 
ATOM   561  C CB  . ASN A 1 93  ? -7.457  7.090   18.922  1.00 68.43 ? 93  ASN A CB  1 
ATOM   562  C CG  . ASN A 1 93  ? -6.244  6.357   18.390  1.00 65.97 ? 93  ASN A CG  1 
ATOM   563  O OD1 . ASN A 1 93  ? -5.431  6.939   17.679  1.00 70.44 ? 93  ASN A OD1 1 
ATOM   564  N ND2 . ASN A 1 93  ? -6.103  5.085   18.730  1.00 63.50 ? 93  ASN A ND2 1 
ATOM   565  N N   . PRO A 1 94  ? -10.571 7.965   17.119  1.00 76.48 ? 94  PRO A N   1 
ATOM   566  C CA  . PRO A 1 94  ? -11.106 9.067   16.307  1.00 77.68 ? 94  PRO A CA  1 
ATOM   567  C C   . PRO A 1 94  ? -10.406 10.431  16.494  1.00 77.72 ? 94  PRO A C   1 
ATOM   568  O O   . PRO A 1 94  ? -10.254 10.890  17.620  1.00 70.31 ? 94  PRO A O   1 
ATOM   569  C CB  . PRO A 1 94  ? -12.574 9.195   16.778  1.00 71.32 ? 94  PRO A CB  1 
ATOM   570  C CG  . PRO A 1 94  ? -12.679 8.306   18.016  1.00 73.31 ? 94  PRO A CG  1 
ATOM   571  C CD  . PRO A 1 94  ? -11.641 7.220   17.802  1.00 71.10 ? 94  PRO A CD  1 
ATOM   572  N N   . ALA A 1 95  ? -9.976  11.059  15.388  1.00 80.12 ? 95  ALA A N   1 
ATOM   573  C CA  . ALA A 1 95  ? -9.569  12.475  15.388  1.00 78.02 ? 95  ALA A CA  1 
ATOM   574  C C   . ALA A 1 95  ? -10.833 13.356  15.375  1.00 83.85 ? 95  ALA A C   1 
ATOM   575  O O   . ALA A 1 95  ? -11.795 13.073  14.625  1.00 87.98 ? 95  ALA A O   1 
ATOM   576  C CB  . ALA A 1 95  ? -8.637  12.767  14.233  1.00 76.05 ? 95  ALA A CB  1 
ATOM   577  N N   . ASP A 1 96  ? -10.831 14.397  16.231  1.00 83.29 ? 96  ASP A N   1 
ATOM   578  C CA  . ASP A 1 96  ? -12.005 15.241  16.560  1.00 78.23 ? 96  ASP A CA  1 
ATOM   579  C C   . ASP A 1 96  ? -12.030 16.380  15.544  1.00 76.00 ? 96  ASP A C   1 
ATOM   580  O O   . ASP A 1 96  ? -11.441 17.447  15.773  1.00 77.66 ? 96  ASP A O   1 
ATOM   581  C CB  . ASP A 1 96  ? -11.969 15.778  17.998  1.00 74.82 ? 96  ASP A CB  1 
ATOM   582  N N   . THR A 1 97  ? -12.684 16.107  14.409  1.00 78.07 ? 97  THR A N   1 
ATOM   583  C CA  . THR A 1 97  ? -12.438 16.836  13.163  1.00 67.73 ? 97  THR A CA  1 
ATOM   584  C C   . THR A 1 97  ? -13.681 16.705  12.260  1.00 61.87 ? 97  THR A C   1 
ATOM   585  O O   . THR A 1 97  ? -14.637 15.989  12.598  1.00 65.27 ? 97  THR A O   1 
ATOM   586  C CB  . THR A 1 97  ? -11.080 16.386  12.595  1.00 66.08 ? 97  THR A CB  1 
ATOM   587  O OG1 . THR A 1 97  ? -10.595 17.467  11.796  1.00 61.04 ? 97  THR A OG1 1 
ATOM   588  C CG2 . THR A 1 97  ? -11.126 15.063  11.851  1.00 51.26 ? 97  THR A CG2 1 
ATOM   589  N N   . ASP A 1 98  ? -13.698 17.436  11.136  1.00 51.77 ? 98  ASP A N   1 
ATOM   590  C CA  . ASP A 1 98  ? -14.823 17.339  10.247  1.00 41.79 ? 98  ASP A CA  1 
ATOM   591  C C   . ASP A 1 98  ? -14.678 16.068  9.398   1.00 39.93 ? 98  ASP A C   1 
ATOM   592  O O   . ASP A 1 98  ? -13.642 15.368  9.419   1.00 33.49 ? 98  ASP A O   1 
ATOM   593  C CB  . ASP A 1 98  ? -15.026 18.611  9.415   1.00 49.23 ? 98  ASP A CB  1 
ATOM   594  C CG  . ASP A 1 98  ? -13.840 19.109  8.615   1.00 50.44 ? 98  ASP A CG  1 
ATOM   595  O OD1 . ASP A 1 98  ? -13.132 18.292  8.054   1.00 44.11 ? 98  ASP A OD1 1 
ATOM   596  O OD2 . ASP A 1 98  ? -13.660 20.336  8.545   1.00 61.14 ? 98  ASP A OD2 1 
ATOM   597  N N   . ARG A 1 99  ? -15.734 15.793  8.638   1.00 38.65 ? 99  ARG A N   1 
ATOM   598  C CA  . ARG A 1 99  ? -15.807 14.607  7.789   1.00 39.26 ? 99  ARG A CA  1 
ATOM   599  C C   . ARG A 1 99  ? -14.727 14.632  6.702   1.00 33.40 ? 99  ARG A C   1 
ATOM   600  O O   . ARG A 1 99  ? -14.136 13.588  6.443   1.00 34.85 ? 99  ARG A O   1 
ATOM   601  C CB  . ARG A 1 99  ? -17.203 14.486  7.184   1.00 39.82 ? 99  ARG A CB  1 
ATOM   602  C CG  . ARG A 1 99  ? -17.512 15.519  6.116   1.00 39.82 ? 99  ARG A CG  1 
ATOM   603  C CD  . ARG A 1 99  ? -19.010 15.627  6.148   1.00 46.52 ? 99  ARG A CD  1 
ATOM   604  N NE  . ARG A 1 99  ? -19.584 16.213  4.961   1.00 43.59 ? 99  ARG A NE  1 
ATOM   605  C CZ  . ARG A 1 99  ? -20.902 16.372  4.802   1.00 45.30 ? 99  ARG A CZ  1 
ATOM   606  N NH1 . ARG A 1 99  ? -21.746 16.042  5.776   1.00 45.92 ? 99  ARG A NH1 1 
ATOM   607  N NH2 . ARG A 1 99  ? -21.352 16.889  3.679   1.00 41.00 ? 99  ARG A NH2 1 
ATOM   608  N N   . GLU A 1 100 ? -14.435 15.797  6.107   1.00 31.46 ? 100 GLU A N   1 
ATOM   609  C CA  . GLU A 1 100 ? -13.413 15.892  5.094   1.00 34.25 ? 100 GLU A CA  1 
ATOM   610  C C   . GLU A 1 100 ? -12.071 15.468  5.691   1.00 34.96 ? 100 GLU A C   1 
ATOM   611  O O   . GLU A 1 100 ? -11.289 14.724  5.093   1.00 28.53 ? 100 GLU A O   1 
ATOM   612  C CB  . GLU A 1 100 ? -13.295 17.310  4.545   1.00 37.22 ? 100 GLU A CB  1 
ATOM   613  C CG  . GLU A 1 100 ? -12.349 17.399  3.357   1.00 44.19 ? 100 GLU A CG  1 
ATOM   614  C CD  . GLU A 1 100 ? -11.488 18.640  3.364   1.00 56.06 ? 100 GLU A CD  1 
ATOM   615  O OE1 . GLU A 1 100 ? -12.047 19.733  3.612   1.00 59.56 ? 100 GLU A OE1 1 
ATOM   616  O OE2 . GLU A 1 100 ? -10.265 18.503  3.145   1.00 52.98 ? 100 GLU A OE2 1 
ATOM   617  N N   . ASN A 1 101 ? -11.802 15.989  6.893   1.00 31.42 ? 101 ASN A N   1 
ATOM   618  C CA  . ASN A 1 101 ? -10.565 15.677  7.554   1.00 31.10 ? 101 ASN A CA  1 
ATOM   619  C C   . ASN A 1 101 ? -10.458 14.189  7.910   1.00 25.07 ? 101 ASN A C   1 
ATOM   620  O O   . ASN A 1 101 ? -9.388  13.649  7.923   1.00 26.56 ? 101 ASN A O   1 
ATOM   621  C CB  . ASN A 1 101 ? -10.378 16.549  8.804   1.00 30.26 ? 101 ASN A CB  1 
ATOM   622  C CG  . ASN A 1 101 ? -8.914  16.765  9.041   1.00 39.06 ? 101 ASN A CG  1 
ATOM   623  O OD1 . ASN A 1 101 ? -8.215  17.205  8.119   1.00 40.09 ? 101 ASN A OD1 1 
ATOM   624  N ND2 . ASN A 1 101 ? -8.458  16.400  10.239  1.00 36.42 ? 101 ASN A ND2 1 
ATOM   625  N N   . MET A 1 102 ? -11.551 13.544  8.342   1.00 25.54 ? 102 MET A N   1 
ATOM   626  C CA  . MET A 1 102 ? -11.535 12.128  8.665   1.00 23.72 ? 102 MET A CA  1 
ATOM   627  C C   . MET A 1 102 ? -10.993 11.313  7.455   1.00 20.09 ? 102 MET A C   1 
ATOM   628  O O   . MET A 1 102 ? -10.143 10.396  7.614   1.00 21.64 ? 102 MET A O   1 
ATOM   629  C CB  . MET A 1 102 ? -12.958 11.635  8.977   1.00 27.49 ? 102 MET A CB  1 
ATOM   630  C CG  . MET A 1 102 ? -13.134 10.114  8.991   1.00 30.41 ? 102 MET A CG  1 
ATOM   631  S SD  . MET A 1 102 ? -14.796 9.569   9.596   1.00 33.17 ? 102 MET A SD  1 
ATOM   632  C CE  . MET A 1 102 ? -15.839 9.932   8.176   1.00 29.17 ? 102 MET A CE  1 
ATOM   633  N N   . TRP A 1 103 ? -11.553 11.620  6.296   1.00 21.26 ? 103 TRP A N   1 
ATOM   634  C CA  . TRP A 1 103 ? -11.144 10.875  5.061   1.00 19.08 ? 103 TRP A CA  1 
ATOM   635  C C   . TRP A 1 103 ? -9.683  11.192  4.704   1.00 19.18 ? 103 TRP A C   1 
ATOM   636  O O   . TRP A 1 103 ? -8.889  10.305  4.315   1.00 19.57 ? 103 TRP A O   1 
ATOM   637  C CB  . TRP A 1 103 ? -12.092 11.184  3.904   1.00 20.01 ? 103 TRP A CB  1 
ATOM   638  C CG  . TRP A 1 103 ? -13.472 10.660  4.178   1.00 19.99 ? 103 TRP A CG  1 
ATOM   639  C CD1 . TRP A 1 103 ? -14.548 11.415  4.557   1.00 22.75 ? 103 TRP A CD1 1 
ATOM   640  C CD2 . TRP A 1 103 ? -13.909 9.292   4.182   1.00 21.94 ? 103 TRP A CD2 1 
ATOM   641  N NE1 . TRP A 1 103 ? -15.644 10.609  4.742   1.00 23.48 ? 103 TRP A NE1 1 
ATOM   642  C CE2 . TRP A 1 103 ? -15.281 9.317   4.516   1.00 20.62 ? 103 TRP A CE2 1 
ATOM   643  C CE3 . TRP A 1 103 ? -13.290 8.074   3.913   1.00 22.70 ? 103 TRP A CE3 1 
ATOM   644  C CZ2 . TRP A 1 103 ? -16.040 8.142   4.606   1.00 22.45 ? 103 TRP A CZ2 1 
ATOM   645  C CZ3 . TRP A 1 103 ? -14.053 6.923   3.968   1.00 25.62 ? 103 TRP A CZ3 1 
ATOM   646  C CH2 . TRP A 1 103 ? -15.397 6.968   4.315   1.00 21.71 ? 103 TRP A CH2 1 
ATOM   647  N N   . ARG A 1 104 ? -9.304  12.453  4.819   1.00 19.26 ? 104 ARG A N   1 
ATOM   648  C CA  . ARG A 1 104 ? -7.951  12.871  4.525   1.00 17.54 ? 104 ARG A CA  1 
ATOM   649  C C   . ARG A 1 104 ? -6.937  12.163  5.411   1.00 17.99 ? 104 ARG A C   1 
ATOM   650  O O   . ARG A 1 104 ? -5.907  11.696  4.932   1.00 18.02 ? 104 ARG A O   1 
ATOM   651  C CB  . ARG A 1 104 ? -7.850  14.393  4.593   1.00 19.03 ? 104 ARG A CB  1 
ATOM   652  C CG  . ARG A 1 104 ? -6.472  14.955  4.306   1.00 21.08 ? 104 ARG A CG  1 
ATOM   653  C CD  . ARG A 1 104 ? -6.462  16.471  4.475   1.00 22.55 ? 104 ARG A CD  1 
ATOM   654  N NE  . ARG A 1 104 ? -7.355  17.165  3.539   1.00 24.61 ? 104 ARG A NE  1 
ATOM   655  C CZ  . ARG A 1 104 ? -7.046  17.429  2.263   1.00 24.65 ? 104 ARG A CZ  1 
ATOM   656  N NH1 . ARG A 1 104 ? -5.816  17.179  1.797   1.00 28.68 ? 104 ARG A NH1 1 
ATOM   657  N NH2 . ARG A 1 104 ? -7.972  18.013  1.515   1.00 22.98 ? 104 ARG A NH2 1 
ATOM   658  N N   . THR A 1 105 ? -7.199  12.119  6.734   1.00 19.02 ? 105 THR A N   1 
ATOM   659  C CA  . THR A 1 105 ? -6.254  11.492  7.628   1.00 19.35 ? 105 THR A CA  1 
ATOM   660  C C   . THR A 1 105 ? -6.063  10.013  7.271   1.00 17.35 ? 105 THR A C   1 
ATOM   661  O O   . THR A 1 105 ? -5.007  9.437   7.390   1.00 20.33 ? 105 THR A O   1 
ATOM   662  C CB  . THR A 1 105 ? -6.729  11.696  9.091   1.00 21.72 ? 105 THR A CB  1 
ATOM   663  O OG1 . THR A 1 105 ? -6.848  13.106  9.320   1.00 22.95 ? 105 THR A OG1 1 
ATOM   664  C CG2 . THR A 1 105 ? -5.774  11.078  10.075  1.00 24.18 ? 105 THR A CG2 1 
ATOM   665  N N   . GLY A 1 106 ? -7.174  9.362   6.861   1.00 19.24 ? 106 GLY A N   1 
ATOM   666  C CA  . GLY A 1 106 ? -7.188  7.969   6.466   1.00 18.22 ? 106 GLY A CA  1 
ATOM   667  C C   . GLY A 1 106 ? -6.414  7.701   5.177   1.00 15.99 ? 106 GLY A C   1 
ATOM   668  O O   . GLY A 1 106 ? -5.555  6.840   5.091   1.00 18.08 ? 106 GLY A O   1 
ATOM   669  N N   . ILE A 1 107 ? -6.758  8.462   4.121   1.00 17.24 ? 107 ILE A N   1 
ATOM   670  C CA  . ILE A 1 107 ? -6.009  8.325   2.862   1.00 16.33 ? 107 ILE A CA  1 
ATOM   671  C C   . ILE A 1 107 ? -4.502  8.579   3.086   1.00 15.86 ? 107 ILE A C   1 
ATOM   672  O O   . ILE A 1 107 ? -3.672  7.970   2.500   1.00 18.10 ? 107 ILE A O   1 
ATOM   673  C CB  . ILE A 1 107 ? -6.615  9.231   1.764   1.00 17.17 ? 107 ILE A CB  1 
ATOM   674  C CG1 . ILE A 1 107 ? -8.067  8.818   1.493   1.00 17.78 ? 107 ILE A CG1 1 
ATOM   675  C CG2 . ILE A 1 107 ? -5.747  9.216   0.527   1.00 17.66 ? 107 ILE A CG2 1 
ATOM   676  C CD1 . ILE A 1 107 ? -8.870  9.769   0.642   1.00 20.67 ? 107 ILE A CD1 1 
ATOM   677  N N   . ASN A 1 108 ? -4.195  9.515   3.980   1.00 15.80 ? 108 ASN A N   1 
ATOM   678  C CA  . ASN A 1 108 ? -2.847  9.918   4.264   1.00 17.43 ? 108 ASN A CA  1 
ATOM   679  C C   . ASN A 1 108 ? -2.037  8.747   4.820   1.00 17.85 ? 108 ASN A C   1 
ATOM   680  O O   . ASN A 1 108 ? -0.851  8.676   4.601   1.00 18.39 ? 108 ASN A O   1 
ATOM   681  C CB  . ASN A 1 108 ? -2.776  11.083  5.254   1.00 16.41 ? 108 ASN A CB  1 
ATOM   682  C CG  . ASN A 1 108 ? -1.355  11.610  5.383   1.00 18.20 ? 108 ASN A CG  1 
ATOM   683  O OD1 . ASN A 1 108 ? -0.764  12.019  4.368   1.00 18.78 ? 108 ASN A OD1 1 
ATOM   684  N ND2 . ASN A 1 108 ? -0.823  11.594  6.611   1.00 19.11 ? 108 ASN A ND2 1 
ATOM   685  N N   . VAL A 1 109 ? -2.666  7.824   5.556   1.00 18.26 ? 109 VAL A N   1 
ATOM   686  C CA  . VAL A 1 109 ? -1.954  6.620   6.017   1.00 19.72 ? 109 VAL A CA  1 
ATOM   687  C C   . VAL A 1 109 ? -1.304  5.902   4.812   1.00 18.19 ? 109 VAL A C   1 
ATOM   688  O O   . VAL A 1 109 ? -0.190  5.397   4.837   1.00 19.63 ? 109 VAL A O   1 
ATOM   689  C CB  . VAL A 1 109 ? -2.948  5.662   6.713   1.00 22.46 ? 109 VAL A CB  1 
ATOM   690  C CG1 . VAL A 1 109 ? -2.399  4.239   6.826   1.00 27.45 ? 109 VAL A CG1 1 
ATOM   691  C CG2 . VAL A 1 109 ? -3.412  6.242   8.040   1.00 25.66 ? 109 VAL A CG2 1 
ATOM   692  N N   . PHE A 1 110 ? -2.056  5.808   3.702   1.00 17.72 ? 110 PHE A N   1 
ATOM   693  C CA  . PHE A 1 110 ? -1.598  5.056   2.521   1.00 16.48 ? 110 PHE A CA  1 
ATOM   694  C C   . PHE A 1 110 ? -0.545  5.856   1.740   1.00 17.84 ? 110 PHE A C   1 
ATOM   695  O O   . PHE A 1 110 ? 0.454   5.340   1.281   1.00 17.61 ? 110 PHE A O   1 
ATOM   696  C CB  . PHE A 1 110 ? -2.805  4.622   1.678   1.00 18.85 ? 110 PHE A CB  1 
ATOM   697  C CG  . PHE A 1 110 ? -3.644  3.623   2.411   1.00 17.95 ? 110 PHE A CG  1 
ATOM   698  C CD1 . PHE A 1 110 ? -3.268  2.301   2.390   1.00 17.80 ? 110 PHE A CD1 1 
ATOM   699  C CD2 . PHE A 1 110 ? -4.631  4.017   3.302   1.00 18.83 ? 110 PHE A CD2 1 
ATOM   700  C CE1 . PHE A 1 110 ? -3.967  1.364   3.143   1.00 18.73 ? 110 PHE A CE1 1 
ATOM   701  C CE2 . PHE A 1 110 ? -5.322  3.076   4.065   1.00 21.29 ? 110 PHE A CE2 1 
ATOM   702  C CZ  . PHE A 1 110 ? -4.965  1.747   3.989   1.00 19.21 ? 110 PHE A CZ  1 
ATOM   703  N N   . PHE A 1 111 ? -0.834  7.152   1.561   1.00 17.13 ? 111 PHE A N   1 
ATOM   704  C CA  . PHE A 1 111 ? 0.107   8.108   0.939   1.00 17.69 ? 111 PHE A CA  1 
ATOM   705  C C   . PHE A 1 111 ? 1.467   8.043   1.640   1.00 18.55 ? 111 PHE A C   1 
ATOM   706  O O   . PHE A 1 111 ? 2.442   7.909   0.985   1.00 19.73 ? 111 PHE A O   1 
ATOM   707  C CB  . PHE A 1 111 ? -0.508  9.499   1.010   1.00 16.91 ? 111 PHE A CB  1 
ATOM   708  C CG  . PHE A 1 111 ? 0.291   10.604  0.396   1.00 16.83 ? 111 PHE A CG  1 
ATOM   709  C CD1 . PHE A 1 111 ? 0.607   10.628  -0.947  1.00 16.89 ? 111 PHE A CD1 1 
ATOM   710  C CD2 . PHE A 1 111 ? 0.687   11.656  1.204   1.00 21.19 ? 111 PHE A CD2 1 
ATOM   711  C CE1 . PHE A 1 111 ? 1.322   11.702  -1.461  1.00 18.97 ? 111 PHE A CE1 1 
ATOM   712  C CE2 . PHE A 1 111 ? 1.400   12.730  0.675   1.00 21.02 ? 111 PHE A CE2 1 
ATOM   713  C CZ  . PHE A 1 111 ? 1.709   12.736  -0.657  1.00 19.84 ? 111 PHE A CZ  1 
ATOM   714  N N   . GLU A 1 112 ? 1.480   8.181   2.977   1.00 18.44 ? 112 GLU A N   1 
ATOM   715  C CA  . GLU A 1 112 ? 2.757   8.221   3.700   1.00 19.48 ? 112 GLU A CA  1 
ATOM   716  C C   . GLU A 1 112 ? 3.418   6.838   3.785   1.00 19.22 ? 112 GLU A C   1 
ATOM   717  O O   . GLU A 1 112 ? 4.661   6.738   3.648   1.00 21.36 ? 112 GLU A O   1 
ATOM   718  C CB  . GLU A 1 112 ? 2.538   8.836   5.090   1.00 22.46 ? 112 GLU A CB  1 
ATOM   719  C CG  . GLU A 1 112 ? 2.335   10.360  5.057   1.00 22.14 ? 112 GLU A CG  1 
ATOM   720  C CD  . GLU A 1 112 ? 3.543   11.130  4.545   1.00 27.69 ? 112 GLU A CD  1 
ATOM   721  O OE1 . GLU A 1 112 ? 4.676   10.608  4.712   1.00 28.87 ? 112 GLU A OE1 1 
ATOM   722  O OE2 . GLU A 1 112 ? 3.347   12.186  3.958   1.00 27.16 ? 112 GLU A OE2 1 
ATOM   723  N N   . THR A 1 113 ? 2.620   5.778   3.969   1.00 17.96 ? 113 THR A N   1 
ATOM   724  C CA  . THR A 1 113 ? 3.216   4.475   4.151   1.00 20.21 ? 113 THR A CA  1 
ATOM   725  C C   . THR A 1 113 ? 3.849   3.987   2.865   1.00 20.56 ? 113 THR A C   1 
ATOM   726  O O   . THR A 1 113 ? 5.041   3.664   2.853   1.00 22.24 ? 113 THR A O   1 
ATOM   727  C CB  . THR A 1 113 ? 2.269   3.398   4.700   1.00 20.81 ? 113 THR A CB  1 
ATOM   728  O OG1 . THR A 1 113 ? 1.757   3.847   5.945   1.00 21.91 ? 113 THR A OG1 1 
ATOM   729  C CG2 . THR A 1 113 ? 2.981   2.064   4.889   1.00 23.09 ? 113 THR A CG2 1 
ATOM   730  N N   . PHE A 1 114 ? 3.084   3.923   1.759   1.00 19.69 ? 114 PHE A N   1 
ATOM   731  C CA  . PHE A 1 114 ? 3.595   3.472   0.488   1.00 18.61 ? 114 PHE A CA  1 
ATOM   732  C C   . PHE A 1 114 ? 4.633   4.478   -0.036  1.00 18.85 ? 114 PHE A C   1 
ATOM   733  O O   . PHE A 1 114 ? 5.612   4.091   -0.648  1.00 20.97 ? 114 PHE A O   1 
ATOM   734  C CB  . PHE A 1 114 ? 2.411   3.157   -0.434  1.00 18.42 ? 114 PHE A CB  1 
ATOM   735  C CG  . PHE A 1 114 ? 1.708   1.877   -0.034  1.00 20.16 ? 114 PHE A CG  1 
ATOM   736  C CD1 . PHE A 1 114 ? 2.180   0.642   -0.480  1.00 22.44 ? 114 PHE A CD1 1 
ATOM   737  C CD2 . PHE A 1 114 ? 0.582   1.894   0.763   1.00 21.79 ? 114 PHE A CD2 1 
ATOM   738  C CE1 . PHE A 1 114 ? 1.595   -0.544  -0.051  1.00 21.33 ? 114 PHE A CE1 1 
ATOM   739  C CE2 . PHE A 1 114 ? -0.038  0.704   1.150   1.00 19.99 ? 114 PHE A CE2 1 
ATOM   740  C CZ  . PHE A 1 114 ? 0.471   -0.509  0.729   1.00 21.05 ? 114 PHE A CZ  1 
ATOM   741  N N   . GLY A 1 115 ? 4.371   5.771   0.157   1.00 20.28 ? 115 GLY A N   1 
ATOM   742  C CA  . GLY A 1 115 ? 5.237   6.825   -0.309  1.00 20.49 ? 115 GLY A CA  1 
ATOM   743  C C   . GLY A 1 115 ? 6.587   6.822   0.389   1.00 21.91 ? 115 GLY A C   1 
ATOM   744  O O   . GLY A 1 115 ? 7.573   7.347   -0.169  1.00 25.10 ? 115 GLY A O   1 
ATOM   745  N N   . SER A 1 116 ? 6.636   6.212   1.568   1.00 22.01 ? 116 SER A N   1 
ATOM   746  C CA  . SER A 1 116 ? 7.895   6.004   2.297   1.00 23.15 ? 116 SER A CA  1 
ATOM   747  C C   . SER A 1 116 ? 8.628   4.749   1.841   1.00 27.18 ? 116 SER A C   1 
ATOM   748  O O   . SER A 1 116 ? 9.763   4.521   2.334   1.00 28.81 ? 116 SER A O   1 
ATOM   749  C CB  . SER A 1 116 ? 7.630   6.003   3.747   1.00 24.43 ? 116 SER A CB  1 
ATOM   750  O OG  . SER A 1 116 ? 7.228   7.278   4.120   1.00 29.09 ? 116 SER A OG  1 
ATOM   751  N N   . HIS A 1 117 ? 8.024   3.924   0.978   1.00 23.55 ? 117 HIS A N   1 
ATOM   752  C CA  . HIS A 1 117 ? 8.616   2.699   0.454   1.00 23.62 ? 117 HIS A CA  1 
ATOM   753  C C   . HIS A 1 117 ? 8.344   2.571   -1.037  1.00 22.23 ? 117 HIS A C   1 
ATOM   754  O O   . HIS A 1 117 ? 7.794   1.588   -1.519  1.00 21.89 ? 117 HIS A O   1 
ATOM   755  C CB  . HIS A 1 117 ? 8.062   1.475   1.214   1.00 23.15 ? 117 HIS A CB  1 
ATOM   756  C CG  . HIS A 1 117 ? 8.363   1.559   2.657   1.00 24.22 ? 117 HIS A CG  1 
ATOM   757  N ND1 . HIS A 1 117 ? 9.599   1.111   3.171   1.00 27.27 ? 117 HIS A ND1 1 
ATOM   758  C CD2 . HIS A 1 117 ? 7.694   2.097   3.691   1.00 26.22 ? 117 HIS A CD2 1 
ATOM   759  C CE1 . HIS A 1 117 ? 9.631   1.346   4.465   1.00 31.13 ? 117 HIS A CE1 1 
ATOM   760  N NE2 . HIS A 1 117 ? 8.497   1.969   4.816   1.00 32.33 ? 117 HIS A NE2 1 
ATOM   761  N N   . LYS A 1 118 ? 8.736   3.600   -1.795  1.00 22.18 ? 118 LYS A N   1 
ATOM   762  C CA  . LYS A 1 118 ? 8.376   3.643   -3.198  1.00 21.81 ? 118 LYS A CA  1 
ATOM   763  C C   . LYS A 1 118 ? 8.965   2.507   -4.023  1.00 23.08 ? 118 LYS A C   1 
ATOM   764  O O   . LYS A 1 118 ? 8.340   2.021   -4.963  1.00 23.97 ? 118 LYS A O   1 
ATOM   765  C CB  . LYS A 1 118 ? 8.845   4.952   -3.822  1.00 23.20 ? 118 LYS A CB  1 
ATOM   766  C CG  . LYS A 1 118 ? 7.975   6.123   -3.392  1.00 23.68 ? 118 LYS A CG  1 
ATOM   767  C CD  . LYS A 1 118 ? 8.509   7.413   -3.953  1.00 27.05 ? 118 LYS A CD  1 
ATOM   768  C CE  . LYS A 1 118 ? 7.583   8.563   -3.734  1.00 30.67 ? 118 LYS A CE  1 
ATOM   769  N NZ  . LYS A 1 118 ? 7.718   9.117   -2.384  1.00 35.33 ? 118 LYS A NZ  1 
ATOM   770  N N   . ALA A 1 119 ? 10.198  2.084   -3.661  1.00 23.59 ? 119 ALA A N   1 
ATOM   771  C CA  . ALA A 1 119 ? 10.841  1.044   -4.469  1.00 24.99 ? 119 ALA A CA  1 
ATOM   772  C C   . ALA A 1 119 ? 10.137  -0.302  -4.262  1.00 22.02 ? 119 ALA A C   1 
ATOM   773  O O   . ALA A 1 119 ? 9.862   -1.010  -5.256  1.00 24.46 ? 119 ALA A O   1 
ATOM   774  C CB  . ALA A 1 119 ? 12.311  0.983   -4.137  1.00 26.36 ? 119 ALA A CB  1 
ATOM   775  N N   . VAL A 1 120 ? 9.779   -0.597  -3.011  1.00 22.36 ? 120 VAL A N   1 
ATOM   776  C CA  . VAL A 1 120 ? 9.036   -1.817  -2.706  1.00 21.57 ? 120 VAL A CA  1 
ATOM   777  C C   . VAL A 1 120 ? 7.654   -1.747  -3.364  1.00 22.24 ? 120 VAL A C   1 
ATOM   778  O O   . VAL A 1 120 ? 7.144   -2.733  -3.904  1.00 24.08 ? 120 VAL A O   1 
ATOM   779  C CB  . VAL A 1 120 ? 8.965   -2.086  -1.194  1.00 22.93 ? 120 VAL A CB  1 
ATOM   780  C CG1 . VAL A 1 120 ? 7.980   -3.191  -0.861  1.00 22.11 ? 120 VAL A CG1 1 
ATOM   781  C CG2 . VAL A 1 120 ? 10.341  -2.386  -0.589  1.00 24.99 ? 120 VAL A CG2 1 
ATOM   782  N N   . THR A 1 121 ? 7.020   -0.583  -3.293  1.00 22.62 ? 121 THR A N   1 
ATOM   783  C CA  . THR A 1 121 ? 5.688   -0.418  -3.903  1.00 23.34 ? 121 THR A CA  1 
ATOM   784  C C   . THR A 1 121 ? 5.777   -0.730  -5.407  1.00 23.29 ? 121 THR A C   1 
ATOM   785  O O   . THR A 1 121 ? 4.944   -1.439  -5.953  1.00 22.83 ? 121 THR A O   1 
ATOM   786  C CB  . THR A 1 121 ? 5.178   1.000   -3.614  1.00 23.01 ? 121 THR A CB  1 
ATOM   787  O OG1 . THR A 1 121 ? 5.002   1.212   -2.210  1.00 23.67 ? 121 THR A OG1 1 
ATOM   788  C CG2 . THR A 1 121 ? 3.871   1.295   -4.333  1.00 25.43 ? 121 THR A CG2 1 
ATOM   789  N N   . ARG A 1 122 ? 6.765   -0.131  -6.085  1.00 23.13 ? 122 ARG A N   1 
ATOM   790  C CA  . ARG A 1 122 ? 6.953   -0.270  -7.519  1.00 28.50 ? 122 ARG A CA  1 
ATOM   791  C C   . ARG A 1 122 ? 7.187   -1.747  -7.860  1.00 27.77 ? 122 ARG A C   1 
ATOM   792  O O   . ARG A 1 122 ? 6.539   -2.335  -8.697  1.00 27.30 ? 122 ARG A O   1 
ATOM   793  C CB  . ARG A 1 122 ? 8.105   0.660   -7.919  1.00 34.70 ? 122 ARG A CB  1 
ATOM   794  C CG  . ARG A 1 122 ? 8.494   0.662   -9.386  1.00 41.06 ? 122 ARG A CG  1 
ATOM   795  C CD  . ARG A 1 122 ? 9.701   1.590   -9.540  1.00 49.75 ? 122 ARG A CD  1 
ATOM   796  N NE  . ARG A 1 122 ? 9.348   2.987   -9.240  1.00 58.75 ? 122 ARG A NE  1 
ATOM   797  C CZ  . ARG A 1 122 ? 9.801   3.721   -8.214  1.00 57.38 ? 122 ARG A CZ  1 
ATOM   798  N NH1 . ARG A 1 122 ? 10.912  3.397   -7.562  1.00 50.52 ? 122 ARG A NH1 1 
ATOM   799  N NH2 . ARG A 1 122 ? 9.121   4.793   -7.841  1.00 45.57 ? 122 ARG A NH2 1 
ATOM   800  N N   . ALA A 1 123 ? 8.145   -2.365  -7.181  1.00 28.82 ? 123 ALA A N   1 
ATOM   801  C CA  . ALA A 1 123 ? 8.503   -3.754  -7.508  1.00 25.64 ? 123 ALA A CA  1 
ATOM   802  C C   . ALA A 1 123 ? 7.340   -4.713  -7.198  1.00 26.04 ? 123 ALA A C   1 
ATOM   803  O O   . ALA A 1 123 ? 7.097   -5.702  -7.902  1.00 28.20 ? 123 ALA A O   1 
ATOM   804  C CB  . ALA A 1 123 ? 9.739   -4.136  -6.733  1.00 27.96 ? 123 ALA A CB  1 
ATOM   805  N N   . GLY A 1 124 ? 6.680   -4.451  -6.065  1.00 24.39 ? 124 GLY A N   1 
ATOM   806  C CA  . GLY A 1 124 ? 5.547   -5.239  -5.602  1.00 24.60 ? 124 GLY A CA  1 
ATOM   807  C C   . GLY A 1 124 ? 4.378   -5.156  -6.560  1.00 27.38 ? 124 GLY A C   1 
ATOM   808  O O   . GLY A 1 124 ? 3.702   -6.171  -6.836  1.00 26.99 ? 124 GLY A O   1 
ATOM   809  N N   . GLN A 1 125 ? 4.156   -3.957  -7.133  1.00 27.90 ? 125 GLN A N   1 
ATOM   810  C CA  . GLN A 1 125 ? 3.084   -3.829  -8.111  1.00 31.86 ? 125 GLN A CA  1 
ATOM   811  C C   . GLN A 1 125 ? 3.439   -4.646  -9.357  1.00 32.94 ? 125 GLN A C   1 
ATOM   812  O O   . GLN A 1 125 ? 2.604   -5.391  -9.848  1.00 32.99 ? 125 GLN A O   1 
ATOM   813  C CB  . GLN A 1 125 ? 2.805   -2.360  -8.426  1.00 36.76 ? 125 GLN A CB  1 
ATOM   814  C CG  . GLN A 1 125 ? 1.853   -1.703  -7.426  1.00 42.09 ? 125 GLN A CG  1 
ATOM   815  C CD  . GLN A 1 125 ? 0.454   -2.287  -7.482  1.00 50.26 ? 125 GLN A CD  1 
ATOM   816  O OE1 . GLN A 1 125 ? -0.066  -2.601  -8.555  1.00 62.39 ? 125 GLN A OE1 1 
ATOM   817  N NE2 . GLN A 1 125 ? -0.158  -2.466  -6.321  1.00 42.15 ? 125 GLN A NE2 1 
ATOM   818  N N   . ALA A 1 126 ? 4.665   -4.493  -9.856  1.00 33.37 ? 126 ALA A N   1 
ATOM   819  C CA  . ALA A 1 126 ? 5.105   -5.226  -11.039 1.00 34.04 ? 126 ALA A CA  1 
ATOM   820  C C   . ALA A 1 126 ? 4.981   -6.743  -10.813 1.00 37.34 ? 126 ALA A C   1 
ATOM   821  O O   . ALA A 1 126 ? 4.589   -7.456  -11.714 1.00 39.09 ? 126 ALA A O   1 
ATOM   822  C CB  . ALA A 1 126 ? 6.518   -4.836  -11.367 1.00 36.43 ? 126 ALA A CB  1 
ATOM   823  N N   . ALA A 1 127 ? 5.326   -7.225  -9.610  1.00 36.05 ? 127 ALA A N   1 
ATOM   824  C CA  . ALA A 1 127 ? 5.386   -8.678  -9.312  1.00 34.70 ? 127 ALA A CA  1 
ATOM   825  C C   . ALA A 1 127 ? 3.990   -9.317  -9.323  1.00 38.10 ? 127 ALA A C   1 
ATOM   826  O O   . ALA A 1 127 ? 3.859   -10.539 -9.432  1.00 36.57 ? 127 ALA A O   1 
ATOM   827  C CB  . ALA A 1 127 ? 6.060   -8.903  -7.996  1.00 35.02 ? 127 ALA A CB  1 
ATOM   828  N N   . ARG A 1 128 ? 2.920   -8.517  -9.222  1.00 37.44 ? 128 ARG A N   1 
ATOM   829  C CA  . ARG A 1 128 ? 1.574   -9.092  -9.262  1.00 36.50 ? 128 ARG A CA  1 
ATOM   830  C C   . ARG A 1 128 ? 1.393   -9.938  -10.530 1.00 39.24 ? 128 ARG A C   1 
ATOM   831  O O   . ARG A 1 128 ? 0.615   -10.891 -10.519 1.00 40.41 ? 128 ARG A O   1 
ATOM   832  C CB  . ARG A 1 128 ? 0.483   -8.028  -9.327  1.00 39.28 ? 128 ARG A CB  1 
ATOM   833  C CG  . ARG A 1 128 ? 0.119   -7.381  -8.007  1.00 41.00 ? 128 ARG A CG  1 
ATOM   834  C CD  . ARG A 1 128 ? -0.847  -6.252  -8.340  1.00 45.08 ? 128 ARG A CD  1 
ATOM   835  N NE  . ARG A 1 128 ? -2.069  -6.188  -7.548  1.00 51.19 ? 128 ARG A NE  1 
ATOM   836  C CZ  . ARG A 1 128 ? -2.718  -5.043  -7.325  1.00 52.15 ? 128 ARG A CZ  1 
ATOM   837  N NH1 . ARG A 1 128 ? -2.471  -4.022  -8.131  1.00 51.44 ? 128 ARG A NH1 1 
ATOM   838  N NH2 . ARG A 1 128 ? -3.529  -4.896  -6.278  1.00 46.05 ? 128 ARG A NH2 1 
ATOM   839  N N   . ALA A 1 129 ? 2.063   -9.548  -11.619 1.00 42.07 ? 129 ALA A N   1 
ATOM   840  C CA  . ALA A 1 129 ? 1.911   -10.175 -12.941 1.00 47.04 ? 129 ALA A CA  1 
ATOM   841  C C   . ALA A 1 129 ? 2.502   -11.590 -12.945 1.00 49.02 ? 129 ALA A C   1 
ATOM   842  O O   . ALA A 1 129 ? 2.056   -12.448 -13.687 1.00 57.47 ? 129 ALA A O   1 
ATOM   843  C CB  . ALA A 1 129 ? 2.556   -9.315  -14.002 1.00 43.94 ? 129 ALA A CB  1 
ATOM   844  N N   . THR A 1 130 ? 3.495   -11.840 -12.097 1.00 50.23 ? 130 THR A N   1 
ATOM   845  C CA  . THR A 1 130 ? 4.290   -13.029 -12.203 1.00 47.64 ? 130 THR A CA  1 
ATOM   846  C C   . THR A 1 130 ? 4.182   -13.899 -10.945 1.00 49.12 ? 130 THR A C   1 
ATOM   847  O O   . THR A 1 130 ? 4.605   -15.051 -10.953 1.00 50.58 ? 130 THR A O   1 
ATOM   848  C CB  . THR A 1 130 ? 5.726   -12.593 -12.496 1.00 49.16 ? 130 THR A CB  1 
ATOM   849  O OG1 . THR A 1 130 ? 6.158   -11.809 -11.381 1.00 44.66 ? 130 THR A OG1 1 
ATOM   850  C CG2 . THR A 1 130 ? 5.810   -11.783 -13.768 1.00 46.02 ? 130 THR A CG2 1 
ATOM   851  N N   . SER A 1 131 ? 3.621   -13.354 -9.861  1.00 39.90 ? 131 SER A N   1 
ATOM   852  C CA  . SER A 1 131 ? 3.639   -13.996 -8.592  1.00 37.79 ? 131 SER A CA  1 
ATOM   853  C C   . SER A 1 131 ? 2.214   -14.097 -8.038  1.00 45.17 ? 131 SER A C   1 
ATOM   854  O O   . SER A 1 131 ? 1.557   -13.075 -7.759  1.00 36.48 ? 131 SER A O   1 
ATOM   855  C CB  . SER A 1 131 ? 4.524   -13.282 -7.637  1.00 38.25 ? 131 SER A CB  1 
ATOM   856  O OG  . SER A 1 131 ? 4.394   -13.853 -6.355  1.00 34.86 ? 131 SER A OG  1 
ATOM   857  N N   . VAL A 1 132 ? 1.743   -15.342 -7.879  1.00 39.86 ? 132 VAL A N   1 
ATOM   858  C CA  . VAL A 1 132 ? 0.441   -15.576 -7.340  1.00 37.63 ? 132 VAL A CA  1 
ATOM   859  C C   . VAL A 1 132 ? 0.417   -15.151 -5.872  1.00 36.42 ? 132 VAL A C   1 
ATOM   860  O O   . VAL A 1 132 ? -0.600  -14.673 -5.416  1.00 31.58 ? 132 VAL A O   1 
ATOM   861  C CB  . VAL A 1 132 ? 0.001   -17.042 -7.516  1.00 43.45 ? 132 VAL A CB  1 
ATOM   862  C CG1 . VAL A 1 132 ? -1.323  -17.313 -6.805  1.00 45.34 ? 132 VAL A CG1 1 
ATOM   863  C CG2 . VAL A 1 132 ? -0.110  -17.400 -8.985  1.00 45.20 ? 132 VAL A CG2 1 
ATOM   864  N N   . GLU A 1 133 ? 1.516   -15.336 -5.136  1.00 31.92 ? 133 GLU A N   1 
ATOM   865  C CA  . GLU A 1 133 ? 1.527   -14.976 -3.742  1.00 34.02 ? 133 GLU A CA  1 
ATOM   866  C C   . GLU A 1 133 ? 1.449   -13.452 -3.604  1.00 28.05 ? 133 GLU A C   1 
ATOM   867  O O   . GLU A 1 133 ? 0.774   -12.994 -2.708  1.00 28.19 ? 133 GLU A O   1 
ATOM   868  C CB  . GLU A 1 133 ? 2.784   -15.437 -3.011  1.00 39.20 ? 133 GLU A CB  1 
ATOM   869  C CG  . GLU A 1 133 ? 2.680   -16.857 -2.486  1.00 47.56 ? 133 GLU A CG  1 
ATOM   870  C CD  . GLU A 1 133 ? 4.025   -17.449 -2.110  1.00 54.63 ? 133 GLU A CD  1 
ATOM   871  O OE1 . GLU A 1 133 ? 4.279   -17.598 -0.888  1.00 57.66 ? 133 GLU A OE1 1 
ATOM   872  O OE2 . GLU A 1 133 ? 4.829   -17.716 -3.042  1.00 54.07 ? 133 GLU A OE2 1 
ATOM   873  N N   . VAL A 1 134 ? 2.184   -12.735 -4.455  1.00 31.87 ? 134 VAL A N   1 
ATOM   874  C CA  . VAL A 1 134 ? 2.143   -11.255 -4.391  1.00 30.95 ? 134 VAL A CA  1 
ATOM   875  C C   . VAL A 1 134 ? 0.724   -10.800 -4.744  1.00 30.57 ? 134 VAL A C   1 
ATOM   876  O O   . VAL A 1 134 ? 0.159   -9.986  -4.036  1.00 27.10 ? 134 VAL A O   1 
ATOM   877  C CB  . VAL A 1 134 ? 3.203   -10.617 -5.296  1.00 32.81 ? 134 VAL A CB  1 
ATOM   878  C CG1 . VAL A 1 134 ? 2.889   -9.158  -5.592  1.00 29.01 ? 134 VAL A CG1 1 
ATOM   879  C CG2 . VAL A 1 134 ? 4.602   -10.764 -4.695  1.00 31.29 ? 134 VAL A CG2 1 
ATOM   880  N N   . ALA A 1 135 ? 0.144   -11.392 -5.800  1.00 28.89 ? 135 ALA A N   1 
ATOM   881  C CA  . ALA A 1 135 ? -1.220  -11.023 -6.258  1.00 28.53 ? 135 ALA A CA  1 
ATOM   882  C C   . ALA A 1 135 ? -2.223  -11.244 -5.119  1.00 29.27 ? 135 ALA A C   1 
ATOM   883  O O   . ALA A 1 135 ? -3.066  -10.385 -4.837  1.00 27.34 ? 135 ALA A O   1 
ATOM   884  C CB  . ALA A 1 135 ? -1.584  -11.769 -7.531  1.00 30.70 ? 135 ALA A CB  1 
ATOM   885  N N   . GLU A 1 136 ? -2.095  -12.353 -4.383  1.00 27.33 ? 136 GLU A N   1 
ATOM   886  C CA  . GLU A 1 136 ? -2.993  -12.684 -3.312  1.00 26.87 ? 136 GLU A CA  1 
ATOM   887  C C   . GLU A 1 136 ? -2.786  -11.792 -2.086  1.00 24.52 ? 136 GLU A C   1 
ATOM   888  O O   . GLU A 1 136 ? -3.763  -11.451 -1.407  1.00 24.52 ? 136 GLU A O   1 
ATOM   889  C CB  . GLU A 1 136 ? -2.849  -14.169 -2.967  1.00 31.81 ? 136 GLU A CB  1 
ATOM   890  C CG  . GLU A 1 136 ? -3.358  -15.036 -4.107  1.00 40.03 ? 136 GLU A CG  1 
ATOM   891  C CD  . GLU A 1 136 ? -3.259  -16.534 -3.863  1.00 51.04 ? 136 GLU A CD  1 
ATOM   892  O OE1 . GLU A 1 136 ? -2.468  -16.931 -2.981  1.00 50.34 ? 136 GLU A OE1 1 
ATOM   893  O OE2 . GLU A 1 136 ? -3.993  -17.295 -4.548  1.00 53.01 ? 136 GLU A OE2 1 
ATOM   894  N N   . LEU A 1 137 ? -1.550  -11.333 -1.837  1.00 23.43 ? 137 LEU A N   1 
ATOM   895  C CA  . LEU A 1 137 ? -1.285  -10.466 -0.697  1.00 23.54 ? 137 LEU A CA  1 
ATOM   896  C C   . LEU A 1 137 ? -1.983  -9.114  -0.936  1.00 22.16 ? 137 LEU A C   1 
ATOM   897  O O   . LEU A 1 137 ? -2.652  -8.600  -0.069  1.00 21.95 ? 137 LEU A O   1 
ATOM   898  C CB  . LEU A 1 137 ? 0.228   -10.297 -0.546  1.00 25.05 ? 137 LEU A CB  1 
ATOM   899  C CG  . LEU A 1 137 ? 0.710   -9.404  0.583   1.00 26.44 ? 137 LEU A CG  1 
ATOM   900  C CD1 . LEU A 1 137 ? 0.256   -9.896  1.953   1.00 29.62 ? 137 LEU A CD1 1 
ATOM   901  C CD2 . LEU A 1 137 ? 2.236   -9.328  0.556   1.00 29.73 ? 137 LEU A CD2 1 
ATOM   902  N N   . TRP A 1 138 ? -1.735  -8.540  -2.102  1.00 23.50 ? 138 TRP A N   1 
ATOM   903  C CA  . TRP A 1 138 ? -2.395  -7.253  -2.460  1.00 24.14 ? 138 TRP A CA  1 
ATOM   904  C C   . TRP A 1 138 ? -3.919  -7.407  -2.341  1.00 22.81 ? 138 TRP A C   1 
ATOM   905  O O   . TRP A 1 138 ? -4.634  -6.579  -1.709  1.00 23.21 ? 138 TRP A O   1 
ATOM   906  C CB  . TRP A 1 138 ? -2.019  -6.826  -3.867  1.00 25.85 ? 138 TRP A CB  1 
ATOM   907  C CG  . TRP A 1 138 ? -0.687  -6.201  -4.105  1.00 26.88 ? 138 TRP A CG  1 
ATOM   908  C CD1 . TRP A 1 138 ? 0.281   -6.708  -4.916  1.00 30.42 ? 138 TRP A CD1 1 
ATOM   909  C CD2 . TRP A 1 138 ? -0.223  -4.900  -3.701  1.00 27.83 ? 138 TRP A CD2 1 
ATOM   910  N NE1 . TRP A 1 138 ? 1.336   -5.836  -5.022  1.00 28.77 ? 138 TRP A NE1 1 
ATOM   911  C CE2 . TRP A 1 138 ? 1.070   -4.732  -4.259  1.00 29.37 ? 138 TRP A CE2 1 
ATOM   912  C CE3 . TRP A 1 138 ? -0.727  -3.907  -2.868  1.00 27.45 ? 138 TRP A CE3 1 
ATOM   913  C CZ2 . TRP A 1 138 ? 1.822   -3.575  -4.062  1.00 27.97 ? 138 TRP A CZ2 1 
ATOM   914  C CZ3 . TRP A 1 138 ? 0.024   -2.767  -2.663  1.00 27.41 ? 138 TRP A CZ3 1 
ATOM   915  C CH2 . TRP A 1 138 ? 1.286   -2.610  -3.231  1.00 27.61 ? 138 TRP A CH2 1 
ATOM   916  N N   . SER A 1 139 ? -4.449  -8.499  -2.907  1.00 23.06 ? 139 SER A N   1 
ATOM   917  C CA  A SER A 1 139 ? -5.878  -8.751  -2.949  0.50 21.64 ? 139 SER A CA  1 
ATOM   918  C CA  B SER A 1 139 ? -5.896  -8.766  -2.942  0.50 23.35 ? 139 SER A CA  1 
ATOM   919  C C   . SER A 1 139 ? -6.468  -8.838  -1.536  1.00 20.77 ? 139 SER A C   1 
ATOM   920  O O   . SER A 1 139 ? -7.508  -8.234  -1.237  1.00 22.08 ? 139 SER A O   1 
ATOM   921  C CB  A SER A 1 139 ? -6.156  -9.977  -3.783  0.33 19.47 ? 139 SER A CB  1 
ATOM   922  C CB  B SER A 1 139 ? -6.243  -10.021 -3.691  0.33 22.96 ? 139 SER A CB  1 
ATOM   923  O OG  A SER A 1 139 ? -7.505  -10.362 -3.695  0.50 20.00 ? 139 SER A OG  1 
ATOM   924  O OG  B SER A 1 139 ? -5.832  -9.917  -5.031  0.50 29.37 ? 139 SER A OG  1 
ATOM   925  N N   . THR A 1 140 ? -5.822  -9.624  -0.653  1.00 21.24 ? 140 THR A N   1 
ATOM   926  C CA  . THR A 1 140 ? -6.249  -9.773  0.688   1.00 21.69 ? 140 THR A CA  1 
ATOM   927  C C   . THR A 1 140 ? -6.408  -8.407  1.371   1.00 19.27 ? 140 THR A C   1 
ATOM   928  O O   . THR A 1 140 ? -7.384  -8.125  2.061   1.00 19.95 ? 140 THR A O   1 
ATOM   929  C CB  . THR A 1 140 ? -5.253  -10.639 1.484   1.00 24.30 ? 140 THR A CB  1 
ATOM   930  O OG1 . THR A 1 140 ? -5.311  -11.945 0.913   1.00 29.38 ? 140 THR A OG1 1 
ATOM   931  C CG2 . THR A 1 140 ? -5.610  -10.725 2.938   1.00 27.59 ? 140 THR A CG2 1 
ATOM   932  N N   . PHE A 1 141 ? -5.340  -7.584  1.311   1.00 19.55 ? 141 PHE A N   1 
ATOM   933  C CA  . PHE A 1 141 ? -5.383  -6.312  2.034   1.00 19.88 ? 141 PHE A CA  1 
ATOM   934  C C   . PHE A 1 141 ? -6.325  -5.305  1.343   1.00 18.74 ? 141 PHE A C   1 
ATOM   935  O O   . PHE A 1 141 ? -7.005  -4.594  2.034   1.00 18.89 ? 141 PHE A O   1 
ATOM   936  C CB  . PHE A 1 141 ? -3.974  -5.760  2.238   1.00 21.41 ? 141 PHE A CB  1 
ATOM   937  C CG  . PHE A 1 141 ? -3.295  -6.434  3.413   1.00 22.51 ? 141 PHE A CG  1 
ATOM   938  C CD1 . PHE A 1 141 ? -3.478  -5.968  4.710   1.00 25.01 ? 141 PHE A CD1 1 
ATOM   939  C CD2 . PHE A 1 141 ? -2.658  -7.648  3.212   1.00 23.15 ? 141 PHE A CD2 1 
ATOM   940  C CE1 . PHE A 1 141 ? -2.875  -6.619  5.784   1.00 25.84 ? 141 PHE A CE1 1 
ATOM   941  C CE2 . PHE A 1 141 ? -2.092  -8.317  4.296   1.00 25.04 ? 141 PHE A CE2 1 
ATOM   942  C CZ  . PHE A 1 141 ? -2.219  -7.808  5.569   1.00 24.45 ? 141 PHE A CZ  1 
ATOM   943  N N   . MET A 1 142 ? -6.389  -5.305  0.009   1.00 18.83 ? 142 MET A N   1 
ATOM   944  C CA  . MET A 1 142 ? -7.329  -4.402  -0.682  1.00 20.82 ? 142 MET A CA  1 
ATOM   945  C C   . MET A 1 142 ? -8.776  -4.742  -0.260  1.00 20.94 ? 142 MET A C   1 
ATOM   946  O O   . MET A 1 142 ? -9.606  -3.841  0.015   1.00 18.08 ? 142 MET A O   1 
ATOM   947  C CB  . MET A 1 142 ? -7.149  -4.481  -2.205  1.00 22.54 ? 142 MET A CB  1 
ATOM   948  C CG  . MET A 1 142 ? -5.896  -3.822  -2.729  1.00 29.18 ? 142 MET A CG  1 
ATOM   949  S SD  . MET A 1 142 ? -5.862  -2.020  -2.440  1.00 31.68 ? 142 MET A SD  1 
ATOM   950  C CE  . MET A 1 142 ? -7.238  -1.576  -3.501  1.00 27.49 ? 142 MET A CE  1 
ATOM   951  N N   . GLN A 1 143 ? -9.087  -6.051  -0.123  1.00 19.76 ? 143 GLN A N   1 
ATOM   952  C CA  A GLN A 1 143 ? -10.425 -6.452  0.318   0.50 18.79 ? 143 GLN A CA  1 
ATOM   953  C CA  B GLN A 1 143 ? -10.424 -6.469  0.318   0.50 21.24 ? 143 GLN A CA  1 
ATOM   954  C C   . GLN A 1 143 ? -10.705 -5.919  1.738   1.00 18.32 ? 143 GLN A C   1 
ATOM   955  O O   . GLN A 1 143 ? -11.773 -5.404  2.014   1.00 18.45 ? 143 GLN A O   1 
ATOM   956  C CB  A GLN A 1 143 ? -10.608 -7.967  0.241   0.50 18.40 ? 143 GLN A CB  1 
ATOM   957  C CB  B GLN A 1 143 ? -10.549 -7.987  0.146   0.50 24.26 ? 143 GLN A CB  1 
ATOM   958  C CG  A GLN A 1 143 ? -10.523 -8.538  -1.167  0.50 18.55 ? 143 GLN A CG  1 
ATOM   959  C CG  B GLN A 1 143 ? -11.842 -8.597  0.681   0.50 30.80 ? 143 GLN A CG  1 
ATOM   960  C CD  A GLN A 1 143 ? -10.608 -10.045 -1.220  0.50 22.95 ? 143 GLN A CD  1 
ATOM   961  C CD  B GLN A 1 143 ? -11.877 -10.113 0.637   0.50 33.93 ? 143 GLN A CD  1 
ATOM   962  O OE1 A GLN A 1 143 ? -9.650  -10.735 -1.564  0.50 26.42 ? 143 GLN A OE1 1 
ATOM   963  O OE1 B GLN A 1 143 ? -11.094 -10.765 -0.063  0.50 37.48 ? 143 GLN A OE1 1 
ATOM   964  N NE2 A GLN A 1 143 ? -11.765 -10.577 -0.868  0.50 24.34 ? 143 GLN A NE2 1 
ATOM   965  N NE2 B GLN A 1 143 ? -12.784 -10.695 1.414   0.50 34.77 ? 143 GLN A NE2 1 
ATOM   966  N N   . LYS A 1 144 ? -9.705  -5.980  2.641   1.00 17.55 ? 144 LYS A N   1 
ATOM   967  C CA  . LYS A 1 144 ? -9.878  -5.479  4.008   1.00 18.09 ? 144 LYS A CA  1 
ATOM   968  C C   . LYS A 1 144 ? -10.142 -3.980  4.064   1.00 16.44 ? 144 LYS A C   1 
ATOM   969  O O   . LYS A 1 144 ? -11.001 -3.499  4.776   1.00 17.41 ? 144 LYS A O   1 
ATOM   970  C CB  . LYS A 1 144 ? -8.640  -5.808  4.848   1.00 19.74 ? 144 LYS A CB  1 
ATOM   971  C CG  . LYS A 1 144 ? -8.755  -5.501  6.330   1.00 26.69 ? 144 LYS A CG  1 
ATOM   972  C CD  . LYS A 1 144 ? -7.559  -6.036  7.166   1.00 28.08 ? 144 LYS A CD  1 
ATOM   973  C CE  . LYS A 1 144 ? -7.719  -5.820  8.653   1.00 34.09 ? 144 LYS A CE  1 
ATOM   974  N NZ  . LYS A 1 144 ? -6.552  -6.363  9.411   1.00 34.32 ? 144 LYS A NZ  1 
ATOM   975  N N   . TRP A 1 145 ? -9.390  -3.236  3.228   1.00 17.97 ? 145 TRP A N   1 
ATOM   976  C CA  . TRP A 1 145 ? -9.462  -1.806  3.207   1.00 17.77 ? 145 TRP A CA  1 
ATOM   977  C C   . TRP A 1 145 ? -10.756 -1.285  2.557   1.00 15.60 ? 145 TRP A C   1 
ATOM   978  O O   . TRP A 1 145 ? -11.332 -0.328  3.017   1.00 17.00 ? 145 TRP A O   1 
ATOM   979  C CB  . TRP A 1 145 ? -8.191  -1.259  2.536   1.00 17.42 ? 145 TRP A CB  1 
ATOM   980  C CG  . TRP A 1 145 ? -6.933  -1.651  3.291   1.00 17.07 ? 145 TRP A CG  1 
ATOM   981  C CD1 . TRP A 1 145 ? -6.854  -1.869  4.633   1.00 19.27 ? 145 TRP A CD1 1 
ATOM   982  C CD2 . TRP A 1 145 ? -5.591  -1.762  2.771   1.00 19.50 ? 145 TRP A CD2 1 
ATOM   983  N NE1 . TRP A 1 145 ? -5.565  -2.173  4.986   1.00 19.38 ? 145 TRP A NE1 1 
ATOM   984  C CE2 . TRP A 1 145 ? -4.767  -2.149  3.871   1.00 19.04 ? 145 TRP A CE2 1 
ATOM   985  C CE3 . TRP A 1 145 ? -5.008  -1.696  1.491   1.00 18.78 ? 145 TRP A CE3 1 
ATOM   986  C CZ2 . TRP A 1 145 ? -3.391  -2.352  3.708   1.00 20.19 ? 145 TRP A CZ2 1 
ATOM   987  C CZ3 . TRP A 1 145 ? -3.651  -1.981  1.330   1.00 20.82 ? 145 TRP A CZ3 1 
ATOM   988  C CH2 . TRP A 1 145 ? -2.845  -2.256  2.432   1.00 20.69 ? 145 TRP A CH2 1 
ATOM   989  N N   . ILE A 1 146 ? -11.198 -2.006  1.515   1.00 16.63 ? 146 ILE A N   1 
ATOM   990  C CA  . ILE A 1 146 ? -12.508 -1.746  0.933   1.00 15.64 ? 146 ILE A CA  1 
ATOM   991  C C   . ILE A 1 146 ? -13.628 -1.998  1.961   1.00 15.77 ? 146 ILE A C   1 
ATOM   992  O O   . ILE A 1 146 ? -14.571 -1.217  2.049   1.00 16.51 ? 146 ILE A O   1 
ATOM   993  C CB  . ILE A 1 146 ? -12.696 -2.578  -0.346  1.00 15.23 ? 146 ILE A CB  1 
ATOM   994  C CG1 . ILE A 1 146 ? -11.796 -1.998  -1.447  1.00 15.48 ? 146 ILE A CG1 1 
ATOM   995  C CG2 . ILE A 1 146 ? -14.159 -2.576  -0.769  1.00 16.33 ? 146 ILE A CG2 1 
ATOM   996  C CD1 . ILE A 1 146 ? -11.600 -2.864  -2.650  1.00 17.48 ? 146 ILE A CD1 1 
ATOM   997  N N   . ALA A 1 147 ? -13.533 -3.098  2.683   1.00 16.35 ? 147 ALA A N   1 
ATOM   998  C CA  . ALA A 1 147 ? -14.553 -3.420  3.656   1.00 18.34 ? 147 ALA A CA  1 
ATOM   999  C C   . ALA A 1 147 ? -14.653 -2.338  4.740   1.00 17.29 ? 147 ALA A C   1 
ATOM   1000 O O   . ALA A 1 147 ? -15.733 -1.901  5.125   1.00 18.67 ? 147 ALA A O   1 
ATOM   1001 C CB  . ALA A 1 147 ? -14.341 -4.791  4.243   1.00 17.92 ? 147 ALA A CB  1 
ATOM   1002 N N   . TYR A 1 148 ? -13.478 -1.867  5.187   1.00 17.49 ? 148 TYR A N   1 
ATOM   1003 C CA  . TYR A 1 148 ? -13.425 -0.829  6.210   1.00 19.89 ? 148 TYR A CA  1 
ATOM   1004 C C   . TYR A 1 148 ? -14.041 0.456   5.653   1.00 17.19 ? 148 TYR A C   1 
ATOM   1005 O O   . TYR A 1 148 ? -14.830 1.119   6.268   1.00 17.90 ? 148 TYR A O   1 
ATOM   1006 C CB  . TYR A 1 148 ? -12.012 -0.648  6.740   1.00 20.71 ? 148 TYR A CB  1 
ATOM   1007 C CG  . TYR A 1 148 ? -11.976 0.409   7.805   1.00 21.69 ? 148 TYR A CG  1 
ATOM   1008 C CD1 . TYR A 1 148 ? -12.576 0.203   9.038   1.00 26.56 ? 148 TYR A CD1 1 
ATOM   1009 C CD2 . TYR A 1 148 ? -11.465 1.664   7.541   1.00 22.91 ? 148 TYR A CD2 1 
ATOM   1010 C CE1 . TYR A 1 148 ? -12.598 1.192   10.011  1.00 25.54 ? 148 TYR A CE1 1 
ATOM   1011 C CE2 . TYR A 1 148 ? -11.496 2.663   8.506   1.00 26.76 ? 148 TYR A CE2 1 
ATOM   1012 C CZ  . TYR A 1 148 ? -12.029 2.424   9.749   1.00 27.12 ? 148 TYR A CZ  1 
ATOM   1013 O OH  . TYR A 1 148 ? -11.999 3.466   10.659  1.00 31.36 ? 148 TYR A OH  1 
ATOM   1014 N N   . THR A 1 149 ? -13.645 0.804   4.411   1.00 16.16 ? 149 THR A N   1 
ATOM   1015 C CA  . THR A 1 149 ? -14.180 1.989   3.746   1.00 16.09 ? 149 THR A CA  1 
ATOM   1016 C C   . THR A 1 149 ? -15.710 1.930   3.707   1.00 16.88 ? 149 THR A C   1 
ATOM   1017 O O   . THR A 1 149 ? -16.383 2.891   4.007   1.00 18.09 ? 149 THR A O   1 
ATOM   1018 C CB  . THR A 1 149 ? -13.613 2.148   2.321   1.00 16.29 ? 149 THR A CB  1 
ATOM   1019 O OG1 . THR A 1 149 ? -12.175 2.244   2.380   1.00 16.11 ? 149 THR A OG1 1 
ATOM   1020 C CG2 . THR A 1 149 ? -14.239 3.301   1.576   1.00 16.30 ? 149 THR A CG2 1 
ATOM   1021 N N   . ALA A 1 150 ? -16.229 0.779   3.247   1.00 17.57 ? 150 ALA A N   1 
ATOM   1022 C CA  . ALA A 1 150 ? -17.687 0.616   3.110   1.00 18.16 ? 150 ALA A CA  1 
ATOM   1023 C C   . ALA A 1 150 ? -18.398 0.737   4.470   1.00 17.87 ? 150 ALA A C   1 
ATOM   1024 O O   . ALA A 1 150 ? -19.436 1.313   4.581   1.00 19.98 ? 150 ALA A O   1 
ATOM   1025 C CB  . ALA A 1 150 ? -17.974 -0.692  2.470   1.00 17.10 ? 150 ALA A CB  1 
ATOM   1026 N N   . ALA A 1 151 ? -17.753 0.195   5.483   1.00 18.43 ? 151 ALA A N   1 
ATOM   1027 C CA  . ALA A 1 151 ? -18.296 0.298   6.893   1.00 19.92 ? 151 ALA A CA  1 
ATOM   1028 C C   . ALA A 1 151 ? -18.392 1.760   7.348   1.00 21.82 ? 151 ALA A C   1 
ATOM   1029 O O   . ALA A 1 151 ? -19.386 2.171   8.016   1.00 22.27 ? 151 ALA A O   1 
ATOM   1030 C CB  . ALA A 1 151 ? -17.428 -0.536  7.792   1.00 20.55 ? 151 ALA A CB  1 
ATOM   1031 N N   . VAL A 1 152 ? -17.384 2.597   7.020   1.00 21.30 ? 152 VAL A N   1 
ATOM   1032 C CA  . VAL A 1 152 ? -17.430 3.979   7.396   1.00 19.81 ? 152 VAL A CA  1 
ATOM   1033 C C   . VAL A 1 152 ? -18.483 4.730   6.575   1.00 21.80 ? 152 VAL A C   1 
ATOM   1034 O O   . VAL A 1 152 ? -19.265 5.512   7.108   1.00 21.88 ? 152 VAL A O   1 
ATOM   1035 C CB  . VAL A 1 152 ? -16.065 4.684   7.287   1.00 21.85 ? 152 VAL A CB  1 
ATOM   1036 C CG1 . VAL A 1 152 ? -16.187 6.158   7.663   1.00 22.17 ? 152 VAL A CG1 1 
ATOM   1037 C CG2 . VAL A 1 152 ? -15.006 3.975   8.136   1.00 22.42 ? 152 VAL A CG2 1 
ATOM   1038 N N   . ILE A 1 153 ? -18.570 4.466   5.263   1.00 18.84 ? 153 ILE A N   1 
ATOM   1039 C CA  . ILE A 1 153 ? -19.627 5.050   4.476   1.00 18.54 ? 153 ILE A CA  1 
ATOM   1040 C C   . ILE A 1 153 ? -20.992 4.693   5.098   1.00 19.84 ? 153 ILE A C   1 
ATOM   1041 O O   . ILE A 1 153 ? -21.839 5.532   5.159   1.00 21.70 ? 153 ILE A O   1 
ATOM   1042 C CB  . ILE A 1 153 ? -19.526 4.589   3.005   1.00 19.01 ? 153 ILE A CB  1 
ATOM   1043 C CG1 . ILE A 1 153 ? -18.252 5.162   2.352   1.00 18.41 ? 153 ILE A CG1 1 
ATOM   1044 C CG2 . ILE A 1 153 ? -20.762 4.996   2.247   1.00 19.72 ? 153 ILE A CG2 1 
ATOM   1045 C CD1 . ILE A 1 153 ? -17.922 4.614   1.008   1.00 17.84 ? 153 ILE A CD1 1 
ATOM   1046 N N   . ASP A 1 154 ? -21.200 3.418   5.409   1.00 20.41 ? 154 ASP A N   1 
ATOM   1047 C CA  . ASP A 1 154 ? -22.453 2.916   5.995   1.00 21.55 ? 154 ASP A CA  1 
ATOM   1048 C C   . ASP A 1 154 ? -22.771 3.672   7.293   1.00 24.12 ? 154 ASP A C   1 
ATOM   1049 O O   . ASP A 1 154 ? -23.896 4.079   7.541   1.00 24.87 ? 154 ASP A O   1 
ATOM   1050 C CB  . ASP A 1 154 ? -22.400 1.423   6.237   1.00 22.82 ? 154 ASP A CB  1 
ATOM   1051 C CG  . ASP A 1 154 ? -22.735 0.666   4.948   1.00 22.04 ? 154 ASP A CG  1 
ATOM   1052 O OD1 . ASP A 1 154 ? -23.483 1.260   4.110   1.00 28.95 ? 154 ASP A OD1 1 
ATOM   1053 O OD2 . ASP A 1 154 ? -22.335 -0.476  4.884   1.00 30.45 ? 154 ASP A OD2 1 
ATOM   1054 N N   . ALA A 1 155 ? -21.764 3.852   8.099   1.00 23.06 ? 155 ALA A N   1 
ATOM   1055 C CA  . ALA A 1 155 ? -21.931 4.625   9.376   1.00 26.88 ? 155 ALA A CA  1 
ATOM   1056 C C   . ALA A 1 155 ? -22.349 6.077   9.118   1.00 29.37 ? 155 ALA A C   1 
ATOM   1057 O O   . ALA A 1 155 ? -23.225 6.613   9.824   1.00 31.06 ? 155 ALA A O   1 
ATOM   1058 C CB  . ALA A 1 155 ? -20.657 4.513   10.151  1.00 29.48 ? 155 ALA A CB  1 
ATOM   1059 N N   . GLU A 1 156 ? -21.725 6.749   8.146   1.00 23.96 ? 156 GLU A N   1 
ATOM   1060 C CA  . GLU A 1 156 ? -22.085 8.075   7.735   1.00 24.69 ? 156 GLU A CA  1 
ATOM   1061 C C   . GLU A 1 156 ? -23.527 8.137   7.225   1.00 26.79 ? 156 GLU A C   1 
ATOM   1062 O O   . GLU A 1 156 ? -24.220 9.151   7.402   1.00 27.56 ? 156 GLU A O   1 
ATOM   1063 C CB  . GLU A 1 156 ? -21.111 8.604   6.670   1.00 25.76 ? 156 GLU A CB  1 
ATOM   1064 C CG  . GLU A 1 156 ? -19.700 8.855   7.194   1.00 23.62 ? 156 GLU A CG  1 
ATOM   1065 C CD  . GLU A 1 156 ? -19.653 10.005  8.198   1.00 23.80 ? 156 GLU A CD  1 
ATOM   1066 O OE1 . GLU A 1 156 ? -19.501 11.162  7.786   1.00 23.82 ? 156 GLU A OE1 1 
ATOM   1067 O OE2 . GLU A 1 156 ? -19.946 9.736   9.381   1.00 30.73 ? 156 GLU A OE2 1 
ATOM   1068 N N   . ARG A 1 157 ? -23.971 7.116   6.469   1.00 24.05 ? 157 ARG A N   1 
ATOM   1069 C CA  . ARG A 1 157 ? -25.347 7.077   6.010   1.00 23.06 ? 157 ARG A CA  1 
ATOM   1070 C C   . ARG A 1 157 ? -26.338 6.885   7.190   1.00 24.12 ? 157 ARG A C   1 
ATOM   1071 O O   . ARG A 1 157 ? -27.370 7.544   7.182   1.00 28.26 ? 157 ARG A O   1 
ATOM   1072 C CB  . ARG A 1 157 ? -25.515 5.966   4.963   1.00 22.29 ? 157 ARG A CB  1 
ATOM   1073 C CG  . ARG A 1 157 ? -24.756 6.239   3.660   1.00 22.02 ? 157 ARG A CG  1 
ATOM   1074 C CD  . ARG A 1 157 ? -24.786 5.049   2.698   1.00 21.18 ? 157 ARG A CD  1 
ATOM   1075 N NE  . ARG A 1 157 ? -24.128 5.412   1.429   1.00 19.06 ? 157 ARG A NE  1 
ATOM   1076 C CZ  . ARG A 1 157 ? -24.203 4.760   0.296   1.00 20.25 ? 157 ARG A CZ  1 
ATOM   1077 N NH1 . ARG A 1 157 ? -24.795 3.571   0.263   1.00 21.17 ? 157 ARG A NH1 1 
ATOM   1078 N NH2 . ARG A 1 157 ? -23.647 5.288   -0.794  1.00 18.97 ? 157 ARG A NH2 1 
ATOM   1079 N N   . ASP A 1 158 ? -25.980 6.020   8.108   1.00 25.30 ? 158 ASP A N   1 
ATOM   1080 C CA  . ASP A 1 158 ? -26.839 5.618   9.261   1.00 28.95 ? 158 ASP A CA  1 
ATOM   1081 C C   . ASP A 1 158 ? -27.044 6.857   10.138  1.00 32.54 ? 158 ASP A C   1 
ATOM   1082 O O   . ASP A 1 158 ? -28.143 7.045   10.681  1.00 34.20 ? 158 ASP A O   1 
ATOM   1083 C CB  . ASP A 1 158 ? -26.239 4.452   10.040  1.00 28.63 ? 158 ASP A CB  1 
ATOM   1084 C CG  . ASP A 1 158 ? -26.384 3.087   9.397   1.00 29.25 ? 158 ASP A CG  1 
ATOM   1085 O OD1 . ASP A 1 158 ? -27.109 2.965   8.345   1.00 33.39 ? 158 ASP A OD1 1 
ATOM   1086 O OD2 . ASP A 1 158 ? -25.697 2.153   9.884   1.00 32.76 ? 158 ASP A OD2 1 
ATOM   1087 N N   . ARG A 1 159 ? -26.032 7.712   10.234  1.00 30.24 ? 159 ARG A N   1 
ATOM   1088 C CA  . ARG A 1 159 ? -26.108 8.938   11.089  1.00 34.64 ? 159 ARG A CA  1 
ATOM   1089 C C   . ARG A 1 159 ? -26.780 10.093  10.333  1.00 35.26 ? 159 ARG A C   1 
ATOM   1090 O O   . ARG A 1 159 ? -27.056 11.144  10.918  1.00 37.89 ? 159 ARG A O   1 
ATOM   1091 C CB  . ARG A 1 159 ? -24.735 9.264   11.685  1.00 35.13 ? 159 ARG A CB  1 
ATOM   1092 C CG  . ARG A 1 159 ? -23.797 10.094  10.832  1.00 37.33 ? 159 ARG A CG  1 
ATOM   1093 C CD  . ARG A 1 159 ? -22.476 10.364  11.549  1.00 38.99 ? 159 ARG A CD  1 
ATOM   1094 N NE  . ARG A 1 159 ? -21.503 11.128  10.748  1.00 40.18 ? 159 ARG A NE  1 
ATOM   1095 C CZ  . ARG A 1 159 ? -21.467 12.466  10.600  1.00 45.12 ? 159 ARG A CZ  1 
ATOM   1096 N NH1 . ARG A 1 159 ? -22.284 13.245  11.290  1.00 49.70 ? 159 ARG A NH1 1 
ATOM   1097 N NH2 . ARG A 1 159 ? -20.634 13.032  9.733   1.00 43.84 ? 159 ARG A NH2 1 
ATOM   1098 N N   . GLY A 1 160 ? -27.049 9.932   9.037   1.00 30.06 ? 160 GLY A N   1 
ATOM   1099 C CA  . GLY A 1 160 ? -27.755 10.926  8.250   1.00 29.92 ? 160 GLY A CA  1 
ATOM   1100 C C   . GLY A 1 160 ? -26.855 11.955  7.573   1.00 30.58 ? 160 GLY A C   1 
ATOM   1101 O O   . GLY A 1 160 ? -27.339 12.899  6.936   1.00 32.45 ? 160 GLY A O   1 
ATOM   1102 N N   . ALA A 1 161 ? -25.537 11.745  7.630   1.00 30.44 ? 161 ALA A N   1 
ATOM   1103 C CA  . ALA A 1 161 ? -24.545 12.666  7.054   1.00 30.92 ? 161 ALA A CA  1 
ATOM   1104 C C   . ALA A 1 161 ? -24.312 12.436  5.542   1.00 29.18 ? 161 ALA A C   1 
ATOM   1105 O O   . ALA A 1 161 ? -24.083 13.375  4.753   1.00 29.22 ? 161 ALA A O   1 
ATOM   1106 C CB  . ALA A 1 161 ? -23.252 12.494  7.823   1.00 32.16 ? 161 ALA A CB  1 
ATOM   1107 N N   . ALA A 1 162 ? -24.438 11.180  5.119   1.00 24.45 ? 162 ALA A N   1 
ATOM   1108 C CA  . ALA A 1 162 ? -24.202 10.784  3.735   1.00 23.27 ? 162 ALA A CA  1 
ATOM   1109 C C   . ALA A 1 162 ? -25.498 10.250  3.119   1.00 23.01 ? 162 ALA A C   1 
ATOM   1110 O O   . ALA A 1 162 ? -26.208 9.464   3.752   1.00 25.09 ? 162 ALA A O   1 
ATOM   1111 C CB  . ALA A 1 162 ? -23.101 9.769   3.671   1.00 24.67 ? 162 ALA A CB  1 
ATOM   1112 N N   . PRO A 1 163 ? -25.809 10.603  1.857   1.00 23.37 ? 163 PRO A N   1 
ATOM   1113 C CA  . PRO A 1 163 ? -27.030 10.112  1.203   1.00 26.66 ? 163 PRO A CA  1 
ATOM   1114 C C   . PRO A 1 163 ? -26.904 8.656   0.745   1.00 26.50 ? 163 PRO A C   1 
ATOM   1115 O O   . PRO A 1 163 ? -25.797 8.166   0.454   1.00 23.48 ? 163 PRO A O   1 
ATOM   1116 C CB  . PRO A 1 163 ? -27.214 11.016  -0.018  1.00 24.35 ? 163 PRO A CB  1 
ATOM   1117 C CG  . PRO A 1 163 ? -25.791 11.480  -0.347  1.00 25.95 ? 163 PRO A CG  1 
ATOM   1118 C CD  . PRO A 1 163 ? -25.060 11.525  0.982   1.00 24.97 ? 163 PRO A CD  1 
ATOM   1119 N N   . ARG A 1 164 ? -28.034 7.955   0.663   1.00 23.20 ? 164 ARG A N   1 
ATOM   1120 C CA  . ARG A 1 164 ? -27.991 6.566   0.241   1.00 25.26 ? 164 ARG A CA  1 
ATOM   1121 C C   . ARG A 1 164 ? -28.046 6.497   -1.292  1.00 26.53 ? 164 ARG A C   1 
ATOM   1122 O O   . ARG A 1 164 ? -29.113 6.398   -1.926  1.00 24.98 ? 164 ARG A O   1 
ATOM   1123 C CB  . ARG A 1 164 ? -29.103 5.743   0.915   1.00 27.25 ? 164 ARG A CB  1 
ATOM   1124 C CG  . ARG A 1 164 ? -29.034 5.768   2.437   1.00 32.47 ? 164 ARG A CG  1 
ATOM   1125 C CD  . ARG A 1 164 ? -30.045 4.847   3.123   1.00 34.26 ? 164 ARG A CD  1 
ATOM   1126 N NE  . ARG A 1 164 ? -29.847 4.820   4.574   1.00 34.99 ? 164 ARG A NE  1 
ATOM   1127 C CZ  . ARG A 1 164 ? -28.943 4.071   5.241   1.00 34.68 ? 164 ARG A CZ  1 
ATOM   1128 N NH1 . ARG A 1 164 ? -28.070 3.295   4.614   1.00 37.26 ? 164 ARG A NH1 1 
ATOM   1129 N NH2 . ARG A 1 164 ? -28.895 4.117   6.564   1.00 39.18 ? 164 ARG A NH2 1 
ATOM   1130 N N   . THR A 1 165 ? -26.875 6.535   -1.921  1.00 21.82 ? 165 THR A N   1 
ATOM   1131 C CA  . THR A 1 165 ? -26.755 6.609   -3.364  1.00 20.87 ? 165 THR A CA  1 
ATOM   1132 C C   . THR A 1 165 ? -26.344 5.238   -3.890  1.00 23.58 ? 165 THR A C   1 
ATOM   1133 O O   . THR A 1 165 ? -27.131 4.248   -3.815  1.00 23.86 ? 165 THR A O   1 
ATOM   1134 C CB  . THR A 1 165 ? -25.784 7.740   -3.762  1.00 19.38 ? 165 THR A CB  1 
ATOM   1135 O OG1 . THR A 1 165 ? -24.554 7.538   -3.041  1.00 20.49 ? 165 THR A OG1 1 
ATOM   1136 C CG2 . THR A 1 165 ? -26.361 9.115   -3.501  1.00 22.40 ? 165 THR A CG2 1 
ATOM   1137 N N   . LEU A 1 166 ? -25.094 5.087   -4.322  1.00 20.95 ? 166 LEU A N   1 
ATOM   1138 C CA  . LEU A 1 166 ? -24.585 3.805   -4.762  1.00 18.57 ? 166 LEU A CA  1 
ATOM   1139 C C   . LEU A 1 166 ? -24.499 2.803   -3.612  1.00 17.06 ? 166 LEU A C   1 
ATOM   1140 O O   . LEU A 1 166 ? -24.268 3.178   -2.453  1.00 18.52 ? 166 LEU A O   1 
ATOM   1141 C CB  . LEU A 1 166 ? -23.156 3.947   -5.296  1.00 16.86 ? 166 LEU A CB  1 
ATOM   1142 C CG  . LEU A 1 166 ? -22.918 4.793   -6.525  1.00 17.91 ? 166 LEU A CG  1 
ATOM   1143 C CD1 . LEU A 1 166 ? -21.438 4.719   -6.883  1.00 18.47 ? 166 LEU A CD1 1 
ATOM   1144 C CD2 . LEU A 1 166 ? -23.810 4.396   -7.706  1.00 17.95 ? 166 LEU A CD2 1 
ATOM   1145 N N   . PRO A 1 167 ? -24.571 1.488   -3.916  1.00 16.68 ? 167 PRO A N   1 
ATOM   1146 C CA  . PRO A 1 167 ? -24.125 0.427   -2.988  1.00 16.20 ? 167 PRO A CA  1 
ATOM   1147 C C   . PRO A 1 167 ? -22.774 0.795   -2.386  1.00 17.55 ? 167 PRO A C   1 
ATOM   1148 O O   . PRO A 1 167 ? -21.785 1.062   -3.125  1.00 17.23 ? 167 PRO A O   1 
ATOM   1149 C CB  . PRO A 1 167 ? -24.027 -0.834  -3.845  1.00 17.43 ? 167 PRO A CB  1 
ATOM   1150 C CG  . PRO A 1 167 ? -25.089 -0.587  -4.895  1.00 16.76 ? 167 PRO A CG  1 
ATOM   1151 C CD  . PRO A 1 167 ? -24.955 0.896   -5.216  1.00 16.62 ? 167 PRO A CD  1 
ATOM   1152 N N   . ALA A 1 168 ? -22.751 0.901   -1.054  1.00 16.98 ? 168 ALA A N   1 
ATOM   1153 C CA  . ALA A 1 168 ? -21.509 1.386   -0.357  1.00 18.32 ? 168 ALA A CA  1 
ATOM   1154 C C   . ALA A 1 168 ? -20.285 0.545   -0.713  1.00 18.67 ? 168 ALA A C   1 
ATOM   1155 O O   . ALA A 1 168 ? -19.201 1.157   -0.857  1.00 18.72 ? 168 ALA A O   1 
ATOM   1156 C CB  . ALA A 1 168 ? -21.714 1.391   1.141   1.00 19.40 ? 168 ALA A CB  1 
ATOM   1157 N N   . HIS A 1 169 ? -20.365 -0.784  -0.855  1.00 15.86 ? 169 HIS A N   1 
ATOM   1158 C CA  . HIS A 1 169 ? -19.236 -1.646  -1.118  1.00 16.63 ? 169 HIS A CA  1 
ATOM   1159 C C   . HIS A 1 169 ? -18.689 -1.405  -2.531  1.00 16.77 ? 169 HIS A C   1 
ATOM   1160 O O   . HIS A 1 169 ? -17.493 -1.412  -2.748  1.00 17.28 ? 169 HIS A O   1 
ATOM   1161 C CB  . HIS A 1 169 ? -19.591 -3.148  -0.926  1.00 19.12 ? 169 HIS A CB  1 
ATOM   1162 C CG  . HIS A 1 169 ? -18.420 -4.054  -0.822  1.00 16.22 ? 169 HIS A CG  1 
ATOM   1163 N ND1 . HIS A 1 169 ? -17.838 -4.703  -1.871  1.00 18.13 ? 169 HIS A ND1 1 
ATOM   1164 C CD2 . HIS A 1 169 ? -17.634 -4.315  0.238   1.00 16.48 ? 169 HIS A CD2 1 
ATOM   1165 C CE1 . HIS A 1 169 ? -16.743 -5.331  -1.438  1.00 16.80 ? 169 HIS A CE1 1 
ATOM   1166 N NE2 . HIS A 1 169 ? -16.646 -5.129  -0.139  1.00 18.83 ? 169 HIS A NE2 1 
ATOM   1167 N N   . GLU A 1 170 ? -19.574 -1.153  -3.491  1.00 15.06 ? 170 GLU A N   1 
ATOM   1168 C CA  . GLU A 1 170 ? -19.210 -0.885  -4.872  1.00 15.77 ? 170 GLU A CA  1 
ATOM   1169 C C   . GLU A 1 170 ? -18.510 0.481   -4.975  1.00 13.99 ? 170 GLU A C   1 
ATOM   1170 O O   . GLU A 1 170 ? -17.437 0.603   -5.613  1.00 14.22 ? 170 GLU A O   1 
ATOM   1171 C CB  . GLU A 1 170 ? -20.437 -0.930  -5.762  1.00 16.61 ? 170 GLU A CB  1 
ATOM   1172 C CG  . GLU A 1 170 ? -21.014 -2.337  -5.826  1.00 17.72 ? 170 GLU A CG  1 
ATOM   1173 C CD  . GLU A 1 170 ? -22.294 -2.489  -6.591  1.00 18.82 ? 170 GLU A CD  1 
ATOM   1174 O OE1 . GLU A 1 170 ? -22.803 -1.514  -7.168  1.00 16.39 ? 170 GLU A OE1 1 
ATOM   1175 O OE2 . GLU A 1 170 ? -22.845 -3.667  -6.565  1.00 19.47 ? 170 GLU A OE2 1 
ATOM   1176 N N   . LEU A 1 171 ? -19.087 1.481   -4.275  1.00 13.63 ? 171 LEU A N   1 
ATOM   1177 C CA  . LEU A 1 171 ? -18.468 2.853   -4.269  1.00 14.39 ? 171 LEU A CA  1 
ATOM   1178 C C   . LEU A 1 171 ? -17.070 2.697   -3.636  1.00 14.18 ? 171 LEU A C   1 
ATOM   1179 O O   . LEU A 1 171 ? -16.052 3.249   -4.122  1.00 14.55 ? 171 LEU A O   1 
ATOM   1180 C CB  . LEU A 1 171 ? -19.389 3.802   -3.497  1.00 15.46 ? 171 LEU A CB  1 
ATOM   1181 C CG  . LEU A 1 171 ? -18.858 5.207   -3.179  1.00 15.80 ? 171 LEU A CG  1 
ATOM   1182 C CD1 . LEU A 1 171 ? -18.305 5.907   -4.421  1.00 17.20 ? 171 LEU A CD1 1 
ATOM   1183 C CD2 . LEU A 1 171 ? -19.937 6.024   -2.465  1.00 18.03 ? 171 LEU A CD2 1 
ATOM   1184 N N   . ALA A 1 172 ? -17.038 2.048   -2.474  1.00 14.06 ? 172 ALA A N   1 
ATOM   1185 C CA  . ALA A 1 172 ? -15.725 1.805   -1.762  1.00 15.62 ? 172 ALA A CA  1 
ATOM   1186 C C   . ALA A 1 172 ? -14.695 1.159   -2.674  1.00 15.25 ? 172 ALA A C   1 
ATOM   1187 O O   . ALA A 1 172 ? -13.472 1.484   -2.663  1.00 15.41 ? 172 ALA A O   1 
ATOM   1188 C CB  . ALA A 1 172 ? -15.955 0.957   -0.535  1.00 16.17 ? 172 ALA A CB  1 
ATOM   1189 N N   . THR A 1 173 ? -15.131 0.180   -3.459  1.00 14.39 ? 173 THR A N   1 
ATOM   1190 C CA  . THR A 1 173 ? -14.266 -0.536  -4.319  1.00 14.67 ? 173 THR A CA  1 
ATOM   1191 C C   . THR A 1 173 ? -13.604 0.412   -5.342  1.00 13.59 ? 173 THR A C   1 
ATOM   1192 O O   . THR A 1 173 ? -12.405 0.437   -5.529  1.00 14.97 ? 173 THR A O   1 
ATOM   1193 C CB  . THR A 1 173 ? -14.938 -1.733  -5.009  1.00 16.52 ? 173 THR A CB  1 
ATOM   1194 O OG1 . THR A 1 173 ? -15.364 -2.683  -4.020  1.00 16.93 ? 173 THR A OG1 1 
ATOM   1195 C CG2 . THR A 1 173 ? -14.006 -2.400  -5.975  1.00 16.36 ? 173 THR A CG2 1 
ATOM   1196 N N   . ALA A 1 174 ? -14.432 1.162   -6.075  1.00 14.57 ? 174 ALA A N   1 
ATOM   1197 C CA  . ALA A 1 174 ? -13.913 2.070   -7.097  1.00 14.18 ? 174 ALA A CA  1 
ATOM   1198 C C   . ALA A 1 174 ? -12.974 3.106   -6.480  1.00 13.58 ? 174 ALA A C   1 
ATOM   1199 O O   . ALA A 1 174 ? -11.987 3.482   -7.072  1.00 13.51 ? 174 ALA A O   1 
ATOM   1200 C CB  . ALA A 1 174 ? -15.048 2.739   -7.826  1.00 14.55 ? 174 ALA A CB  1 
ATOM   1201 N N   . LEU A 1 175 ? -13.350 3.624   -5.315  1.00 13.79 ? 175 LEU A N   1 
ATOM   1202 C CA  . LEU A 1 175 ? -12.521 4.698   -4.711  1.00 14.03 ? 175 LEU A CA  1 
ATOM   1203 C C   . LEU A 1 175 ? -11.161 4.129   -4.272  1.00 14.16 ? 175 LEU A C   1 
ATOM   1204 O O   . LEU A 1 175 ? -10.121 4.798   -4.411  1.00 14.24 ? 175 LEU A O   1 
ATOM   1205 C CB  . LEU A 1 175 ? -13.247 5.326   -3.526  1.00 14.03 ? 175 LEU A CB  1 
ATOM   1206 C CG  . LEU A 1 175 ? -14.466 6.204   -3.844  1.00 14.36 ? 175 LEU A CG  1 
ATOM   1207 C CD1 . LEU A 1 175 ? -15.118 6.689   -2.571  1.00 15.12 ? 175 LEU A CD1 1 
ATOM   1208 C CD2 . LEU A 1 175 ? -14.105 7.373   -4.726  1.00 15.20 ? 175 LEU A CD2 1 
ATOM   1209 N N   . ASN A 1 176 ? -11.105 2.910   -3.732  1.00 14.63 ? 176 ASN A N   1 
ATOM   1210 C CA  . ASN A 1 176 ? -9.856  2.291   -3.341  1.00 13.65 ? 176 ASN A CA  1 
ATOM   1211 C C   . ASN A 1 176 ? -9.009  1.992   -4.590  1.00 13.84 ? 176 ASN A C   1 
ATOM   1212 O O   . ASN A 1 176 ? -7.793  2.177   -4.539  1.00 14.50 ? 176 ASN A O   1 
ATOM   1213 C CB  . ASN A 1 176 ? -10.098 1.026   -2.504  1.00 14.19 ? 176 ASN A CB  1 
ATOM   1214 C CG  . ASN A 1 176 ? -10.338 1.338   -1.022  1.00 14.83 ? 176 ASN A CG  1 
ATOM   1215 O OD1 . ASN A 1 176 ? -9.366  1.195   -0.245  1.00 18.94 ? 176 ASN A OD1 1 
ATOM   1216 N ND2 . ASN A 1 176 ? -11.524 1.771   -0.612  1.00 14.66 ? 176 ASN A ND2 1 
ATOM   1217 N N   . LEU A 1 177 ? -9.642  1.483   -5.665  1.00 14.84 ? 177 LEU A N   1 
ATOM   1218 C CA  . LEU A 1 177 ? -8.881  1.211   -6.891  1.00 14.88 ? 177 LEU A CA  1 
ATOM   1219 C C   . LEU A 1 177 ? -8.337  2.509   -7.498  1.00 14.01 ? 177 LEU A C   1 
ATOM   1220 O O   . LEU A 1 177 ? -7.217  2.544   -7.983  1.00 14.98 ? 177 LEU A O   1 
ATOM   1221 C CB  . LEU A 1 177 ? -9.745  0.441   -7.895  1.00 15.89 ? 177 LEU A CB  1 
ATOM   1222 C CG  . LEU A 1 177 ? -10.071 -1.001  -7.503  1.00 16.01 ? 177 LEU A CG  1 
ATOM   1223 C CD1 . LEU A 1 177 ? -11.056 -1.558  -8.528  1.00 18.05 ? 177 LEU A CD1 1 
ATOM   1224 C CD2 . LEU A 1 177 ? -8.847  -1.852  -7.447  1.00 17.99 ? 177 LEU A CD2 1 
ATOM   1225 N N   . MET A 1 178 ? -9.144  3.578   -7.460  1.00 13.46 ? 178 MET A N   1 
ATOM   1226 C CA  . MET A 1 178 ? -8.624  4.879   -7.867  1.00 13.46 ? 178 MET A CA  1 
ATOM   1227 C C   . MET A 1 178 ? -7.353  5.217   -7.093  1.00 14.78 ? 178 MET A C   1 
ATOM   1228 O O   . MET A 1 178 ? -6.331  5.689   -7.677  1.00 14.28 ? 178 MET A O   1 
ATOM   1229 C CB  . MET A 1 178 ? -9.637  6.012   -7.642  1.00 14.59 ? 178 MET A CB  1 
ATOM   1230 C CG  . MET A 1 178 ? -9.075  7.426   -7.913  1.00 14.70 ? 178 MET A CG  1 
ATOM   1231 S SD  . MET A 1 178 ? -10.264 8.728   -7.743  1.00 16.13 ? 178 MET A SD  1 
ATOM   1232 C CE  . MET A 1 178 ? -10.660 8.748   -5.995  1.00 16.13 ? 178 MET A CE  1 
ATOM   1233 N N   . ASN A 1 179 ? -7.428  5.096   -5.770  1.00 14.73 ? 179 ASN A N   1 
ATOM   1234 C CA  . ASN A 1 179 ? -6.257  5.475   -4.952  1.00 15.54 ? 179 ASN A CA  1 
ATOM   1235 C C   . ASN A 1 179 ? -5.055  4.622   -5.295  1.00 14.55 ? 179 ASN A C   1 
ATOM   1236 O O   . ASN A 1 179 ? -3.947  5.155   -5.381  1.00 14.94 ? 179 ASN A O   1 
ATOM   1237 C CB  . ASN A 1 179 ? -6.538  5.410   -3.461  1.00 14.81 ? 179 ASN A CB  1 
ATOM   1238 C CG  . ASN A 1 179 ? -7.424  6.515   -2.963  1.00 14.88 ? 179 ASN A CG  1 
ATOM   1239 O OD1 . ASN A 1 179 ? -8.099  7.184   -3.758  1.00 15.08 ? 179 ASN A OD1 1 
ATOM   1240 N ND2 . ASN A 1 179 ? -7.425  6.703   -1.641  1.00 16.22 ? 179 ASN A ND2 1 
ATOM   1241 N N   . GLU A 1 180 ? -5.260  3.324   -5.484  1.00 14.70 ? 180 GLU A N   1 
ATOM   1242 C CA  . GLU A 1 180 ? -4.170  2.427   -5.823  1.00 16.16 ? 180 GLU A CA  1 
ATOM   1243 C C   . GLU A 1 180 ? -3.467  2.890   -7.099  1.00 17.83 ? 180 GLU A C   1 
ATOM   1244 O O   . GLU A 1 180 ? -2.248  3.167   -7.125  1.00 16.27 ? 180 GLU A O   1 
ATOM   1245 C CB  . GLU A 1 180 ? -4.688  1.020   -6.080  1.00 17.67 ? 180 GLU A CB  1 
ATOM   1246 C CG  . GLU A 1 180 ? -3.555  0.025   -6.301  1.00 20.33 ? 180 GLU A CG  1 
ATOM   1247 C CD  . GLU A 1 180 ? -4.080  -1.194  -7.035  1.00 28.70 ? 180 GLU A CD  1 
ATOM   1248 O OE1 . GLU A 1 180 ? -4.972  -1.808  -6.536  1.00 28.16 ? 180 GLU A OE1 1 
ATOM   1249 O OE2 . GLU A 1 180 ? -3.701  -1.371  -8.204  1.00 41.97 ? 180 GLU A OE2 1 
ATOM   1250 N N   . ARG A 1 181 ? -4.262  3.162   -8.140  1.00 16.17 ? 181 ARG A N   1 
ATOM   1251 C CA  . ARG A 1 181 ? -3.667  3.458   -9.419  1.00 15.96 ? 181 ARG A CA  1 
ATOM   1252 C C   . ARG A 1 181 ? -3.078  4.868   -9.394  1.00 15.56 ? 181 ARG A C   1 
ATOM   1253 O O   . ARG A 1 181 ? -2.003  5.090   -9.973  1.00 18.07 ? 181 ARG A O   1 
ATOM   1254 C CB  . ARG A 1 181 ? -4.736  3.400   -10.517 1.00 15.95 ? 181 ARG A CB  1 
ATOM   1255 C CG  . ARG A 1 181 ? -4.236  3.598   -11.944 1.00 18.09 ? 181 ARG A CG  1 
ATOM   1256 C CD  . ARG A 1 181 ? -3.355  2.474   -12.423 1.00 20.98 ? 181 ARG A CD  1 
ATOM   1257 N NE  . ARG A 1 181 ? -2.900  2.774   -13.748 1.00 23.84 ? 181 ARG A NE  1 
ATOM   1258 C CZ  . ARG A 1 181 ? -1.755  3.367   -14.037 1.00 27.03 ? 181 ARG A CZ  1 
ATOM   1259 N NH1 . ARG A 1 181 ? -0.885  3.607   -13.076 1.00 27.54 ? 181 ARG A NH1 1 
ATOM   1260 N NH2 . ARG A 1 181 ? -1.481  3.631   -15.299 1.00 27.75 ? 181 ARG A NH2 1 
ATOM   1261 N N   . THR A 1 182 ? -3.761  5.826   -8.741  1.00 14.57 ? 182 THR A N   1 
ATOM   1262 C CA  . THR A 1 182 ? -3.375  7.240   -8.751  1.00 14.78 ? 182 THR A CA  1 
ATOM   1263 C C   . THR A 1 182 ? -2.129  7.418   -7.884  1.00 16.63 ? 182 THR A C   1 
ATOM   1264 O O   . THR A 1 182 ? -1.161  8.105   -8.306  1.00 16.79 ? 182 THR A O   1 
ATOM   1265 C CB  . THR A 1 182 ? -4.554  8.159   -8.393  1.00 16.31 ? 182 THR A CB  1 
ATOM   1266 O OG1 . THR A 1 182 ? -5.633  7.863   -9.301  1.00 17.84 ? 182 THR A OG1 1 
ATOM   1267 C CG2 . THR A 1 182 ? -4.161  9.611   -8.492  1.00 19.01 ? 182 THR A CG2 1 
ATOM   1268 N N   . LEU A 1 183 ? -2.154  6.922   -6.634  1.00 15.48 ? 183 LEU A N   1 
ATOM   1269 C CA  . LEU A 1 183 ? -0.951  7.021   -5.772  1.00 17.78 ? 183 LEU A CA  1 
ATOM   1270 C C   . LEU A 1 183 ? 0.250   6.417   -6.461  1.00 18.36 ? 183 LEU A C   1 
ATOM   1271 O O   . LEU A 1 183 ? 1.294   7.088   -6.498  1.00 19.91 ? 183 LEU A O   1 
ATOM   1272 C CB  . LEU A 1 183 ? -1.161  6.359   -4.413  1.00 18.75 ? 183 LEU A CB  1 
ATOM   1273 C CG  . LEU A 1 183 ? -2.108  7.076   -3.461  1.00 20.00 ? 183 LEU A CG  1 
ATOM   1274 C CD1 . LEU A 1 183 ? -2.324  6.241   -2.216  1.00 21.16 ? 183 LEU A CD1 1 
ATOM   1275 C CD2 . LEU A 1 183 ? -1.617  8.477   -3.088  1.00 22.89 ? 183 LEU A CD2 1 
ATOM   1276 N N   . PHE A 1 184 ? 0.124   5.222   -7.026  1.00 17.90 ? 184 PHE A N   1 
ATOM   1277 C CA  . PHE A 1 184 ? 1.288   4.509   -7.553  1.00 21.70 ? 184 PHE A CA  1 
ATOM   1278 C C   . PHE A 1 184 ? 1.776   5.193   -8.852  1.00 18.83 ? 184 PHE A C   1 
ATOM   1279 O O   . PHE A 1 184 ? 2.982   5.263   -9.060  1.00 21.34 ? 184 PHE A O   1 
ATOM   1280 C CB  . PHE A 1 184 ? 0.965   3.019   -7.576  1.00 24.72 ? 184 PHE A CB  1 
ATOM   1281 C CG  . PHE A 1 184 ? 0.685   2.473   -6.174  1.00 29.10 ? 184 PHE A CG  1 
ATOM   1282 C CD1 . PHE A 1 184 ? 0.865   3.246   -5.020  1.00 31.42 ? 184 PHE A CD1 1 
ATOM   1283 C CD2 . PHE A 1 184 ? 0.262   1.162   -5.983  1.00 33.03 ? 184 PHE A CD2 1 
ATOM   1284 C CE1 . PHE A 1 184 ? 0.591   2.756   -3.742  1.00 30.61 ? 184 PHE A CE1 1 
ATOM   1285 C CE2 . PHE A 1 184 ? -0.017  0.672   -4.706  1.00 27.82 ? 184 PHE A CE2 1 
ATOM   1286 C CZ  . PHE A 1 184 ? 0.143   1.466   -3.592  1.00 30.24 ? 184 PHE A CZ  1 
ATOM   1287 N N   . ALA A 1 185 ? 0.897   5.800   -9.646  1.00 17.39 ? 185 ALA A N   1 
ATOM   1288 C CA  . ALA A 1 185 ? 1.383   6.535   -10.813 1.00 18.94 ? 185 ALA A CA  1 
ATOM   1289 C C   . ALA A 1 185 ? 2.173   7.738   -10.352 1.00 18.56 ? 185 ALA A C   1 
ATOM   1290 O O   . ALA A 1 185 ? 3.202   8.078   -10.975 1.00 19.86 ? 185 ALA A O   1 
ATOM   1291 C CB  . ALA A 1 185 ? 0.231   7.032   -11.621 1.00 18.33 ? 185 ALA A CB  1 
ATOM   1292 N N   . SER A 1 186 ? 1.696   8.392   -9.285  1.00 17.03 ? 186 SER A N   1 
ATOM   1293 C CA  . SER A 1 186 ? 2.333   9.626   -8.799  1.00 17.58 ? 186 SER A CA  1 
ATOM   1294 C C   . SER A 1 186 ? 3.713   9.249   -8.279  1.00 20.20 ? 186 SER A C   1 
ATOM   1295 O O   . SER A 1 186 ? 4.690   9.986   -8.579  1.00 23.42 ? 186 SER A O   1 
ATOM   1296 C CB  . SER A 1 186 ? 1.571   10.373  -7.729  1.00 19.35 ? 186 SER A CB  1 
ATOM   1297 O OG  . SER A 1 186 ? 0.393   10.962  -8.210  1.00 24.61 ? 186 SER A OG  1 
ATOM   1298 N N   . PHE A 1 187 ? 3.803   8.190   -7.480  1.00 19.99 ? 187 PHE A N   1 
ATOM   1299 C CA  . PHE A 1 187 ? 5.055   7.779   -6.849  1.00 23.18 ? 187 PHE A CA  1 
ATOM   1300 C C   . PHE A 1 187 ? 6.096   7.424   -7.902  1.00 29.17 ? 187 PHE A C   1 
ATOM   1301 O O   . PHE A 1 187 ? 7.264   7.757   -7.679  1.00 30.62 ? 187 PHE A O   1 
ATOM   1302 C CB  . PHE A 1 187 ? 4.880   6.599   -5.899  1.00 23.07 ? 187 PHE A CB  1 
ATOM   1303 C CG  . PHE A 1 187 ? 4.068   6.905   -4.661  1.00 21.55 ? 187 PHE A CG  1 
ATOM   1304 C CD1 . PHE A 1 187 ? 3.930   8.196   -4.176  1.00 22.74 ? 187 PHE A CD1 1 
ATOM   1305 C CD2 . PHE A 1 187 ? 3.407   5.880   -4.001  1.00 22.95 ? 187 PHE A CD2 1 
ATOM   1306 C CE1 . PHE A 1 187 ? 3.193   8.456   -3.028  1.00 23.64 ? 187 PHE A CE1 1 
ATOM   1307 C CE2 . PHE A 1 187 ? 2.692   6.157   -2.850  1.00 22.49 ? 187 PHE A CE2 1 
ATOM   1308 C CZ  . PHE A 1 187 ? 2.559   7.439   -2.397  1.00 22.46 ? 187 PHE A CZ  1 
ATOM   1309 N N   . ALA A 1 188 ? 5.675   6.694   -8.937  1.00 26.43 ? 188 ALA A N   1 
ATOM   1310 C CA  . ALA A 1 188 ? 6.539   6.237   -10.056 1.00 28.17 ? 188 ALA A CA  1 
ATOM   1311 C C   . ALA A 1 188 ? 6.848   7.352   -11.049 1.00 28.63 ? 188 ALA A C   1 
ATOM   1312 O O   . ALA A 1 188 ? 7.581   7.077   -12.009 1.00 34.56 ? 188 ALA A O   1 
ATOM   1313 C CB  . ALA A 1 188 ? 5.907   5.065   -10.738 1.00 30.44 ? 188 ALA A CB  1 
ATOM   1314 N N   . GLY A 1 189 ? 6.312   8.557   -10.874 1.00 25.96 ? 189 GLY A N   1 
ATOM   1315 C CA  . GLY A 1 189 ? 6.455   9.628   -11.876 1.00 28.37 ? 189 GLY A CA  1 
ATOM   1316 C C   . GLY A 1 189 ? 5.986   9.191   -13.263 1.00 30.72 ? 189 GLY A C   1 
ATOM   1317 O O   . GLY A 1 189 ? 6.567   9.613   -14.286 1.00 31.33 ? 189 GLY A O   1 
ATOM   1318 N N   . GLU A 1 190 ? 4.923   8.363   -13.341 1.00 24.42 ? 190 GLU A N   1 
ATOM   1319 C CA  . GLU A 1 190 ? 4.394   7.941   -14.655 1.00 24.49 ? 190 GLU A CA  1 
ATOM   1320 C C   . GLU A 1 190 ? 3.866   9.171   -15.393 1.00 23.30 ? 190 GLU A C   1 
ATOM   1321 O O   . GLU A 1 190 ? 3.547   10.210  -14.807 1.00 25.30 ? 190 GLU A O   1 
ATOM   1322 C CB  . GLU A 1 190 ? 3.246   6.937   -14.563 1.00 24.46 ? 190 GLU A CB  1 
ATOM   1323 C CG  . GLU A 1 190 ? 3.681   5.619   -13.988 1.00 26.21 ? 190 GLU A CG  1 
ATOM   1324 C CD  . GLU A 1 190 ? 2.590   4.556   -13.914 1.00 31.91 ? 190 GLU A CD  1 
ATOM   1325 O OE1 . GLU A 1 190 ? 1.473   4.842   -14.321 1.00 28.87 ? 190 GLU A OE1 1 
ATOM   1326 O OE2 . GLU A 1 190 ? 2.911   3.423   -13.551 1.00 35.99 ? 190 GLU A OE2 1 
ATOM   1327 N N   . GLN A 1 191 ? 3.806   9.071   -16.728 1.00 26.81 ? 191 GLN A N   1 
ATOM   1328 C CA  . GLN A 1 191 ? 3.108   10.046  -17.572 1.00 29.43 ? 191 GLN A CA  1 
ATOM   1329 C C   . GLN A 1 191 ? 1.942   9.292   -18.193 1.00 30.46 ? 191 GLN A C   1 
ATOM   1330 O O   . GLN A 1 191 ? 2.161   8.314   -18.929 1.00 31.12 ? 191 GLN A O   1 
ATOM   1331 C CB  . GLN A 1 191 ? 4.011   10.675  -18.638 1.00 38.20 ? 191 GLN A CB  1 
ATOM   1332 C CG  . GLN A 1 191 ? 3.563   12.066  -19.088 1.00 50.27 ? 191 GLN A CG  1 
ATOM   1333 C CD  . GLN A 1 191 ? 4.408   12.586  -20.239 1.00 60.12 ? 191 GLN A CD  1 
ATOM   1334 O OE1 . GLN A 1 191 ? 5.413   11.988  -20.622 1.00 63.58 ? 191 GLN A OE1 1 
ATOM   1335 N NE2 . GLN A 1 191 ? 4.008   13.704  -20.825 1.00 59.36 ? 191 GLN A NE2 1 
ATOM   1336 N N   . PRO A 1 192 ? 0.699   9.646   -17.861 1.00 26.94 ? 192 PRO A N   1 
ATOM   1337 C CA  . PRO A 1 192 ? 0.212   10.702  -16.978 1.00 23.28 ? 192 PRO A CA  1 
ATOM   1338 C C   . PRO A 1 192 ? 0.207   10.338  -15.492 1.00 19.99 ? 192 PRO A C   1 
ATOM   1339 O O   . PRO A 1 192 ? 0.029   9.162   -15.092 1.00 20.83 ? 192 PRO A O   1 
ATOM   1340 C CB  . PRO A 1 192 ? -1.259  10.818  -17.451 1.00 25.33 ? 192 PRO A CB  1 
ATOM   1341 C CG  . PRO A 1 192 ? -1.656  9.418   -17.764 1.00 28.07 ? 192 PRO A CG  1 
ATOM   1342 C CD  . PRO A 1 192 ? -0.401  8.807   -18.361 1.00 28.58 ? 192 PRO A CD  1 
ATOM   1343 N N   . SER A 1 193 ? 0.301   11.394  -14.674 1.00 19.06 ? 193 SER A N   1 
ATOM   1344 C CA  . SER A 1 193 ? 0.118   11.257  -13.242 1.00 17.15 ? 193 SER A CA  1 
ATOM   1345 C C   . SER A 1 193 ? -0.242  12.604  -12.646 1.00 17.76 ? 193 SER A C   1 
ATOM   1346 O O   . SER A 1 193 ? 0.125   13.635  -13.195 1.00 21.80 ? 193 SER A O   1 
ATOM   1347 C CB  . SER A 1 193 ? 1.310   10.646  -12.552 1.00 17.25 ? 193 SER A CB  1 
ATOM   1348 O OG  . SER A 1 193 ? 2.475   11.453  -12.703 1.00 21.48 ? 193 SER A OG  1 
ATOM   1349 N N   . VAL A 1 194 ? -0.860  12.586  -11.476 1.00 17.08 ? 194 VAL A N   1 
ATOM   1350 C CA  . VAL A 1 194 ? -1.072  13.787  -10.635 1.00 17.68 ? 194 VAL A CA  1 
ATOM   1351 C C   . VAL A 1 194 ? 0.243   14.055  -9.930  1.00 17.93 ? 194 VAL A C   1 
ATOM   1352 O O   . VAL A 1 194 ? 0.872   13.113  -9.439  1.00 17.05 ? 194 VAL A O   1 
ATOM   1353 C CB  . VAL A 1 194 ? -2.202  13.562  -9.611  1.00 17.14 ? 194 VAL A CB  1 
ATOM   1354 C CG1 . VAL A 1 194 ? -2.455  14.741  -8.724  1.00 17.92 ? 194 VAL A CG1 1 
ATOM   1355 C CG2 . VAL A 1 194 ? -3.533  13.142  -10.277 1.00 18.20 ? 194 VAL A CG2 1 
ATOM   1356 N N   . PRO A 1 195 ? 0.751   15.308  -9.894  1.00 17.22 ? 195 PRO A N   1 
ATOM   1357 C CA  . PRO A 1 195 ? 1.969   15.553  -9.148  1.00 18.75 ? 195 PRO A CA  1 
ATOM   1358 C C   . PRO A 1 195 ? 1.785   15.072  -7.703  1.00 16.15 ? 195 PRO A C   1 
ATOM   1359 O O   . PRO A 1 195 ? 0.736   15.249  -7.066  1.00 16.19 ? 195 PRO A O   1 
ATOM   1360 C CB  . PRO A 1 195 ? 2.096   17.072  -9.194  1.00 20.11 ? 195 PRO A CB  1 
ATOM   1361 C CG  . PRO A 1 195 ? 1.224   17.525  -10.342 1.00 21.16 ? 195 PRO A CG  1 
ATOM   1362 C CD  . PRO A 1 195 ? 0.157   16.487  -10.516 1.00 20.04 ? 195 PRO A CD  1 
ATOM   1363 N N   . GLU A 1 196 ? 2.871   14.498  -7.164  1.00 18.78 ? 196 GLU A N   1 
ATOM   1364 C CA  . GLU A 1 196 ? 2.799   13.962  -5.830  1.00 18.00 ? 196 GLU A CA  1 
ATOM   1365 C C   . GLU A 1 196 ? 2.347   14.989  -4.808  1.00 17.96 ? 196 GLU A C   1 
ATOM   1366 O O   . GLU A 1 196 ? 1.606   14.683  -3.892  1.00 17.59 ? 196 GLU A O   1 
ATOM   1367 C CB  . GLU A 1 196 ? 4.168   13.372  -5.455  1.00 21.28 ? 196 GLU A CB  1 
ATOM   1368 C CG  . GLU A 1 196 ? 4.162   12.684  -4.112  1.00 23.84 ? 196 GLU A CG  1 
ATOM   1369 C CD  . GLU A 1 196 ? 5.478   11.939  -3.798  1.00 27.66 ? 196 GLU A CD  1 
ATOM   1370 O OE1 . GLU A 1 196 ? 6.147   11.483  -4.733  1.00 38.96 ? 196 GLU A OE1 1 
ATOM   1371 O OE2 . GLU A 1 196 ? 5.650   11.611  -2.664  1.00 35.04 ? 196 GLU A OE2 1 
ATOM   1372 N N   . ALA A 1 197 ? 2.755   16.267  -4.983  1.00 16.55 ? 197 ALA A N   1 
ATOM   1373 C CA  . ALA A 1 197 ? 2.334   17.337  -4.083  1.00 16.94 ? 197 ALA A CA  1 
ATOM   1374 C C   . ALA A 1 197 ? 0.858   17.749  -4.195  1.00 17.30 ? 197 ALA A C   1 
ATOM   1375 O O   . ALA A 1 197 ? 0.389   18.563  -3.378  1.00 21.02 ? 197 ALA A O   1 
ATOM   1376 C CB  . ALA A 1 197 ? 3.220   18.550  -4.319  1.00 18.44 ? 197 ALA A CB  1 
ATOM   1377 N N   . ARG A 1 198 ? 0.128   17.205  -5.187  1.00 16.47 ? 198 ARG A N   1 
ATOM   1378 C CA  . ARG A 1 198 ? -1.306  17.520  -5.413  1.00 15.77 ? 198 ARG A CA  1 
ATOM   1379 C C   . ARG A 1 198 ? -2.190  16.269  -5.207  1.00 14.66 ? 198 ARG A C   1 
ATOM   1380 O O   . ARG A 1 198 ? -3.387  16.372  -5.216  1.00 16.67 ? 198 ARG A O   1 
ATOM   1381 C CB  . ARG A 1 198 ? -1.498  17.997  -6.842  1.00 16.21 ? 198 ARG A CB  1 
ATOM   1382 C CG  . ARG A 1 198 ? -0.882  19.373  -7.097  1.00 16.93 ? 198 ARG A CG  1 
ATOM   1383 C CD  . ARG A 1 198 ? -1.583  20.437  -6.283  1.00 17.80 ? 198 ARG A CD  1 
ATOM   1384 N NE  . ARG A 1 198 ? -3.048  20.414  -6.424  1.00 17.69 ? 198 ARG A NE  1 
ATOM   1385 C CZ  . ARG A 1 198 ? -3.939  20.667  -5.481  1.00 19.11 ? 198 ARG A CZ  1 
ATOM   1386 N NH1 . ARG A 1 198 ? -3.561  21.222  -4.313  1.00 22.70 ? 198 ARG A NH1 1 
ATOM   1387 N NH2 . ARG A 1 198 ? -5.243  20.437  -5.699  1.00 19.45 ? 198 ARG A NH2 1 
ATOM   1388 N N   . VAL A 1 199 ? -1.546  15.107  -5.040  1.00 14.67 ? 199 VAL A N   1 
ATOM   1389 C CA  . VAL A 1 199 ? -2.353  13.845  -5.139  1.00 15.29 ? 199 VAL A CA  1 
ATOM   1390 C C   . VAL A 1 199 ? -3.269  13.690  -3.928  1.00 16.33 ? 199 VAL A C   1 
ATOM   1391 O O   . VAL A 1 199 ? -4.460  13.264  -4.077  1.00 15.80 ? 199 VAL A O   1 
ATOM   1392 C CB  . VAL A 1 199 ? -1.482  12.628  -5.490  1.00 16.70 ? 199 VAL A CB  1 
ATOM   1393 C CG1 . VAL A 1 199 ? -0.640  12.173  -4.344  1.00 19.94 ? 199 VAL A CG1 1 
ATOM   1394 C CG2 . VAL A 1 199 ? -2.395  11.508  -6.020  1.00 18.89 ? 199 VAL A CG2 1 
ATOM   1395 N N   . LEU A 1 200 ? -2.867  14.040  -2.704  1.00 17.02 ? 200 LEU A N   1 
ATOM   1396 C CA  . LEU A 1 200 ? -3.773  13.891  -1.538  1.00 17.47 ? 200 LEU A CA  1 
ATOM   1397 C C   . LEU A 1 200 ? -5.021  14.782  -1.650  1.00 17.62 ? 200 LEU A C   1 
ATOM   1398 O O   . LEU A 1 200 ? -6.158  14.257  -1.544  1.00 17.82 ? 200 LEU A O   1 
ATOM   1399 C CB  . LEU A 1 200 ? -2.940  14.175  -0.267  1.00 21.45 ? 200 LEU A CB  1 
ATOM   1400 C CG  . LEU A 1 200 ? -3.038  13.299  0.965   1.00 31.66 ? 200 LEU A CG  1 
ATOM   1401 C CD1 . LEU A 1 200 ? -2.757  14.187  2.170   1.00 26.87 ? 200 LEU A CD1 1 
ATOM   1402 C CD2 . LEU A 1 200 ? -4.292  12.461  1.088   1.00 24.37 ? 200 LEU A CD2 1 
ATOM   1403 N N   . ASP A 1 201 ? -4.904  16.063  -2.020  1.00 15.04 ? 201 ASP A N   1 
ATOM   1404 C CA  . ASP A 1 201 ? -6.033  16.940  -2.177  1.00 16.48 ? 201 ASP A CA  1 
ATOM   1405 C C   . ASP A 1 201 ? -6.944  16.393  -3.298  1.00 14.68 ? 201 ASP A C   1 
ATOM   1406 O O   . ASP A 1 201 ? -8.158  16.487  -3.219  1.00 17.07 ? 201 ASP A O   1 
ATOM   1407 C CB  . ASP A 1 201 ? -5.615  18.358  -2.567  1.00 20.25 ? 201 ASP A CB  1 
ATOM   1408 C CG  . ASP A 1 201 ? -5.156  19.246  -1.423  1.00 21.42 ? 201 ASP A CG  1 
ATOM   1409 O OD1 . ASP A 1 201 ? -5.379  18.921  -0.268  1.00 22.89 ? 201 ASP A OD1 1 
ATOM   1410 O OD2 . ASP A 1 201 ? -4.638  20.351  -1.754  1.00 24.08 ? 201 ASP A OD2 1 
ATOM   1411 N N   . THR A 1 202 ? -6.323  15.881  -4.364  1.00 15.10 ? 202 THR A N   1 
ATOM   1412 C CA  . THR A 1 202 ? -7.122  15.408  -5.496  1.00 14.28 ? 202 THR A CA  1 
ATOM   1413 C C   . THR A 1 202 ? -8.025  14.240  -5.088  1.00 13.45 ? 202 THR A C   1 
ATOM   1414 O O   . THR A 1 202 ? -9.247  14.238  -5.333  1.00 15.34 ? 202 THR A O   1 
ATOM   1415 C CB  . THR A 1 202 ? -6.231  14.994  -6.665  1.00 14.74 ? 202 THR A CB  1 
ATOM   1416 O OG1 . THR A 1 202 ? -5.389  16.101  -7.055  1.00 15.22 ? 202 THR A OG1 1 
ATOM   1417 C CG2 . THR A 1 202 ? -7.013  14.565  -7.873  1.00 15.65 ? 202 THR A CG2 1 
ATOM   1418 N N   . LEU A 1 203 ? -7.412  13.274  -4.451  1.00 13.79 ? 203 LEU A N   1 
ATOM   1419 C CA  . LEU A 1 203 ? -8.169  12.067  -3.987  1.00 13.62 ? 203 LEU A CA  1 
ATOM   1420 C C   . LEU A 1 203 ? -9.192  12.465  -2.941  1.00 15.25 ? 203 LEU A C   1 
ATOM   1421 O O   . LEU A 1 203 ? -10.333 11.944  -2.998  1.00 15.60 ? 203 LEU A O   1 
ATOM   1422 C CB  . LEU A 1 203 ? -7.175  11.021  -3.476  1.00 13.93 ? 203 LEU A CB  1 
ATOM   1423 C CG  . LEU A 1 203 ? -6.229  10.436  -4.523  1.00 14.16 ? 203 LEU A CG  1 
ATOM   1424 C CD1 . LEU A 1 203 ? -5.215  9.503   -3.894  1.00 14.62 ? 203 LEU A CD1 1 
ATOM   1425 C CD2 . LEU A 1 203 ? -6.943  9.780   -5.706  1.00 15.36 ? 203 LEU A CD2 1 
ATOM   1426 N N   . VAL A 1 204 ? -8.818  13.289  -1.948  1.00 15.57 ? 204 VAL A N   1 
ATOM   1427 C CA  . VAL A 1 204 ? -9.763  13.606  -0.897  1.00 15.66 ? 204 VAL A CA  1 
ATOM   1428 C C   . VAL A 1 204 ? -11.016 14.276  -1.509  1.00 15.98 ? 204 VAL A C   1 
ATOM   1429 O O   . VAL A 1 204 ? -12.117 13.939  -1.140  1.00 16.26 ? 204 VAL A O   1 
ATOM   1430 C CB  . VAL A 1 204 ? -9.116  14.504  0.171   1.00 15.79 ? 204 VAL A CB  1 
ATOM   1431 C CG1 . VAL A 1 204 ? -10.184 15.073  1.106   1.00 17.56 ? 204 VAL A CG1 1 
ATOM   1432 C CG2 . VAL A 1 204 ? -8.050  13.742  0.909   1.00 16.73 ? 204 VAL A CG2 1 
ATOM   1433 N N   . HIS A 1 205 ? -10.823 15.191  -2.455  1.00 15.55 ? 205 HIS A N   1 
ATOM   1434 C CA  . HIS A 1 205 ? -11.947 15.844  -3.142  1.00 15.50 ? 205 HIS A CA  1 
ATOM   1435 C C   . HIS A 1 205 ? -12.915 14.808  -3.726  1.00 16.14 ? 205 HIS A C   1 
ATOM   1436 O O   . HIS A 1 205 ? -14.127 14.943  -3.560  1.00 16.19 ? 205 HIS A O   1 
ATOM   1437 C CB  . HIS A 1 205 ? -11.470 16.806  -4.234  1.00 15.58 ? 205 HIS A CB  1 
ATOM   1438 C CG  . HIS A 1 205 ? -12.567 17.324  -5.098  1.00 15.73 ? 205 HIS A CG  1 
ATOM   1439 N ND1 . HIS A 1 205 ? -13.299 18.442  -4.741  1.00 18.33 ? 205 HIS A ND1 1 
ATOM   1440 C CD2 . HIS A 1 205 ? -13.101 16.837  -6.234  1.00 17.84 ? 205 HIS A CD2 1 
ATOM   1441 C CE1 . HIS A 1 205 ? -14.194 18.659  -5.683  1.00 20.40 ? 205 HIS A CE1 1 
ATOM   1442 N NE2 . HIS A 1 205 ? -14.100 17.704  -6.632  1.00 18.27 ? 205 HIS A NE2 1 
ATOM   1443 N N   . ILE A 1 206 ? -12.369 13.878  -4.512  1.00 15.71 ? 206 ILE A N   1 
ATOM   1444 C CA  . ILE A 1 206 ? -13.207 12.909  -5.197  1.00 15.50 ? 206 ILE A CA  1 
ATOM   1445 C C   . ILE A 1 206 ? -13.912 12.008  -4.172  1.00 15.78 ? 206 ILE A C   1 
ATOM   1446 O O   . ILE A 1 206 ? -15.074 11.646  -4.384  1.00 15.69 ? 206 ILE A O   1 
ATOM   1447 C CB  . ILE A 1 206 ? -12.346 12.117  -6.217  1.00 14.66 ? 206 ILE A CB  1 
ATOM   1448 C CG1 . ILE A 1 206 ? -11.783 13.062  -7.298  1.00 14.91 ? 206 ILE A CG1 1 
ATOM   1449 C CG2 . ILE A 1 206 ? -13.187 10.991  -6.847  1.00 15.66 ? 206 ILE A CG2 1 
ATOM   1450 C CD1 . ILE A 1 206 ? -10.708 12.449  -8.167  1.00 15.64 ? 206 ILE A CD1 1 
ATOM   1451 N N   . TRP A 1 207 ? -13.211 11.590  -3.115  1.00 15.60 ? 207 TRP A N   1 
ATOM   1452 C CA  . TRP A 1 207 ? -13.853 10.787  -2.034  1.00 15.49 ? 207 TRP A CA  1 
ATOM   1453 C C   . TRP A 1 207 ? -15.002 11.582  -1.399  1.00 18.25 ? 207 TRP A C   1 
ATOM   1454 O O   . TRP A 1 207 ? -16.167 11.081  -1.290  1.00 16.46 ? 207 TRP A O   1 
ATOM   1455 C CB  . TRP A 1 207 ? -12.831 10.371  -0.995  1.00 14.82 ? 207 TRP A CB  1 
ATOM   1456 C CG  . TRP A 1 207 ? -11.984 9.198   -1.357  1.00 14.56 ? 207 TRP A CG  1 
ATOM   1457 C CD1 . TRP A 1 207 ? -11.173 9.024   -2.458  1.00 14.50 ? 207 TRP A CD1 1 
ATOM   1458 C CD2 . TRP A 1 207 ? -11.887 7.981   -0.615  1.00 14.92 ? 207 TRP A CD2 1 
ATOM   1459 N NE1 . TRP A 1 207 ? -10.521 7.814   -2.392  1.00 15.22 ? 207 TRP A NE1 1 
ATOM   1460 C CE2 . TRP A 1 207 ? -10.992 7.126   -1.308  1.00 14.51 ? 207 TRP A CE2 1 
ATOM   1461 C CE3 . TRP A 1 207 ? -12.493 7.506   0.557   1.00 14.89 ? 207 TRP A CE3 1 
ATOM   1462 C CZ2 . TRP A 1 207 ? -10.679 5.848   -0.872  1.00 16.76 ? 207 TRP A CZ2 1 
ATOM   1463 C CZ3 . TRP A 1 207 ? -12.149 6.231   0.977   1.00 17.13 ? 207 TRP A CZ3 1 
ATOM   1464 C CH2 . TRP A 1 207 ? -11.272 5.423   0.293   1.00 16.13 ? 207 TRP A CH2 1 
ATOM   1465 N N   . VAL A 1 208 ? -14.754 12.826  -0.960  1.00 16.94 ? 208 VAL A N   1 
ATOM   1466 C CA  . VAL A 1 208 ? -15.772 13.523  -0.213  1.00 18.79 ? 208 VAL A CA  1 
ATOM   1467 C C   . VAL A 1 208 ? -16.955 13.864  -1.108  1.00 18.01 ? 208 VAL A C   1 
ATOM   1468 O O   . VAL A 1 208 ? -18.131 13.673  -0.681  1.00 17.87 ? 208 VAL A O   1 
ATOM   1469 C CB  . VAL A 1 208 ? -15.197 14.781  0.480   1.00 21.12 ? 208 VAL A CB  1 
ATOM   1470 C CG1 . VAL A 1 208 ? -16.279 15.674  1.089   1.00 26.23 ? 208 VAL A CG1 1 
ATOM   1471 C CG2 . VAL A 1 208 ? -14.161 14.361  1.523   1.00 21.67 ? 208 VAL A CG2 1 
ATOM   1472 N N   . THR A 1 209 ? -16.711 14.300  -2.354  1.00 16.82 ? 209 THR A N   1 
ATOM   1473 C CA  . THR A 1 209 ? -17.833 14.655  -3.161  1.00 17.33 ? 209 THR A CA  1 
ATOM   1474 C C   . THR A 1 209 ? -18.642 13.398  -3.489  1.00 17.57 ? 209 THR A C   1 
ATOM   1475 O O   . THR A 1 209 ? -19.889 13.484  -3.586  1.00 18.78 ? 209 THR A O   1 
ATOM   1476 C CB  . THR A 1 209 ? -17.429 15.389  -4.438  1.00 17.71 ? 209 THR A CB  1 
ATOM   1477 O OG1 . THR A 1 209 ? -16.411 14.657  -5.119  1.00 16.71 ? 209 THR A OG1 1 
ATOM   1478 C CG2 . THR A 1 209 ? -16.961 16.786  -4.136  1.00 19.40 ? 209 THR A CG2 1 
ATOM   1479 N N   . SER A 1 210 ? -17.965 12.282  -3.774  1.00 15.54 ? 210 SER A N   1 
ATOM   1480 C CA  . SER A 1 210 ? -18.722 11.075  -4.206  1.00 16.16 ? 210 SER A CA  1 
ATOM   1481 C C   . SER A 1 210 ? -19.459 10.424  -3.042  1.00 16.95 ? 210 SER A C   1 
ATOM   1482 O O   . SER A 1 210 ? -20.505 9.749   -3.237  1.00 16.79 ? 210 SER A O   1 
ATOM   1483 C CB  . SER A 1 210 ? -17.860 10.098  -4.964  1.00 16.21 ? 210 SER A CB  1 
ATOM   1484 O OG  . SER A 1 210 ? -16.901 9.489   -4.147  1.00 17.61 ? 210 SER A OG  1 
ATOM   1485 N N   . ILE A 1 211 ? -18.917 10.562  -1.818  1.00 15.50 ? 211 ILE A N   1 
ATOM   1486 C CA  . ILE A 1 211 ? -19.538 9.948   -0.629  1.00 16.55 ? 211 ILE A CA  1 
ATOM   1487 C C   . ILE A 1 211 ? -20.712 10.814  -0.125  1.00 19.19 ? 211 ILE A C   1 
ATOM   1488 O O   . ILE A 1 211 ? -21.735 10.249  0.351   1.00 19.50 ? 211 ILE A O   1 
ATOM   1489 C CB  . ILE A 1 211 ? -18.495 9.638   0.451   1.00 17.00 ? 211 ILE A CB  1 
ATOM   1490 C CG1 . ILE A 1 211 ? -17.538 8.557   -0.040  1.00 15.80 ? 211 ILE A CG1 1 
ATOM   1491 C CG2 . ILE A 1 211 ? -19.155 9.312   1.799   1.00 18.36 ? 211 ILE A CG2 1 
ATOM   1492 C CD1 . ILE A 1 211 ? -16.316 8.354   0.794   1.00 16.84 ? 211 ILE A CD1 1 
ATOM   1493 N N   . TYR A 1 212 ? -20.582 12.126  -0.166  1.00 17.76 ? 212 TYR A N   1 
ATOM   1494 C CA  . TYR A 1 212 ? -21.612 13.021  0.420   1.00 20.00 ? 212 TYR A CA  1 
ATOM   1495 C C   . TYR A 1 212 ? -22.515 13.621  -0.651  1.00 20.91 ? 212 TYR A C   1 
ATOM   1496 O O   . TYR A 1 212 ? -23.565 14.225  -0.295  1.00 23.11 ? 212 TYR A O   1 
ATOM   1497 C CB  . TYR A 1 212 ? -20.945 14.056  1.336   1.00 20.56 ? 212 TYR A CB  1 
ATOM   1498 C CG  . TYR A 1 212 ? -20.235 13.432  2.494   1.00 20.10 ? 212 TYR A CG  1 
ATOM   1499 C CD1 . TYR A 1 212 ? -20.909 12.990  3.636   1.00 20.67 ? 212 TYR A CD1 1 
ATOM   1500 C CD2 . TYR A 1 212 ? -18.847 13.287  2.487   1.00 20.87 ? 212 TYR A CD2 1 
ATOM   1501 C CE1 . TYR A 1 212 ? -20.266 12.384  4.690   1.00 20.34 ? 212 TYR A CE1 1 
ATOM   1502 C CE2 . TYR A 1 212 ? -18.188 12.649  3.516   1.00 20.90 ? 212 TYR A CE2 1 
ATOM   1503 C CZ  . TYR A 1 212 ? -18.894 12.214  4.634   1.00 20.34 ? 212 TYR A CZ  1 
ATOM   1504 O OH  . TYR A 1 212 ? -18.236 11.595  5.606   1.00 22.43 ? 212 TYR A OH  1 
ATOM   1505 N N   . GLY A 1 213 ? -22.164 13.513  -1.953  1.00 20.60 ? 213 GLY A N   1 
ATOM   1506 C CA  . GLY A 1 213 ? -22.881 14.168  -3.006  1.00 22.63 ? 213 GLY A CA  1 
ATOM   1507 C C   . GLY A 1 213 ? -24.200 13.470  -3.356  1.00 25.96 ? 213 GLY A C   1 
ATOM   1508 O O   . GLY A 1 213 ? -24.293 12.279  -3.423  1.00 23.47 ? 213 GLY A O   1 
ATOM   1509 N N   . GLU A 1 214 ? -25.245 14.271  -3.614  1.00 34.90 ? 214 GLU A N   1 
ATOM   1510 C CA  . GLU A 1 214 ? -26.406 13.762  -4.376  1.00 42.65 ? 214 GLU A CA  1 
ATOM   1511 C C   . GLU A 1 214 ? -26.438 14.467  -5.736  1.00 45.48 ? 214 GLU A C   1 
ATOM   1512 O O   . GLU A 1 214 ? -26.139 13.837  -6.748  1.00 51.65 ? 214 GLU A O   1 
ATOM   1513 C CB  . GLU A 1 214 ? -27.693 13.910  -3.581  1.00 45.07 ? 214 GLU A CB  1 
ATOM   1514 C CG  . GLU A 1 214 ? -27.672 14.957  -2.487  1.00 43.63 ? 214 GLU A CG  1 
ATOM   1515 C CD  . GLU A 1 214 ? -28.457 14.548  -1.253  1.00 52.72 ? 214 GLU A CD  1 
ATOM   1516 O OE1 . GLU A 1 214 ? -29.163 13.502  -1.314  1.00 53.12 ? 214 GLU A OE1 1 
ATOM   1517 O OE2 . GLU A 1 214 ? -28.378 15.278  -0.237  1.00 57.46 ? 214 GLU A OE2 1 
HETATM 1518 C C4  . UAB B 2 .   ? -5.994  1.425   -1.187  1.00 31.44 ? 401 UAB A C4  1 
HETATM 1519 C C14 . UAB B 2 .   ? -10.139 6.362   7.605   1.00 36.52 ? 401 UAB A C14 1 
HETATM 1520 C C5  . UAB B 2 .   ? -6.136  3.757   -0.275  1.00 26.14 ? 401 UAB A C5  1 
HETATM 1521 C C6  . UAB B 2 .   ? -7.778  4.353   1.380   1.00 21.07 ? 401 UAB A C6  1 
HETATM 1522 C C11 . UAB B 2 .   ? -11.770 5.350   5.622   1.00 32.28 ? 401 UAB A C11 1 
HETATM 1523 C C7  . UAB B 2 .   ? -8.649  3.687   2.392   1.00 25.86 ? 401 UAB A C7  1 
HETATM 1524 C C8  . UAB B 2 .   ? -9.091  4.683   3.466   1.00 28.57 ? 401 UAB A C8  1 
HETATM 1525 C C9  . UAB B 2 .   ? -9.892  4.035   4.553   1.00 29.65 ? 401 UAB A C9  1 
HETATM 1526 C C10 . UAB B 2 .   ? -10.438 4.987   5.597   1.00 29.83 ? 401 UAB A C10 1 
HETATM 1527 C C12 . UAB B 2 .   ? -12.258 6.279   6.550   1.00 36.61 ? 401 UAB A C12 1 
HETATM 1528 C C13 . UAB B 2 .   ? -11.455 6.772   7.560   1.00 35.62 ? 401 UAB A C13 1 
HETATM 1529 N N1  . UAB B 2 .   ? -5.515  2.788   -1.025  1.00 29.18 ? 401 UAB A N1  1 
HETATM 1530 N N2  . UAB B 2 .   ? -7.201  3.441   0.414   1.00 22.62 ? 401 UAB A N2  1 
HETATM 1531 C C3  . UAB B 2 .   ? -4.857  0.437   -1.037  1.00 34.56 ? 401 UAB A C3  1 
HETATM 1532 C C1  . UAB B 2 .   ? -2.670  -0.357  -2.129  1.00 34.54 ? 401 UAB A C1  1 
HETATM 1533 C C2  . UAB B 2 .   ? -3.775  0.696   -2.078  1.00 33.14 ? 401 UAB A C2  1 
HETATM 1534 O O1  . UAB B 2 .   ? -5.730  4.910   -0.251  1.00 25.75 ? 401 UAB A O1  1 
HETATM 1535 C C15 . UAB B 2 .   ? -9.634  5.477   6.639   1.00 31.80 ? 401 UAB A C15 1 
HETATM 1536 C C16 . UAB B 2 .   ? -4.354  3.092   -1.892  1.00 30.53 ? 401 UAB A C16 1 
HETATM 1537 C C17 . UAB B 2 .   ? -3.243  2.069   -1.770  1.00 29.79 ? 401 UAB A C17 1 
HETATM 1538 O O   . HOH C 3 .   ? -13.862 -9.654  3.321   1.00 35.73 ? 501 HOH A O   1 
HETATM 1539 O O   . HOH C 3 .   ? 27.171  -15.722 7.717   1.00 39.57 ? 502 HOH A O   1 
HETATM 1540 O O   . HOH C 3 .   ? -25.450 1.500   2.540   1.00 46.75 ? 503 HOH A O   1 
HETATM 1541 O O   . HOH C 3 .   ? 5.787   9.473   6.681   1.00 46.26 ? 504 HOH A O   1 
HETATM 1542 O O   . HOH C 3 .   ? -28.375 8.791   5.210   1.00 36.23 ? 505 HOH A O   1 
HETATM 1543 O O   . HOH C 3 .   ? -5.409  20.836  1.410   1.00 47.05 ? 506 HOH A O   1 
HETATM 1544 O O   . HOH C 3 .   ? 29.897  -8.646  1.913   1.00 39.87 ? 507 HOH A O   1 
HETATM 1545 O O   . HOH C 3 .   ? -15.311 16.776  14.940  1.00 53.84 ? 508 HOH A O   1 
HETATM 1546 O O   . HOH C 3 .   ? -6.274  15.553  7.755   1.00 24.63 ? 509 HOH A O   1 
HETATM 1547 O O   . HOH C 3 .   ? -23.463 5.985   12.326  1.00 38.23 ? 510 HOH A O   1 
HETATM 1548 O O   . HOH C 3 .   ? -1.790  -6.070  9.868   1.00 39.76 ? 511 HOH A O   1 
HETATM 1549 O O   . HOH C 3 .   ? 5.463   -0.948  -10.634 1.00 41.41 ? 512 HOH A O   1 
HETATM 1550 O O   . HOH C 3 .   ? -29.303 11.635  -3.147  1.00 38.14 ? 513 HOH A O   1 
HETATM 1551 O O   . HOH C 3 .   ? -2.412  0.127   -9.940  1.00 35.25 ? 514 HOH A O   1 
HETATM 1552 O O   . HOH C 3 .   ? -21.779 -2.243  3.009   1.00 27.21 ? 515 HOH A O   1 
HETATM 1553 O O   . HOH C 3 .   ? -3.780  -8.702  -6.747  1.00 40.33 ? 516 HOH A O   1 
HETATM 1554 O O   . HOH C 3 .   ? -22.455 1.086   -7.567  1.00 17.89 ? 517 HOH A O   1 
HETATM 1555 O O   . HOH C 3 .   ? -20.852 0.635   9.614   1.00 32.02 ? 518 HOH A O   1 
HETATM 1556 O O   . HOH C 3 .   ? -20.555 -1.963  6.198   1.00 34.22 ? 519 HOH A O   1 
HETATM 1557 O O   . HOH C 3 .   ? 1.239   13.777  4.424   1.00 21.95 ? 520 HOH A O   1 
HETATM 1558 O O   . HOH C 3 .   ? 0.060   -14.144 -0.409  1.00 34.60 ? 521 HOH A O   1 
HETATM 1559 O O   . HOH C 3 .   ? -14.708 13.325  12.458  1.00 45.81 ? 522 HOH A O   1 
HETATM 1560 O O   . HOH C 3 .   ? 2.268   0.884   11.162  1.00 30.47 ? 523 HOH A O   1 
HETATM 1561 O O   . HOH C 3 .   ? 17.123  -0.430  2.967   1.00 37.34 ? 524 HOH A O   1 
HETATM 1562 O O   . HOH C 3 .   ? -21.693 -5.607  -5.076  0.50 18.88 ? 525 HOH A O   1 
HETATM 1563 O O   . HOH C 3 .   ? 7.854   -11.628 -5.242  1.00 35.57 ? 526 HOH A O   1 
HETATM 1564 O O   . HOH C 3 .   ? 25.249  -5.631  -3.141  1.00 35.79 ? 527 HOH A O   1 
HETATM 1565 O O   . HOH C 3 .   ? -17.980 -3.414  5.293   1.00 22.47 ? 528 HOH A O   1 
HETATM 1566 O O   . HOH C 3 .   ? -23.203 9.870   -2.705  1.00 20.75 ? 529 HOH A O   1 
HETATM 1567 O O   . HOH C 3 .   ? -0.030  6.490   -15.883 1.00 28.01 ? 530 HOH A O   1 
HETATM 1568 O O   . HOH C 3 .   ? -23.064 7.873   0.256   1.00 18.99 ? 531 HOH A O   1 
HETATM 1569 O O   . HOH C 3 .   ? 12.365  1.122   -7.946  1.00 45.84 ? 532 HOH A O   1 
HETATM 1570 O O   . HOH C 3 .   ? -11.756 -4.517  7.191   1.00 27.74 ? 533 HOH A O   1 
HETATM 1571 O O   . HOH C 3 .   ? -7.961  -2.785  8.068   1.00 37.41 ? 534 HOH A O   1 
HETATM 1572 O O   . HOH C 3 .   ? 5.025   -4.349  9.187   1.00 32.08 ? 535 HOH A O   1 
HETATM 1573 O O   . HOH C 3 .   ? 10.986  0.945   -0.870  1.00 25.06 ? 536 HOH A O   1 
HETATM 1574 O O   . HOH C 3 .   ? -9.591  9.160   9.991   1.00 35.13 ? 537 HOH A O   1 
HETATM 1575 O O   . HOH C 3 .   ? -13.972 11.860  15.761  1.00 46.27 ? 538 HOH A O   1 
HETATM 1576 O O   . HOH C 3 .   ? 9.276   -6.758  -9.190  1.00 35.45 ? 539 HOH A O   1 
HETATM 1577 O O   . HOH C 3 .   ? -9.234  -9.728  3.311   1.00 27.36 ? 540 HOH A O   1 
HETATM 1578 O O   . HOH C 3 .   ? -25.823 2.278   5.833   1.00 41.34 ? 541 HOH A O   1 
HETATM 1579 O O   . HOH C 3 .   ? -0.312  15.376  -2.034  1.00 17.58 ? 542 HOH A O   1 
HETATM 1580 O O   . HOH C 3 .   ? 0.281   -10.718 5.901   1.00 33.92 ? 543 HOH A O   1 
HETATM 1581 O O   . HOH C 3 .   ? -14.613 -5.356  -4.067  1.00 27.61 ? 544 HOH A O   1 
HETATM 1582 O O   . HOH C 3 .   ? -27.041 2.681   2.092   1.00 36.48 ? 545 HOH A O   1 
HETATM 1583 O O   . HOH C 3 .   ? -9.134  18.285  -1.310  1.00 21.31 ? 546 HOH A O   1 
HETATM 1584 O O   . HOH C 3 .   ? -1.277  10.054  -10.358 1.00 21.76 ? 547 HOH A O   1 
HETATM 1585 O O   . HOH C 3 .   ? 1.152   18.699  -0.681  1.00 27.55 ? 548 HOH A O   1 
HETATM 1586 O O   . HOH C 3 .   ? -25.079 17.049  -3.254  1.00 37.75 ? 549 HOH A O   1 
HETATM 1587 O O   . HOH C 3 .   ? 15.276  -4.949  7.398   1.00 39.18 ? 550 HOH A O   1 
HETATM 1588 O O   . HOH C 3 .   ? 6.841   3.873   -6.451  1.00 30.12 ? 551 HOH A O   1 
HETATM 1589 O O   . HOH C 3 .   ? 27.698  -16.673 5.292   1.00 25.17 ? 552 HOH A O   1 
HETATM 1590 O O   . HOH C 3 .   ? -14.125 -6.259  0.712   1.00 22.95 ? 553 HOH A O   1 
HETATM 1591 O O   . HOH C 3 .   ? -25.660 -3.859  -6.509  1.00 24.94 ? 554 HOH A O   1 
HETATM 1592 O O   . HOH C 3 .   ? -3.451  17.747  3.231   1.00 34.58 ? 555 HOH A O   1 
HETATM 1593 O O   . HOH C 3 .   ? 3.123   -17.306 -9.367  1.00 47.85 ? 556 HOH A O   1 
HETATM 1594 O O   . HOH C 3 .   ? 14.981  -20.911 2.259   1.00 40.70 ? 557 HOH A O   1 
HETATM 1595 O O   . HOH C 3 .   ? 7.717   -13.332 -9.564  1.00 41.77 ? 558 HOH A O   1 
HETATM 1596 O O   . HOH C 3 .   ? -8.803  12.971  11.384  1.00 30.34 ? 559 HOH A O   1 
HETATM 1597 O O   . HOH C 3 .   ? -7.025  21.760  -3.904  1.00 26.53 ? 560 HOH A O   1 
HETATM 1598 O O   . HOH C 3 .   ? 4.605   3.252   -7.818  1.00 31.57 ? 561 HOH A O   1 
HETATM 1599 O O   . HOH C 3 .   ? 3.821   -17.100 -5.656  1.00 45.90 ? 562 HOH A O   1 
HETATM 1600 O O   . HOH C 3 .   ? -2.655  10.489  8.659   1.00 22.87 ? 563 HOH A O   1 
HETATM 1601 O O   . HOH C 3 .   ? 2.734   14.728  -12.677 1.00 38.11 ? 564 HOH A O   1 
HETATM 1602 O O   . HOH C 3 .   ? -30.519 9.302   1.215   1.00 33.18 ? 565 HOH A O   1 
HETATM 1603 O O   . HOH C 3 .   ? -17.377 -3.856  -5.720  1.00 31.93 ? 566 HOH A O   1 
HETATM 1604 O O   . HOH C 3 .   ? 12.342  -6.603  -12.307 1.00 46.48 ? 567 HOH A O   1 
HETATM 1605 O O   . HOH C 3 .   ? -13.909 18.723  -1.911  1.00 44.57 ? 568 HOH A O   1 
HETATM 1606 O O   . HOH C 3 .   ? 10.424  5.756   -0.800  1.00 32.18 ? 569 HOH A O   1 
HETATM 1607 O O   . HOH C 3 .   ? 15.132  -1.176  4.716   1.00 46.77 ? 570 HOH A O   1 
HETATM 1608 O O   . HOH C 3 .   ? 22.410  -14.904 -9.195  1.00 48.85 ? 571 HOH A O   1 
HETATM 1609 O O   . HOH C 3 .   ? -2.302  17.437  -2.067  1.00 18.83 ? 572 HOH A O   1 
HETATM 1610 O O   . HOH C 3 .   ? -27.565 3.166   -6.528  1.00 41.70 ? 573 HOH A O   1 
HETATM 1611 O O   . HOH C 3 .   ? 29.045  -16.951 -1.645  1.00 34.46 ? 574 HOH A O   1 
HETATM 1612 O O   . HOH C 3 .   ? -25.194 0.042   0.397   1.00 27.76 ? 575 HOH A O   1 
HETATM 1613 O O   . HOH C 3 .   ? 5.601   14.955  -8.267  1.00 43.92 ? 576 HOH A O   1 
HETATM 1614 O O   . HOH C 3 .   ? -11.694 20.747  -3.715  1.00 32.07 ? 577 HOH A O   1 
HETATM 1615 O O   . HOH C 3 .   ? 5.238   16.932  -6.524  1.00 23.24 ? 578 HOH A O   1 
HETATM 1616 O O   . HOH C 3 .   ? 0.907   16.372  -14.156 1.00 51.96 ? 579 HOH A O   1 
HETATM 1617 O O   . HOH C 3 .   ? -11.014 6.319   10.823  1.00 49.99 ? 580 HOH A O   1 
HETATM 1618 O O   . HOH C 3 .   ? -19.017 -4.988  -4.645  1.00 29.73 ? 581 HOH A O   1 
HETATM 1619 O O   . HOH C 3 .   ? 4.973   6.480   -17.857 1.00 43.37 ? 582 HOH A O   1 
HETATM 1620 O O   . HOH C 3 .   ? -22.970 -1.855  0.351   1.00 33.19 ? 583 HOH A O   1 
HETATM 1621 O O   . HOH C 3 .   ? -7.147  -13.402 -3.963  1.00 44.65 ? 584 HOH A O   1 
HETATM 1622 O O   . HOH C 3 .   ? -17.908 11.390  11.025  1.00 48.26 ? 585 HOH A O   1 
HETATM 1623 O O   . HOH C 3 .   ? 1.356   13.844  -16.302 1.00 45.63 ? 586 HOH A O   1 
HETATM 1624 O O   . HOH C 3 .   ? 2.228   2.501   -10.634 1.00 42.62 ? 587 HOH A O   1 
HETATM 1625 O O   . HOH C 3 .   ? -29.093 14.524  -7.616  1.00 56.87 ? 588 HOH A O   1 
HETATM 1626 O O   . HOH C 3 .   ? 12.086  3.669   -1.694  1.00 31.22 ? 589 HOH A O   1 
HETATM 1627 O O   . HOH C 3 .   ? -2.284  -12.945 1.265   1.00 45.43 ? 590 HOH A O   1 
HETATM 1628 O O   . HOH C 3 .   ? -30.300 9.329   -2.464  1.00 46.71 ? 591 HOH A O   1 
HETATM 1629 O O   . HOH C 3 .   ? -18.400 17.361  9.628   1.00 43.60 ? 592 HOH A O   1 
HETATM 1630 O O   . HOH C 3 .   ? 1.027   21.630  -4.559  1.00 28.38 ? 593 HOH A O   1 
HETATM 1631 O O   . HOH C 3 .   ? 3.877   3.151   10.569  1.00 36.75 ? 594 HOH A O   1 
HETATM 1632 O O   . HOH C 3 .   ? -11.734 -8.403  4.164   1.00 34.73 ? 595 HOH A O   1 
HETATM 1633 O O   . HOH C 3 .   ? -11.722 18.143  -0.413  1.00 29.91 ? 596 HOH A O   1 
HETATM 1634 O O   . HOH C 3 .   ? 5.171   15.368  4.777   1.00 36.61 ? 597 HOH A O   1 
HETATM 1635 O O   . HOH C 3 .   ? 30.988  -19.525 1.901   1.00 24.91 ? 598 HOH A O   1 
HETATM 1636 O O   . HOH C 3 .   ? 7.562   -15.429 -7.934  1.00 43.51 ? 599 HOH A O   1 
HETATM 1637 O O   . HOH C 3 .   ? -2.651  -0.983  -12.570 0.50 40.38 ? 600 HOH A O   1 
HETATM 1638 O O   . HOH C 3 .   ? -13.520 -6.759  -1.989  1.00 32.96 ? 601 HOH A O   1 
HETATM 1639 O O   . HOH C 3 .   ? -4.284  19.416  4.809   1.00 33.52 ? 602 HOH A O   1 
HETATM 1640 O O   . HOH C 3 .   ? -27.309 0.364   -1.119  1.00 31.61 ? 603 HOH A O   1 
HETATM 1641 O O   . HOH C 3 .   ? 4.017   15.812  -0.798  1.00 39.93 ? 604 HOH A O   1 
HETATM 1642 O O   . HOH C 3 .   ? -17.161 -5.334  6.977   1.00 36.62 ? 605 HOH A O   1 
HETATM 1643 O O   . HOH C 3 .   ? 8.646   -11.271 -8.021  1.00 37.34 ? 606 HOH A O   1 
HETATM 1644 O O   . HOH C 3 .   ? 9.250   -9.409  -9.759  1.00 37.32 ? 607 HOH A O   1 
HETATM 1645 O O   . HOH C 3 .   ? 1.171   16.162  0.160   1.00 25.28 ? 608 HOH A O   1 
HETATM 1646 O O   . HOH C 3 .   ? 3.795   0.969   -9.478  1.00 34.29 ? 609 HOH A O   1 
HETATM 1647 O O   . HOH C 3 .   ? -9.040  20.813  -2.286  1.00 31.82 ? 610 HOH A O   1 
HETATM 1648 O O   . HOH C 3 .   ? 30.342  -19.740 -0.914  1.00 31.29 ? 611 HOH A O   1 
HETATM 1649 O O   . HOH C 3 .   ? 31.984  -16.988 2.811   1.00 43.34 ? 612 HOH A O   1 
# 
